data_9JT7
#
_entry.id   9JT7
#
_cell.length_a   90.200
_cell.length_b   112.900
_cell.length_c   91.800
_cell.angle_alpha   90.00
_cell.angle_beta   114.00
_cell.angle_gamma   90.00
#
_symmetry.space_group_name_H-M   'P 1 21 1'
#
loop_
_entity.id
_entity.type
_entity.pdbx_description
1 polymer 'Alanine racemase 2'
2 non-polymer "PYRIDOXAL-5'-PHOSPHATE"
3 non-polymer 'CHLORIDE ION'
4 non-polymer ALANINE
5 water water
#
_entity_poly.entity_id   1
_entity_poly.type   'polypeptide(L)'
_entity_poly.pdbx_seq_one_letter_code
;GSHMMIKLCREVWIEVNLDAVKKNLRAIRRHIPHKSKIMAVVKANGYGHGSIEVARHALEHGASELAVASVEEGIVLRKA
GITAPILVLGFTSLSCVKKSAAWNITLSAFQVDWMKEANEILEKEASANRLAIHINVDTGMGRLGVRTKEELLEVVKALK
ASKFLRWTGIFTHFSTADEPDTTLTKLQHEKFISFLSFLKKQGIELPTVHMCNTAAAIAFPEFSADMIRLGIGLYGLYPS
AYIKQLNLVKLEPALSLKARIAYVKTMRTEPRTVSYGATYIAEPNEVIATLPIGYADGYSRALSNRGFVLHRGKRVPVAG
RVTMDMIMVSLGENGEGKQGDEVVIYGKQKGAEISVDEVAEMLNTINYEVVSTLSRRIPRFYIRDGEIFKVSTPVLYV
;
_entity_poly.pdbx_strand_id   A,B,C,D
#
loop_
_chem_comp.id
_chem_comp.type
_chem_comp.name
_chem_comp.formula
CL non-polymer 'CHLORIDE ION' 'Cl -1'
PLP non-polymer PYRIDOXAL-5'-PHOSPHATE 'C8 H10 N O6 P'
#
# COMPACT_ATOMS: atom_id res chain seq x y z
N MET A 5 5.86 -24.99 7.84
CA MET A 5 5.69 -24.19 9.05
C MET A 5 6.14 -22.75 8.82
N ILE A 6 7.45 -22.55 8.65
CA ILE A 6 8.01 -21.26 8.26
C ILE A 6 8.54 -21.42 6.83
N LYS A 7 7.90 -20.73 5.88
CA LYS A 7 8.18 -20.88 4.45
C LYS A 7 8.65 -19.55 3.88
N LEU A 8 9.88 -19.53 3.38
CA LEU A 8 10.51 -18.31 2.89
C LEU A 8 11.28 -18.61 1.61
N CYS A 9 11.51 -17.57 0.81
CA CYS A 9 12.36 -17.70 -0.38
C CYS A 9 13.84 -17.66 0.02
N ARG A 10 14.25 -16.61 0.75
CA ARG A 10 15.53 -16.52 1.45
C ARG A 10 15.31 -16.91 2.92
N GLU A 11 16.05 -17.90 3.40
CA GLU A 11 15.68 -18.59 4.65
C GLU A 11 16.44 -18.05 5.86
N VAL A 12 16.05 -16.85 6.30
CA VAL A 12 16.54 -16.26 7.55
C VAL A 12 15.39 -15.50 8.24
N TRP A 13 15.36 -15.55 9.58
CA TRP A 13 14.23 -14.95 10.33
C TRP A 13 14.58 -14.73 11.82
N ILE A 14 13.70 -13.99 12.49
CA ILE A 14 13.78 -13.69 13.93
C ILE A 14 12.52 -14.22 14.63
N GLU A 15 12.68 -14.67 15.88
CA GLU A 15 11.54 -15.08 16.72
C GLU A 15 11.54 -14.26 18.01
N VAL A 16 10.40 -13.66 18.33
CA VAL A 16 10.19 -12.86 19.54
C VAL A 16 9.21 -13.63 20.44
N ASN A 17 9.64 -13.95 21.67
CA ASN A 17 8.82 -14.72 22.60
C ASN A 17 8.03 -13.78 23.51
N LEU A 18 6.71 -13.66 23.26
CA LEU A 18 5.92 -12.70 24.02
C LEU A 18 5.51 -13.21 25.41
N ASP A 19 5.64 -14.51 25.69
CA ASP A 19 5.45 -15.00 27.06
C ASP A 19 6.58 -14.55 27.97
N ALA A 20 7.80 -14.43 27.43
CA ALA A 20 8.92 -13.86 28.17
C ALA A 20 8.64 -12.39 28.53
N VAL A 21 8.13 -11.60 27.58
CA VAL A 21 7.84 -10.19 27.84
C VAL A 21 6.90 -10.05 29.04
N LYS A 22 5.81 -10.82 29.05
CA LYS A 22 4.84 -10.73 30.15
C LYS A 22 5.48 -11.01 31.51
N LYS A 23 6.39 -12.00 31.57
CA LYS A 23 7.03 -12.31 32.85
C LYS A 23 7.97 -11.19 33.27
N ASN A 24 8.67 -10.57 32.31
CA ASN A 24 9.58 -9.47 32.66
C ASN A 24 8.82 -8.31 33.29
N LEU A 25 7.57 -8.07 32.86
CA LEU A 25 6.75 -6.99 33.42
C LEU A 25 6.15 -7.36 34.77
N ARG A 26 5.80 -8.63 34.96
CA ARG A 26 5.41 -9.10 36.28
C ARG A 26 6.50 -8.79 37.31
N ALA A 27 7.72 -9.27 37.03
CA ALA A 27 8.84 -9.09 37.95
C ALA A 27 9.03 -7.64 38.36
N ILE A 28 8.99 -6.71 37.39
CA ILE A 28 9.19 -5.30 37.68
C ILE A 28 8.03 -4.72 38.50
N ARG A 29 6.78 -5.02 38.12
CA ARG A 29 5.62 -4.53 38.86
C ARG A 29 5.71 -4.89 40.34
N ARG A 30 6.26 -6.06 40.66
CA ARG A 30 6.36 -6.58 42.01
C ARG A 30 7.63 -6.15 42.75
N HIS A 31 8.44 -5.28 42.15
CA HIS A 31 9.61 -4.70 42.80
C HIS A 31 9.35 -3.27 43.29
N ILE A 32 8.79 -2.42 42.44
CA ILE A 32 8.58 -1.00 42.74
C ILE A 32 7.37 -0.82 43.65
N PRO A 33 7.09 0.39 44.17
CA PRO A 33 5.91 0.57 45.01
C PRO A 33 4.61 0.37 44.24
N HIS A 34 3.60 -0.12 44.97
CA HIS A 34 2.29 -0.42 44.39
C HIS A 34 1.62 0.83 43.82
N LYS A 35 1.91 2.01 44.37
CA LYS A 35 1.31 3.25 43.90
C LYS A 35 1.98 3.84 42.64
N SER A 36 2.94 3.15 42.02
CA SER A 36 3.63 3.69 40.86
C SER A 36 3.19 3.01 39.56
N LYS A 37 3.13 3.79 38.48
CA LYS A 37 2.77 3.30 37.14
C LYS A 37 4.00 3.00 36.28
N ILE A 38 3.76 2.31 35.17
CA ILE A 38 4.83 1.90 34.27
C ILE A 38 4.59 2.48 32.87
N MET A 39 5.60 3.17 32.35
CA MET A 39 5.61 3.64 30.97
C MET A 39 6.59 2.76 30.19
N ALA A 40 6.08 2.13 29.12
CA ALA A 40 6.84 1.17 28.32
C ALA A 40 7.50 1.89 27.15
N VAL A 41 8.82 1.70 26.99
CA VAL A 41 9.60 2.40 25.97
C VAL A 41 9.79 1.50 24.73
N VAL A 42 9.25 1.92 23.58
CA VAL A 42 9.25 1.08 22.37
C VAL A 42 9.77 1.83 21.14
N LYS A 43 10.65 2.81 21.35
CA LYS A 43 11.28 3.53 20.28
C LYS A 43 12.26 2.62 19.50
N ALA A 44 12.74 3.14 18.36
CA ALA A 44 13.67 2.42 17.48
C ALA A 44 13.14 1.04 17.10
N ASN A 45 11.85 0.97 16.75
CA ASN A 45 11.17 -0.26 16.31
C ASN A 45 11.17 -1.33 17.40
N GLY A 46 10.74 -0.94 18.61
CA GLY A 46 10.85 -1.79 19.79
C GLY A 46 12.23 -2.38 20.06
N TYR A 47 13.27 -1.54 20.05
CA TYR A 47 14.69 -1.94 20.21
C TYR A 47 15.07 -3.08 19.25
N GLY A 48 14.56 -3.01 18.01
CA GLY A 48 14.77 -4.06 17.03
C GLY A 48 13.80 -5.24 17.12
N HIS A 49 12.87 -5.26 18.10
CA HIS A 49 11.93 -6.37 18.28
C HIS A 49 10.61 -6.22 17.52
N GLY A 50 10.28 -5.02 17.03
CA GLY A 50 8.96 -4.71 16.47
C GLY A 50 8.07 -3.93 17.44
N SER A 51 7.67 -2.71 17.09
CA SER A 51 7.00 -1.83 18.05
C SER A 51 5.53 -2.17 18.25
N ILE A 52 4.82 -2.59 17.20
CA ILE A 52 3.36 -2.74 17.30
C ILE A 52 3.01 -3.89 18.25
N GLU A 53 3.55 -5.10 18.03
CA GLU A 53 3.13 -6.26 18.82
C GLU A 53 3.59 -6.18 20.27
N VAL A 54 4.76 -5.57 20.52
CA VAL A 54 5.25 -5.48 21.90
C VAL A 54 4.42 -4.49 22.70
N ALA A 55 4.10 -3.34 22.11
CA ALA A 55 3.27 -2.35 22.79
C ALA A 55 1.88 -2.91 23.11
N ARG A 56 1.21 -3.49 22.10
CA ARG A 56 -0.11 -4.10 22.32
C ARG A 56 -0.08 -5.01 23.54
N HIS A 57 0.90 -5.93 23.58
CA HIS A 57 0.99 -6.93 24.63
C HIS A 57 1.33 -6.27 25.98
N ALA A 58 2.25 -5.31 25.98
CA ALA A 58 2.65 -4.66 27.23
C ALA A 58 1.50 -3.89 27.88
N LEU A 59 0.63 -3.27 27.07
CA LEU A 59 -0.53 -2.55 27.59
C LEU A 59 -1.55 -3.49 28.25
N GLU A 60 -1.65 -4.75 27.78
CA GLU A 60 -2.57 -5.72 28.38
C GLU A 60 -2.05 -6.31 29.69
N HIS A 61 -0.77 -6.15 30.02
CA HIS A 61 -0.21 -6.90 31.14
C HIS A 61 0.57 -6.04 32.12
N GLY A 62 0.23 -4.75 32.25
CA GLY A 62 0.82 -3.94 33.31
C GLY A 62 1.18 -2.48 33.04
N ALA A 63 1.35 -2.08 31.78
CA ALA A 63 1.72 -0.71 31.45
C ALA A 63 0.47 0.14 31.21
N SER A 64 0.64 1.46 31.32
CA SER A 64 -0.47 2.35 31.03
C SER A 64 -0.13 3.50 30.09
N GLU A 65 1.16 3.78 29.84
CA GLU A 65 1.56 4.79 28.85
C GLU A 65 2.74 4.24 28.02
N LEU A 66 3.02 4.88 26.89
CA LEU A 66 4.13 4.49 26.01
C LEU A 66 5.02 5.68 25.71
N ALA A 67 6.28 5.39 25.30
CA ALA A 67 7.24 6.42 24.89
C ALA A 67 7.94 6.05 23.58
N VAL A 68 8.19 7.05 22.72
CA VAL A 68 8.79 6.85 21.40
C VAL A 68 9.83 7.93 21.15
N ALA A 69 10.56 7.80 20.04
CA ALA A 69 11.60 8.76 19.71
C ALA A 69 11.13 9.93 18.85
N SER A 70 9.99 9.81 18.15
CA SER A 70 9.58 10.88 17.25
C SER A 70 8.08 10.78 16.98
N VAL A 71 7.50 11.88 16.49
CA VAL A 71 6.07 11.91 16.16
C VAL A 71 5.72 10.74 15.22
N GLU A 72 6.57 10.51 14.21
CA GLU A 72 6.33 9.49 13.20
C GLU A 72 6.24 8.08 13.80
N GLU A 73 7.06 7.79 14.81
CA GLU A 73 6.93 6.49 15.48
C GLU A 73 5.62 6.39 16.25
N GLY A 74 5.16 7.50 16.84
CA GLY A 74 3.88 7.50 17.53
C GLY A 74 2.68 7.27 16.61
N ILE A 75 2.67 7.90 15.42
CA ILE A 75 1.54 7.77 14.50
C ILE A 75 1.35 6.32 14.03
N VAL A 76 2.45 5.59 13.80
CA VAL A 76 2.35 4.15 13.51
C VAL A 76 1.53 3.42 14.58
N LEU A 77 1.66 3.83 15.86
CA LEU A 77 0.95 3.14 16.94
C LEU A 77 -0.54 3.50 16.96
N ARG A 78 -0.87 4.77 16.69
CA ARG A 78 -2.29 5.14 16.60
C ARG A 78 -2.99 4.42 15.45
N LYS A 79 -2.32 4.28 14.30
CA LYS A 79 -2.95 3.57 13.18
C LYS A 79 -3.13 2.08 13.45
N ALA A 80 -2.39 1.52 14.41
CA ALA A 80 -2.60 0.14 14.81
C ALA A 80 -3.77 -0.04 15.78
N GLY A 81 -4.38 1.04 16.26
CA GLY A 81 -5.55 0.93 17.14
C GLY A 81 -5.37 1.45 18.55
N ILE A 82 -4.18 1.90 18.95
CA ILE A 82 -3.85 2.15 20.35
C ILE A 82 -4.28 3.56 20.75
N THR A 83 -5.04 3.67 21.85
CA THR A 83 -5.55 4.94 22.38
C THR A 83 -4.86 5.38 23.66
N ALA A 84 -3.77 4.75 24.05
CA ALA A 84 -3.08 5.09 25.28
C ALA A 84 -2.25 6.37 25.10
N PRO A 85 -1.88 7.06 26.20
CA PRO A 85 -0.99 8.22 26.06
C PRO A 85 0.36 7.83 25.47
N ILE A 86 0.88 8.68 24.57
CA ILE A 86 2.19 8.47 23.91
C ILE A 86 3.04 9.71 24.05
N LEU A 87 4.23 9.57 24.64
CA LEU A 87 5.15 10.68 24.89
C LEU A 87 6.34 10.60 23.93
N VAL A 88 6.70 11.76 23.35
CA VAL A 88 7.86 11.87 22.48
C VAL A 88 9.03 12.39 23.31
N LEU A 89 10.13 11.63 23.32
CA LEU A 89 11.25 11.88 24.22
C LEU A 89 12.29 12.87 23.66
N GLY A 90 12.43 12.99 22.36
CA GLY A 90 13.38 13.92 21.77
C GLY A 90 12.81 15.30 21.56
N PHE A 91 13.38 16.02 20.59
CA PHE A 91 12.95 17.37 20.27
C PHE A 91 12.08 17.36 19.01
N THR A 92 10.95 18.05 19.08
CA THR A 92 9.98 18.08 17.99
C THR A 92 9.94 19.49 17.40
N SER A 93 9.94 19.57 16.07
CA SER A 93 9.93 20.83 15.36
C SER A 93 8.58 21.53 15.44
N LEU A 94 8.61 22.86 15.50
CA LEU A 94 7.37 23.64 15.57
C LEU A 94 6.44 23.36 14.39
N SER A 95 6.98 22.99 13.22
CA SER A 95 6.10 22.69 12.09
C SER A 95 5.33 21.36 12.23
N CYS A 96 5.45 20.62 13.34
CA CYS A 96 4.62 19.43 13.56
C CYS A 96 3.63 19.64 14.72
N VAL A 97 3.51 20.87 15.24
CA VAL A 97 2.62 21.14 16.37
C VAL A 97 1.18 20.79 16.01
N LYS A 98 0.74 21.17 14.80
CA LYS A 98 -0.64 20.95 14.39
C LYS A 98 -0.93 19.46 14.22
N LYS A 99 0.03 18.71 13.69
CA LYS A 99 -0.15 17.28 13.47
C LYS A 99 -0.11 16.49 14.79
N SER A 100 0.76 16.88 15.73
CA SER A 100 0.78 16.22 17.03
C SER A 100 -0.55 16.38 17.76
N ALA A 101 -1.08 17.61 17.80
CA ALA A 101 -2.36 17.82 18.45
C ALA A 101 -3.47 17.01 17.77
N ALA A 102 -3.43 16.93 16.44
CA ALA A 102 -4.45 16.17 15.73
C ALA A 102 -4.41 14.68 16.09
N TRP A 103 -3.21 14.10 16.20
CA TRP A 103 -3.12 12.69 16.55
C TRP A 103 -3.09 12.43 18.07
N ASN A 104 -3.09 13.50 18.88
CA ASN A 104 -2.97 13.44 20.35
C ASN A 104 -1.71 12.70 20.81
N ILE A 105 -0.55 13.23 20.37
CA ILE A 105 0.76 12.81 20.86
C ILE A 105 1.22 13.83 21.91
N THR A 106 1.74 13.35 23.04
CA THR A 106 2.31 14.22 24.06
C THR A 106 3.73 14.61 23.67
N LEU A 107 4.04 15.92 23.76
CA LEU A 107 5.34 16.45 23.38
C LEU A 107 6.14 16.90 24.60
N SER A 108 7.47 16.74 24.52
CA SER A 108 8.42 17.33 25.46
C SER A 108 8.79 18.73 25.02
N ALA A 109 8.97 19.62 26.00
CA ALA A 109 9.31 21.01 25.71
C ALA A 109 9.93 21.63 26.94
N PHE A 110 10.78 22.66 26.71
CA PHE A 110 11.55 23.23 27.81
C PHE A 110 11.95 24.69 27.59
N GLN A 111 11.34 25.41 26.63
CA GLN A 111 11.69 26.79 26.31
C GLN A 111 10.45 27.68 26.35
N VAL A 112 10.60 28.89 26.91
CA VAL A 112 9.50 29.85 26.97
C VAL A 112 8.99 30.20 25.57
N ASP A 113 9.91 30.41 24.62
CA ASP A 113 9.52 30.87 23.30
C ASP A 113 8.79 29.78 22.50
N TRP A 114 9.24 28.52 22.63
CA TRP A 114 8.52 27.41 22.00
C TRP A 114 7.06 27.37 22.45
N MET A 115 6.79 27.65 23.74
CA MET A 115 5.45 27.49 24.29
C MET A 115 4.49 28.49 23.68
N LYS A 116 4.90 29.75 23.58
CA LYS A 116 4.03 30.81 23.07
C LYS A 116 3.71 30.59 21.59
N GLU A 117 4.73 30.28 20.79
CA GLU A 117 4.49 30.07 19.36
C GLU A 117 3.58 28.87 19.12
N ALA A 118 3.79 27.79 19.87
CA ALA A 118 2.91 26.63 19.73
C ALA A 118 1.48 26.95 20.14
N ASN A 119 1.30 27.83 21.15
CA ASN A 119 -0.05 28.27 21.56
C ASN A 119 -0.73 29.08 20.45
N GLU A 120 0.00 30.03 19.85
CA GLU A 120 -0.55 30.88 18.80
C GLU A 120 -0.93 30.08 17.56
N ILE A 121 -0.21 28.99 17.27
CA ILE A 121 -0.52 28.19 16.08
C ILE A 121 -1.87 27.50 16.26
N LEU A 122 -2.12 26.92 17.44
CA LEU A 122 -3.41 26.30 17.69
C LEU A 122 -4.52 27.31 17.91
N GLU A 123 -4.19 28.57 18.17
CA GLU A 123 -5.20 29.61 18.32
C GLU A 123 -5.63 30.21 16.99
N LYS A 124 -4.72 30.27 16.00
CA LYS A 124 -5.06 30.71 14.65
C LYS A 124 -5.94 29.71 13.91
N GLU A 125 -5.88 28.43 14.29
CA GLU A 125 -6.91 27.49 13.92
C GLU A 125 -7.93 27.51 15.05
N ALA A 126 -8.66 26.42 15.25
CA ALA A 126 -9.37 26.24 16.52
C ALA A 126 -9.16 24.82 17.01
N SER A 127 -10.19 24.00 16.84
CA SER A 127 -10.16 22.57 17.11
C SER A 127 -9.89 22.28 18.58
N ALA A 128 -10.82 21.54 19.20
CA ALA A 128 -10.79 21.21 20.62
C ALA A 128 -9.58 20.34 20.97
N ASN A 129 -8.57 20.36 20.11
CA ASN A 129 -7.33 19.64 20.38
C ASN A 129 -6.43 20.56 21.18
N ARG A 130 -6.44 20.39 22.50
CA ARG A 130 -5.41 20.96 23.34
C ARG A 130 -4.20 20.03 23.36
N LEU A 131 -3.02 20.62 23.16
CA LEU A 131 -1.77 19.88 23.04
C LEU A 131 -1.16 19.65 24.42
N ALA A 132 -0.92 18.38 24.78
CA ALA A 132 -0.38 18.03 26.09
C ALA A 132 1.16 18.07 26.07
N ILE A 133 1.74 18.41 27.22
CA ILE A 133 3.16 18.79 27.33
C ILE A 133 3.77 18.16 28.58
N HIS A 134 4.98 17.60 28.44
CA HIS A 134 5.86 17.27 29.56
C HIS A 134 7.09 18.18 29.52
N ILE A 135 7.50 18.72 30.70
CA ILE A 135 8.68 19.58 30.82
C ILE A 135 9.90 18.74 31.21
N ASN A 136 10.99 18.88 30.46
CA ASN A 136 12.26 18.17 30.74
C ASN A 136 13.19 19.08 31.56
N VAL A 137 13.69 18.56 32.68
CA VAL A 137 14.68 19.25 33.50
C VAL A 137 16.02 18.53 33.38
N ASP A 138 17.06 19.24 32.95
CA ASP A 138 18.41 18.69 32.81
C ASP A 138 19.16 18.83 34.14
N THR A 139 19.44 17.72 34.80
CA THR A 139 20.16 17.70 36.07
C THR A 139 21.54 17.06 35.98
N GLY A 140 22.08 16.84 34.76
CA GLY A 140 23.39 16.22 34.64
C GLY A 140 23.66 15.38 33.40
N MET A 141 22.60 14.98 32.69
CA MET A 141 22.76 14.31 31.40
C MET A 141 23.41 15.23 30.36
N GLY A 142 23.00 16.51 30.34
CA GLY A 142 23.58 17.51 29.45
C GLY A 142 23.06 17.49 28.02
N ARG A 143 21.90 16.87 27.77
CA ARG A 143 21.43 16.63 26.42
C ARG A 143 20.32 17.62 26.05
N LEU A 144 19.12 17.48 26.63
CA LEU A 144 18.02 18.44 26.48
C LEU A 144 17.48 18.81 27.86
N GLY A 145 16.84 19.97 27.95
CA GLY A 145 16.11 20.36 29.15
C GLY A 145 16.63 21.65 29.76
N VAL A 146 15.84 22.14 30.75
CA VAL A 146 16.07 23.40 31.46
C VAL A 146 17.00 23.15 32.66
N ARG A 147 17.79 24.17 33.06
CA ARG A 147 18.91 23.94 33.96
C ARG A 147 19.01 24.85 35.20
N THR A 148 18.12 25.84 35.37
CA THR A 148 18.11 26.64 36.60
C THR A 148 16.68 26.81 37.10
N LYS A 149 16.55 27.01 38.40
CA LYS A 149 15.21 27.10 38.98
C LYS A 149 14.50 28.39 38.55
N GLU A 150 15.26 29.48 38.33
CA GLU A 150 14.66 30.71 37.83
C GLU A 150 14.10 30.51 36.43
N GLU A 151 14.83 29.79 35.56
CA GLU A 151 14.35 29.51 34.21
C GLU A 151 13.12 28.60 34.23
N LEU A 152 13.12 27.59 35.10
CA LEU A 152 11.95 26.71 35.21
C LEU A 152 10.70 27.49 35.59
N LEU A 153 10.84 28.50 36.47
CA LEU A 153 9.64 29.23 36.88
C LEU A 153 9.06 30.00 35.70
N GLU A 154 9.92 30.52 34.83
CA GLU A 154 9.42 31.28 33.68
C GLU A 154 8.66 30.38 32.72
N VAL A 155 9.13 29.14 32.53
CA VAL A 155 8.47 28.23 31.60
C VAL A 155 7.12 27.77 32.14
N VAL A 156 7.04 27.53 33.46
CA VAL A 156 5.79 27.07 34.07
C VAL A 156 4.71 28.15 34.00
N LYS A 157 5.10 29.43 34.14
CA LYS A 157 4.12 30.51 34.05
C LYS A 157 3.70 30.74 32.61
N ALA A 158 4.66 30.68 31.67
CA ALA A 158 4.33 30.85 30.26
C ALA A 158 3.40 29.76 29.77
N LEU A 159 3.43 28.59 30.41
CA LEU A 159 2.59 27.47 30.01
C LEU A 159 1.24 27.52 30.67
N LYS A 160 1.16 28.01 31.91
CA LYS A 160 -0.12 28.09 32.60
C LYS A 160 -1.01 29.19 32.05
N ALA A 161 -0.44 30.17 31.35
CA ALA A 161 -1.23 31.19 30.69
C ALA A 161 -1.74 30.76 29.33
N SER A 162 -1.12 29.74 28.72
CA SER A 162 -1.42 29.32 27.34
C SER A 162 -2.70 28.50 27.29
N LYS A 163 -3.74 29.05 26.68
CA LYS A 163 -5.07 28.46 26.80
C LYS A 163 -5.23 27.15 26.02
N PHE A 164 -4.40 26.88 25.03
CA PHE A 164 -4.52 25.66 24.24
C PHE A 164 -3.51 24.57 24.58
N LEU A 165 -2.60 24.82 25.51
CA LEU A 165 -1.69 23.79 25.99
C LEU A 165 -2.14 23.26 27.34
N ARG A 166 -1.74 22.03 27.66
CA ARG A 166 -2.12 21.38 28.90
C ARG A 166 -0.91 20.69 29.53
N TRP A 167 -0.68 20.91 30.83
CA TRP A 167 0.52 20.45 31.53
C TRP A 167 0.24 19.12 32.22
N THR A 168 0.86 18.04 31.72
CA THR A 168 0.62 16.71 32.28
C THR A 168 1.87 15.99 32.83
N GLY A 169 3.05 16.62 32.88
CA GLY A 169 4.18 15.92 33.50
C GLY A 169 5.46 16.74 33.60
N ILE A 170 6.40 16.20 34.39
CA ILE A 170 7.73 16.77 34.50
C ILE A 170 8.70 15.63 34.84
N PHE A 171 9.89 15.62 34.22
CA PHE A 171 10.80 14.50 34.41
C PHE A 171 12.26 14.94 34.32
N THR A 172 13.15 13.99 34.57
CA THR A 172 14.61 14.14 34.45
C THR A 172 15.19 12.79 34.03
N HIS A 173 16.51 12.75 33.79
CA HIS A 173 17.19 11.52 33.38
C HIS A 173 18.57 11.36 34.04
N PHE A 174 18.82 10.14 34.58
CA PHE A 174 20.08 9.78 35.24
C PHE A 174 21.11 9.26 34.24
N SER A 175 22.33 9.78 34.29
CA SER A 175 23.34 9.36 33.33
C SER A 175 24.25 8.21 33.80
N THR A 176 24.34 7.92 35.10
CA THR A 176 25.29 6.87 35.53
C THR A 176 24.68 5.90 36.55
N ALA A 177 23.38 5.59 36.44
CA ALA A 177 22.71 4.75 37.43
C ALA A 177 22.94 3.25 37.23
N ASP A 178 23.67 2.84 36.19
CA ASP A 178 24.03 1.44 35.99
C ASP A 178 25.38 1.05 36.60
N GLU A 179 26.09 2.01 37.25
CA GLU A 179 27.45 1.89 37.78
C GLU A 179 27.46 1.75 39.30
N PRO A 180 28.48 1.10 39.86
CA PRO A 180 28.48 0.84 41.31
C PRO A 180 28.79 2.07 42.17
N ASP A 181 29.35 3.12 41.58
CA ASP A 181 29.53 4.39 42.29
C ASP A 181 28.23 5.19 42.16
N THR A 182 27.56 5.43 43.29
CA THR A 182 26.26 6.09 43.28
C THR A 182 26.36 7.61 43.47
N THR A 183 27.58 8.14 43.50
CA THR A 183 27.80 9.57 43.79
C THR A 183 26.95 10.47 42.88
N LEU A 184 27.13 10.38 41.57
CA LEU A 184 26.47 11.33 40.68
C LEU A 184 24.95 11.14 40.66
N THR A 185 24.46 9.91 40.86
CA THR A 185 23.02 9.65 40.82
C THR A 185 22.30 10.31 42.00
N LYS A 186 22.92 10.33 43.18
CA LYS A 186 22.27 11.00 44.31
C LYS A 186 22.36 12.52 44.18
N LEU A 187 23.44 13.04 43.62
CA LEU A 187 23.52 14.46 43.31
C LEU A 187 22.31 14.89 42.46
N GLN A 188 22.09 14.21 41.32
CA GLN A 188 20.97 14.54 40.45
C GLN A 188 19.64 14.54 41.19
N HIS A 189 19.46 13.60 42.11
CA HIS A 189 18.16 13.45 42.79
C HIS A 189 17.88 14.62 43.74
N GLU A 190 18.90 15.03 44.50
CA GLU A 190 18.78 16.20 45.36
C GLU A 190 18.44 17.45 44.56
N LYS A 191 19.09 17.63 43.40
CA LYS A 191 18.84 18.82 42.60
C LYS A 191 17.39 18.85 42.09
N PHE A 192 16.85 17.70 41.69
CA PHE A 192 15.49 17.65 41.18
C PHE A 192 14.48 17.93 42.30
N ILE A 193 14.71 17.37 43.48
CA ILE A 193 13.78 17.51 44.59
C ILE A 193 13.73 18.95 45.07
N SER A 194 14.84 19.68 45.00
CA SER A 194 14.80 21.06 45.45
C SER A 194 14.03 21.93 44.46
N PHE A 195 14.25 21.73 43.15
CA PHE A 195 13.51 22.48 42.13
C PHE A 195 12.00 22.30 42.29
N LEU A 196 11.57 21.06 42.53
CA LEU A 196 10.14 20.81 42.66
C LEU A 196 9.57 21.54 43.87
N SER A 197 10.33 21.59 44.97
CA SER A 197 9.83 22.22 46.18
C SER A 197 9.78 23.74 46.06
N PHE A 198 10.68 24.32 45.27
CA PHE A 198 10.62 25.75 45.00
C PHE A 198 9.33 26.12 44.28
N LEU A 199 8.87 25.26 43.38
CA LEU A 199 7.58 25.52 42.74
C LEU A 199 6.45 25.47 43.75
N LYS A 200 6.59 24.63 44.78
CA LYS A 200 5.52 24.46 45.78
C LYS A 200 5.40 25.69 46.69
N LYS A 201 6.52 26.29 47.08
CA LYS A 201 6.49 27.51 47.89
C LYS A 201 5.75 28.66 47.19
N GLN A 202 5.62 28.62 45.87
CA GLN A 202 4.92 29.67 45.13
C GLN A 202 3.42 29.39 44.93
N GLY A 203 2.91 28.28 45.46
CA GLY A 203 1.52 27.93 45.26
C GLY A 203 1.21 27.15 44.00
N ILE A 204 2.21 26.52 43.38
CA ILE A 204 2.02 25.75 42.16
C ILE A 204 1.75 24.30 42.53
N GLU A 205 0.70 23.72 41.95
CA GLU A 205 0.38 22.31 42.10
C GLU A 205 1.00 21.50 40.98
N LEU A 206 1.50 20.29 41.30
CA LEU A 206 2.35 19.55 40.36
C LEU A 206 1.62 18.39 39.70
N PRO A 207 1.90 18.13 38.41
CA PRO A 207 1.38 16.91 37.76
C PRO A 207 2.24 15.67 38.01
N THR A 208 2.15 14.71 37.11
CA THR A 208 2.87 13.44 37.20
C THR A 208 4.39 13.66 37.20
N VAL A 209 5.09 13.02 38.15
CA VAL A 209 6.55 13.10 38.28
C VAL A 209 7.15 11.75 37.90
N HIS A 210 8.09 11.75 36.96
CA HIS A 210 8.81 10.51 36.64
C HIS A 210 10.31 10.78 36.49
N MET A 211 11.12 9.77 36.83
CA MET A 211 12.57 9.97 36.75
C MET A 211 13.42 8.71 36.53
N CYS A 212 12.92 7.52 36.88
CA CYS A 212 13.72 6.29 36.82
C CYS A 212 13.72 5.65 35.43
N ASN A 213 14.83 4.95 35.11
CA ASN A 213 14.97 4.00 33.99
C ASN A 213 15.11 2.58 34.57
N THR A 214 15.36 1.58 33.69
CA THR A 214 15.45 0.18 34.15
C THR A 214 16.42 0.03 35.31
N ALA A 215 17.64 0.58 35.18
CA ALA A 215 18.65 0.44 36.22
C ALA A 215 18.26 1.22 37.48
N ALA A 216 17.69 2.42 37.32
CA ALA A 216 17.27 3.19 38.48
C ALA A 216 16.15 2.50 39.24
N ALA A 217 15.25 1.80 38.53
CA ALA A 217 14.12 1.17 39.23
C ALA A 217 14.55 -0.09 39.97
N ILE A 218 15.48 -0.86 39.42
CA ILE A 218 15.98 -2.05 40.12
C ILE A 218 16.81 -1.63 41.34
N ALA A 219 17.65 -0.59 41.19
CA ALA A 219 18.64 -0.17 42.17
C ALA A 219 18.10 0.80 43.23
N PHE A 220 17.29 1.80 42.85
CA PHE A 220 16.72 2.76 43.78
C PHE A 220 15.19 2.78 43.66
N PRO A 221 14.52 1.71 44.11
CA PRO A 221 13.05 1.65 43.92
C PRO A 221 12.31 2.78 44.63
N GLU A 222 12.90 3.41 45.65
CA GLU A 222 12.23 4.50 46.35
C GLU A 222 12.31 5.83 45.60
N PHE A 223 12.84 5.85 44.37
CA PHE A 223 12.77 7.01 43.48
C PHE A 223 11.61 6.91 42.48
N SER A 224 10.72 5.92 42.62
CA SER A 224 9.72 5.68 41.59
C SER A 224 8.74 6.83 41.43
N ALA A 225 8.35 7.48 42.54
CA ALA A 225 7.38 8.60 42.55
C ALA A 225 6.10 8.14 41.85
N ASP A 226 5.59 8.86 40.84
CA ASP A 226 4.33 8.49 40.19
C ASP A 226 4.53 7.42 39.11
N MET A 227 5.64 7.49 38.37
CA MET A 227 5.81 6.68 37.16
C MET A 227 7.29 6.36 36.92
N ILE A 228 7.55 5.20 36.29
CA ILE A 228 8.87 4.85 35.77
C ILE A 228 8.82 4.57 34.26
N ARG A 229 9.99 4.55 33.63
CA ARG A 229 10.13 4.26 32.20
C ARG A 229 10.97 3.00 32.00
N LEU A 230 10.31 1.88 31.70
CA LEU A 230 10.94 0.58 31.56
C LEU A 230 11.27 0.31 30.08
N GLY A 231 12.56 0.19 29.76
CA GLY A 231 13.01 -0.05 28.39
C GLY A 231 13.70 -1.40 28.16
N ILE A 232 15.03 -1.44 28.29
CA ILE A 232 15.83 -2.64 28.01
C ILE A 232 15.39 -3.84 28.85
N GLY A 233 14.87 -3.61 30.06
CA GLY A 233 14.38 -4.72 30.88
C GLY A 233 13.14 -5.40 30.34
N LEU A 234 12.35 -4.67 29.53
CA LEU A 234 11.16 -5.24 28.89
C LEU A 234 11.52 -6.43 28.01
N TYR A 235 12.66 -6.36 27.30
CA TYR A 235 13.09 -7.37 26.34
C TYR A 235 13.97 -8.46 26.93
N GLY A 236 14.12 -8.52 28.25
CA GLY A 236 14.87 -9.58 28.88
C GLY A 236 16.37 -9.39 28.94
N LEU A 237 16.88 -8.15 28.92
CA LEU A 237 18.31 -7.86 28.95
C LEU A 237 18.61 -6.80 30.00
N TYR A 238 19.77 -6.92 30.69
CA TYR A 238 20.26 -6.14 31.82
C TYR A 238 21.04 -4.90 31.38
N PRO A 239 20.86 -3.78 32.07
CA PRO A 239 21.57 -2.54 31.67
C PRO A 239 23.08 -2.67 31.69
N SER A 240 23.64 -3.41 32.65
CA SER A 240 25.07 -3.57 32.79
C SER A 240 25.31 -4.88 33.53
N ALA A 241 26.54 -5.41 33.39
CA ALA A 241 26.90 -6.61 34.13
C ALA A 241 26.78 -6.39 35.63
N TYR A 242 27.01 -5.17 36.10
CA TYR A 242 26.89 -4.86 37.52
C TYR A 242 25.44 -4.99 38.01
N ILE A 243 24.47 -4.52 37.22
CA ILE A 243 23.09 -4.61 37.69
C ILE A 243 22.63 -6.08 37.69
N LYS A 244 23.23 -6.92 36.84
CA LYS A 244 22.99 -8.35 36.92
C LYS A 244 23.52 -8.94 38.23
N GLN A 245 24.69 -8.47 38.71
CA GLN A 245 25.23 -8.87 40.01
C GLN A 245 24.20 -8.83 41.15
N LEU A 246 23.58 -7.67 41.37
CA LEU A 246 22.77 -7.48 42.57
C LEU A 246 21.78 -8.62 42.78
N ASN A 247 21.32 -9.24 41.70
CA ASN A 247 20.47 -10.43 41.76
C ASN A 247 19.14 -10.11 42.42
N LEU A 248 18.55 -8.98 42.03
CA LEU A 248 17.30 -8.51 42.60
C LEU A 248 16.07 -8.84 41.77
N VAL A 249 16.19 -8.95 40.44
CA VAL A 249 15.08 -9.22 39.54
C VAL A 249 15.53 -10.24 38.49
N LYS A 250 14.68 -11.20 38.17
CA LYS A 250 15.02 -12.22 37.18
C LYS A 250 14.33 -11.92 35.86
N LEU A 251 15.12 -11.76 34.79
CA LEU A 251 14.62 -11.42 33.46
C LEU A 251 14.95 -12.53 32.47
N GLU A 252 14.17 -12.62 31.40
CA GLU A 252 14.31 -13.69 30.40
C GLU A 252 14.35 -13.10 29.00
N PRO A 253 15.39 -13.37 28.19
CA PRO A 253 15.54 -12.66 26.92
C PRO A 253 14.57 -13.16 25.86
N ALA A 254 14.07 -12.22 25.04
CA ALA A 254 12.91 -12.48 24.21
C ALA A 254 13.25 -12.77 22.74
N LEU A 255 14.47 -12.50 22.28
CA LEU A 255 14.80 -12.56 20.86
C LEU A 255 15.80 -13.66 20.55
N SER A 256 15.64 -14.32 19.39
CA SER A 256 16.69 -15.15 18.81
C SER A 256 16.66 -15.03 17.28
N LEU A 257 17.77 -15.44 16.63
CA LEU A 257 18.00 -15.28 15.19
C LEU A 257 18.46 -16.60 14.55
N LYS A 258 17.82 -17.00 13.44
CA LYS A 258 18.03 -18.33 12.83
C LYS A 258 18.10 -18.26 11.31
N ALA A 259 18.70 -19.32 10.73
CA ALA A 259 18.75 -19.54 9.27
C ALA A 259 18.76 -21.03 8.95
N ARG A 260 18.70 -21.34 7.65
CA ARG A 260 18.85 -22.70 7.12
C ARG A 260 20.03 -22.76 6.15
N ILE A 261 20.73 -23.90 6.15
CA ILE A 261 21.90 -24.10 5.29
C ILE A 261 21.50 -24.08 3.81
N ALA A 262 22.26 -23.34 3.00
CA ALA A 262 22.00 -23.24 1.57
C ALA A 262 22.78 -24.23 0.68
N TYR A 263 23.99 -24.67 1.08
CA TYR A 263 24.77 -25.58 0.25
C TYR A 263 25.89 -26.20 1.07
N VAL A 264 26.28 -27.43 0.71
CA VAL A 264 27.36 -28.18 1.39
C VAL A 264 28.24 -28.87 0.34
N LYS A 265 29.56 -28.86 0.54
CA LYS A 265 30.51 -29.40 -0.44
C LYS A 265 31.84 -29.79 0.22
N THR A 266 32.58 -30.67 -0.47
CA THR A 266 33.95 -31.04 -0.10
C THR A 266 34.94 -30.39 -1.06
N MET A 267 36.06 -29.90 -0.51
CA MET A 267 37.04 -29.12 -1.27
C MET A 267 38.14 -30.02 -1.85
N ARG A 268 37.72 -31.01 -2.66
CA ARG A 268 38.65 -31.96 -3.27
C ARG A 268 39.39 -31.37 -4.46
N THR A 269 38.67 -30.76 -5.39
CA THR A 269 39.31 -30.11 -6.52
C THR A 269 40.03 -28.84 -6.07
N GLU A 270 40.87 -28.31 -6.95
CA GLU A 270 41.69 -27.13 -6.74
C GLU A 270 41.24 -25.98 -7.66
N PRO A 271 41.37 -24.71 -7.24
CA PRO A 271 41.90 -24.22 -5.96
C PRO A 271 40.90 -24.28 -4.80
N ARG A 272 41.42 -24.28 -3.57
CA ARG A 272 40.62 -24.44 -2.36
C ARG A 272 40.50 -23.15 -1.55
N THR A 273 40.45 -22.02 -2.25
CA THR A 273 40.28 -20.69 -1.66
C THR A 273 38.81 -20.41 -1.32
N VAL A 274 38.58 -19.62 -0.26
CA VAL A 274 37.23 -19.32 0.23
C VAL A 274 37.06 -17.82 0.49
N SER A 275 36.10 -17.20 -0.20
CA SER A 275 35.63 -15.83 0.00
C SER A 275 36.63 -14.76 -0.44
N TYR A 276 36.30 -13.49 -0.18
CA TYR A 276 37.05 -12.37 -0.74
C TYR A 276 38.44 -12.26 -0.12
N GLY A 277 39.42 -11.92 -0.94
CA GLY A 277 40.81 -11.84 -0.54
C GLY A 277 41.49 -13.19 -0.40
N ALA A 278 40.76 -14.29 -0.49
CA ALA A 278 41.27 -15.64 -0.26
C ALA A 278 42.04 -15.74 1.06
N THR A 279 41.42 -15.28 2.14
CA THR A 279 42.04 -15.32 3.46
C THR A 279 41.92 -16.68 4.15
N TYR A 280 41.35 -17.69 3.48
CA TYR A 280 41.16 -19.02 4.07
C TYR A 280 41.31 -20.08 2.98
N ILE A 281 42.13 -21.10 3.25
CA ILE A 281 42.33 -22.25 2.35
C ILE A 281 41.98 -23.53 3.11
N ALA A 282 41.17 -24.38 2.47
CA ALA A 282 40.64 -25.59 3.07
C ALA A 282 41.49 -26.82 2.73
N GLU A 283 41.35 -27.85 3.56
CA GLU A 283 41.89 -29.18 3.29
C GLU A 283 41.16 -29.83 2.13
N PRO A 284 41.79 -30.81 1.46
CA PRO A 284 41.06 -31.59 0.46
C PRO A 284 39.93 -32.43 1.03
N ASN A 285 39.85 -32.57 2.35
CA ASN A 285 38.79 -33.30 3.01
C ASN A 285 37.77 -32.41 3.71
N GLU A 286 38.00 -31.10 3.77
CA GLU A 286 37.15 -30.21 4.55
C GLU A 286 35.80 -29.99 3.88
N VAL A 287 34.75 -29.86 4.71
CA VAL A 287 33.37 -29.64 4.27
C VAL A 287 33.00 -28.20 4.60
N ILE A 288 32.49 -27.48 3.60
CA ILE A 288 32.13 -26.06 3.72
C ILE A 288 30.63 -25.90 3.47
N ALA A 289 29.93 -25.20 4.38
CA ALA A 289 28.51 -24.92 4.29
C ALA A 289 28.26 -23.42 4.16
N THR A 290 27.32 -23.04 3.28
CA THR A 290 27.03 -21.63 2.98
C THR A 290 25.71 -21.21 3.63
N LEU A 291 25.68 -20.00 4.25
CA LEU A 291 24.51 -19.52 4.99
C LEU A 291 24.03 -18.15 4.50
N PRO A 292 22.68 -17.91 4.43
CA PRO A 292 22.10 -16.63 3.90
C PRO A 292 21.91 -15.50 4.92
N ILE A 293 23.02 -14.98 5.43
CA ILE A 293 23.03 -13.75 6.25
C ILE A 293 24.38 -13.07 6.02
N GLY A 294 24.38 -11.73 6.06
CA GLY A 294 25.55 -10.94 5.71
C GLY A 294 25.62 -9.64 6.47
N TYR A 295 26.59 -8.75 6.18
CA TYR A 295 26.70 -7.54 7.00
C TYR A 295 25.59 -6.52 6.71
N ALA A 296 24.92 -6.60 5.55
CA ALA A 296 23.81 -5.68 5.28
C ALA A 296 22.58 -6.00 6.13
N ASP A 297 22.49 -7.20 6.71
CA ASP A 297 21.44 -7.55 7.67
C ASP A 297 21.74 -7.07 9.08
N GLY A 298 22.97 -6.61 9.34
CA GLY A 298 23.44 -6.26 10.68
C GLY A 298 24.37 -7.27 11.35
N TYR A 299 24.86 -8.29 10.63
CA TYR A 299 25.85 -9.23 11.18
C TYR A 299 27.24 -8.72 10.85
N SER A 300 27.94 -8.23 11.87
CA SER A 300 29.07 -7.32 11.69
C SER A 300 30.21 -7.94 10.89
N ARG A 301 30.81 -7.14 10.01
CA ARG A 301 31.93 -7.63 9.21
C ARG A 301 33.16 -7.90 10.08
N ALA A 302 33.24 -7.27 11.25
CA ALA A 302 34.34 -7.56 12.16
C ALA A 302 34.35 -9.00 12.66
N LEU A 303 33.31 -9.79 12.38
CA LEU A 303 33.27 -11.20 12.75
C LEU A 303 33.90 -12.11 11.69
N SER A 304 34.52 -11.55 10.64
CA SER A 304 35.27 -12.32 9.65
C SER A 304 36.37 -13.13 10.34
N ASN A 305 36.35 -14.45 10.12
CA ASN A 305 37.33 -15.38 10.68
C ASN A 305 37.31 -15.40 12.20
N ARG A 306 36.19 -15.00 12.83
CA ARG A 306 36.16 -14.85 14.29
C ARG A 306 34.93 -15.43 14.97
N GLY A 307 33.75 -15.34 14.34
CA GLY A 307 32.51 -15.64 15.01
C GLY A 307 32.12 -17.12 14.98
N PHE A 308 30.96 -17.42 15.57
CA PHE A 308 30.43 -18.77 15.68
C PHE A 308 28.93 -18.80 15.39
N VAL A 309 28.45 -19.96 14.94
CA VAL A 309 27.03 -20.30 14.87
C VAL A 309 26.87 -21.70 15.46
N LEU A 310 25.64 -22.05 15.82
CA LEU A 310 25.33 -23.37 16.36
C LEU A 310 24.67 -24.22 15.27
N HIS A 311 25.25 -25.40 15.00
CA HIS A 311 24.72 -26.41 14.08
C HIS A 311 24.75 -27.77 14.77
N ARG A 312 23.56 -28.36 14.96
CA ARG A 312 23.42 -29.64 15.64
C ARG A 312 24.06 -29.62 17.01
N GLY A 313 23.74 -28.57 17.78
CA GLY A 313 24.13 -28.52 19.17
C GLY A 313 25.58 -28.21 19.44
N LYS A 314 26.33 -27.73 18.46
CA LYS A 314 27.74 -27.46 18.67
C LYS A 314 28.15 -26.22 17.88
N ARG A 315 29.18 -25.53 18.37
CA ARG A 315 29.69 -24.32 17.74
C ARG A 315 30.60 -24.68 16.57
N VAL A 316 30.36 -24.08 15.40
CA VAL A 316 31.27 -24.21 14.26
C VAL A 316 31.67 -22.79 13.81
N PRO A 317 32.88 -22.59 13.28
CA PRO A 317 33.37 -21.23 13.02
C PRO A 317 33.16 -20.70 11.60
N VAL A 318 33.16 -19.37 11.53
CA VAL A 318 33.13 -18.65 10.25
C VAL A 318 34.48 -18.81 9.56
N ALA A 319 34.46 -19.12 8.26
CA ALA A 319 35.67 -19.32 7.47
C ALA A 319 35.72 -18.31 6.31
N GLY A 320 36.74 -17.43 6.32
CA GLY A 320 36.84 -16.37 5.33
C GLY A 320 36.14 -15.10 5.78
N ARG A 321 36.12 -14.12 4.88
CA ARG A 321 35.45 -12.86 5.17
C ARG A 321 33.93 -12.97 5.06
N VAL A 322 33.23 -12.20 5.91
CA VAL A 322 31.80 -11.92 5.75
C VAL A 322 31.55 -11.16 4.45
N THR A 323 30.47 -11.51 3.73
CA THR A 323 30.05 -10.76 2.53
C THR A 323 28.68 -10.13 2.77
N MET A 324 28.20 -9.34 1.79
CA MET A 324 27.01 -8.50 2.02
C MET A 324 25.78 -9.32 2.42
N ASP A 325 25.62 -10.52 1.84
CA ASP A 325 24.41 -11.33 2.01
C ASP A 325 24.62 -12.78 2.48
N MET A 326 25.86 -13.27 2.53
CA MET A 326 26.14 -14.68 2.86
C MET A 326 27.43 -14.80 3.66
N ILE A 327 27.52 -15.88 4.45
CA ILE A 327 28.73 -16.28 5.16
C ILE A 327 28.96 -17.78 4.94
N MET A 328 30.23 -18.20 4.99
CA MET A 328 30.66 -19.60 4.95
C MET A 328 31.15 -20.07 6.31
N VAL A 329 30.76 -21.28 6.71
CA VAL A 329 31.23 -21.89 7.95
C VAL A 329 31.82 -23.26 7.65
N SER A 330 32.80 -23.67 8.47
CA SER A 330 33.49 -24.94 8.29
C SER A 330 32.94 -26.03 9.20
N LEU A 331 32.54 -27.14 8.60
CA LEU A 331 32.14 -28.34 9.32
C LEU A 331 33.30 -29.29 9.59
N GLY A 332 34.53 -28.93 9.17
CA GLY A 332 35.72 -29.72 9.45
C GLY A 332 35.98 -30.82 8.43
N GLU A 333 37.05 -31.58 8.69
CA GLU A 333 37.24 -32.83 7.98
C GLU A 333 36.14 -33.81 8.38
N ASN A 334 36.09 -34.94 7.68
CA ASN A 334 34.97 -35.88 7.80
C ASN A 334 33.72 -35.16 7.30
N GLY A 335 33.15 -34.27 8.11
CA GLY A 335 32.11 -33.38 7.66
C GLY A 335 30.82 -33.45 8.45
N GLU A 336 29.76 -33.89 7.78
CA GLU A 336 28.42 -34.18 8.31
C GLU A 336 27.50 -32.97 8.35
N GLY A 337 26.58 -32.92 7.39
CA GLY A 337 25.61 -31.85 7.23
C GLY A 337 24.95 -31.86 5.87
N LYS A 338 23.74 -31.31 5.78
CA LYS A 338 22.95 -31.34 4.55
C LYS A 338 22.30 -29.98 4.28
N GLN A 339 22.02 -29.73 3.01
CA GLN A 339 21.19 -28.61 2.59
C GLN A 339 19.85 -28.63 3.34
N GLY A 340 19.51 -27.55 4.06
CA GLY A 340 18.25 -27.46 4.76
C GLY A 340 18.28 -27.64 6.28
N ASP A 341 19.43 -27.95 6.88
CA ASP A 341 19.50 -28.00 8.34
C ASP A 341 19.33 -26.60 8.94
N GLU A 342 18.75 -26.56 10.14
CA GLU A 342 18.54 -25.31 10.87
C GLU A 342 19.75 -24.93 11.74
N VAL A 343 20.19 -23.67 11.63
CA VAL A 343 21.31 -23.08 12.37
C VAL A 343 20.79 -21.95 13.25
N VAL A 344 21.42 -21.76 14.41
CA VAL A 344 21.05 -20.68 15.35
C VAL A 344 22.19 -19.68 15.40
N ILE A 345 21.88 -18.41 15.12
CA ILE A 345 22.91 -17.36 15.10
C ILE A 345 23.02 -16.67 16.46
N TYR A 346 21.90 -16.20 17.04
CA TYR A 346 21.85 -15.81 18.44
C TYR A 346 20.75 -16.64 19.11
N GLY A 347 21.02 -17.12 20.33
CA GLY A 347 20.03 -17.87 21.09
C GLY A 347 20.52 -19.26 21.45
N LYS A 348 19.57 -20.19 21.62
CA LYS A 348 19.81 -21.52 22.19
C LYS A 348 19.53 -22.63 21.17
N GLN A 349 20.23 -23.76 21.35
CA GLN A 349 20.03 -24.98 20.55
C GLN A 349 20.52 -26.18 21.36
N LYS A 350 19.60 -27.03 21.80
CA LYS A 350 19.90 -28.15 22.70
C LYS A 350 20.42 -27.56 24.01
N GLY A 351 21.63 -27.90 24.44
CA GLY A 351 22.14 -27.26 25.63
C GLY A 351 23.30 -26.33 25.36
N ALA A 352 23.22 -25.56 24.29
CA ALA A 352 24.28 -24.65 23.92
C ALA A 352 23.68 -23.27 23.65
N GLU A 353 24.49 -22.23 23.79
CA GLU A 353 23.99 -20.86 23.67
C GLU A 353 25.06 -19.93 23.15
N ILE A 354 24.67 -19.04 22.24
CA ILE A 354 25.44 -17.84 21.91
C ILE A 354 24.53 -16.66 22.21
N SER A 355 24.81 -15.94 23.30
CA SER A 355 23.99 -14.87 23.82
C SER A 355 24.39 -13.53 23.23
N VAL A 356 23.46 -12.57 23.29
CA VAL A 356 23.71 -11.27 22.70
C VAL A 356 24.75 -10.51 23.52
N ASP A 357 24.79 -10.73 24.83
CA ASP A 357 25.84 -10.12 25.64
C ASP A 357 27.22 -10.62 25.21
N GLU A 358 27.34 -11.91 24.86
CA GLU A 358 28.61 -12.45 24.39
C GLU A 358 29.08 -11.79 23.09
N VAL A 359 28.17 -11.56 22.14
CA VAL A 359 28.63 -10.98 20.88
C VAL A 359 29.01 -9.51 21.09
N ALA A 360 28.25 -8.79 21.92
CA ALA A 360 28.57 -7.38 22.13
C ALA A 360 29.92 -7.25 22.82
N GLU A 361 30.22 -8.17 23.74
CA GLU A 361 31.53 -8.20 24.39
C GLU A 361 32.64 -8.41 23.38
N MET A 362 32.48 -9.39 22.49
CA MET A 362 33.49 -9.65 21.46
C MET A 362 33.73 -8.46 20.53
N LEU A 363 32.71 -7.59 20.34
CA LEU A 363 32.85 -6.43 19.45
C LEU A 363 33.07 -5.10 20.21
N ASN A 364 33.29 -5.13 21.53
CA ASN A 364 33.55 -3.92 22.32
C ASN A 364 32.41 -2.90 22.27
N THR A 365 31.16 -3.35 22.41
CA THR A 365 29.99 -2.46 22.44
C THR A 365 29.02 -2.98 23.50
N ILE A 366 27.74 -2.57 23.43
CA ILE A 366 26.73 -2.95 24.44
C ILE A 366 25.56 -3.63 23.75
N ASN A 367 24.81 -4.44 24.53
CA ASN A 367 23.71 -5.22 23.95
C ASN A 367 22.65 -4.34 23.27
N TYR A 368 22.38 -3.14 23.80
CA TYR A 368 21.53 -2.15 23.15
C TYR A 368 21.79 -2.03 21.64
N GLU A 369 23.05 -2.01 21.20
CA GLU A 369 23.34 -1.75 19.80
C GLU A 369 23.24 -3.01 18.95
N VAL A 370 23.51 -4.17 19.55
CA VAL A 370 23.44 -5.43 18.79
C VAL A 370 22.01 -5.70 18.32
N VAL A 371 21.01 -5.48 19.21
CA VAL A 371 19.63 -5.79 18.84
C VAL A 371 19.01 -4.68 17.99
N SER A 372 19.27 -3.41 18.28
CA SER A 372 18.51 -2.39 17.58
C SER A 372 19.08 -2.06 16.20
N THR A 373 20.16 -2.71 15.76
CA THR A 373 20.64 -2.54 14.39
C THR A 373 20.27 -3.73 13.48
N LEU A 374 19.33 -4.57 13.88
CA LEU A 374 18.87 -5.67 13.04
C LEU A 374 17.91 -5.16 11.97
N SER A 375 18.27 -5.40 10.70
CA SER A 375 17.62 -4.77 9.56
C SER A 375 16.14 -5.12 9.46
N ARG A 376 15.35 -4.19 8.93
CA ARG A 376 13.95 -4.51 8.71
C ARG A 376 13.73 -5.49 7.57
N ARG A 377 14.77 -5.87 6.83
CA ARG A 377 14.51 -6.84 5.76
C ARG A 377 14.46 -8.28 6.29
N ILE A 378 14.73 -8.49 7.58
CA ILE A 378 14.54 -9.79 8.22
C ILE A 378 13.10 -9.86 8.74
N PRO A 379 12.34 -10.88 8.38
CA PRO A 379 10.97 -11.02 8.93
C PRO A 379 10.95 -11.45 10.39
N ARG A 380 9.95 -10.94 11.13
CA ARG A 380 9.75 -11.19 12.56
C ARG A 380 8.53 -12.10 12.77
N PHE A 381 8.69 -13.15 13.60
CA PHE A 381 7.59 -14.03 14.03
C PHE A 381 7.40 -14.01 15.54
N TYR A 382 6.16 -14.05 16.01
CA TYR A 382 5.85 -13.92 17.44
C TYR A 382 5.27 -15.22 18.00
N ILE A 383 5.83 -15.66 19.13
CA ILE A 383 5.29 -16.77 19.93
C ILE A 383 4.51 -16.17 21.10
N ARG A 384 3.26 -16.62 21.25
CA ARG A 384 2.44 -16.32 22.43
C ARG A 384 1.67 -17.58 22.82
N ASP A 385 1.84 -18.02 24.07
CA ASP A 385 1.20 -19.23 24.61
C ASP A 385 1.65 -20.51 23.89
N GLY A 386 2.90 -20.57 23.46
CA GLY A 386 3.43 -21.73 22.77
C GLY A 386 3.08 -21.85 21.28
N GLU A 387 2.41 -20.87 20.68
CA GLU A 387 2.05 -20.94 19.27
C GLU A 387 2.50 -19.69 18.52
N ILE A 388 2.73 -19.88 17.21
CA ILE A 388 3.38 -18.92 16.33
C ILE A 388 2.35 -18.16 15.51
N PHE A 389 2.58 -16.87 15.27
CA PHE A 389 1.83 -16.05 14.31
C PHE A 389 2.68 -14.88 13.84
N LYS A 390 2.05 -13.94 13.14
CA LYS A 390 2.74 -12.75 12.63
C LYS A 390 1.78 -11.54 12.59
N MET B 5 11.79 24.70 3.03
CA MET B 5 12.15 23.70 2.03
C MET B 5 11.83 22.29 2.53
N ILE B 6 12.83 21.58 3.06
CA ILE B 6 12.59 20.29 3.71
C ILE B 6 12.01 20.55 5.10
N LYS B 7 10.88 19.89 5.41
CA LYS B 7 10.16 20.09 6.67
C LYS B 7 9.95 18.75 7.36
N LEU B 8 10.44 18.62 8.61
CA LEU B 8 10.47 17.34 9.31
C LEU B 8 10.15 17.52 10.79
N CYS B 9 9.49 16.50 11.36
CA CYS B 9 9.28 16.45 12.81
C CYS B 9 10.59 16.21 13.55
N ARG B 10 11.35 15.18 13.13
CA ARG B 10 12.71 14.88 13.57
C ARG B 10 13.63 15.20 12.39
N GLU B 11 14.60 16.09 12.60
CA GLU B 11 15.26 16.80 11.49
C GLU B 11 16.58 16.13 11.08
N VAL B 12 16.47 15.02 10.35
CA VAL B 12 17.62 14.26 9.84
C VAL B 12 17.22 13.56 8.53
N TRP B 13 18.11 13.57 7.53
CA TRP B 13 17.73 13.04 6.21
C TRP B 13 18.95 12.69 5.36
N ILE B 14 18.67 11.98 4.26
CA ILE B 14 19.68 11.56 3.27
C ILE B 14 19.35 12.23 1.93
N GLU B 15 20.39 12.64 1.19
CA GLU B 15 20.24 13.16 -0.17
C GLU B 15 21.03 12.29 -1.16
N VAL B 16 20.35 11.84 -2.21
CA VAL B 16 20.93 10.99 -3.26
C VAL B 16 20.86 11.70 -4.60
N ASN B 17 22.02 11.92 -5.25
CA ASN B 17 22.13 12.75 -6.47
C ASN B 17 22.16 11.87 -7.72
N LEU B 18 21.02 11.82 -8.42
CA LEU B 18 20.92 10.97 -9.60
C LEU B 18 21.73 11.50 -10.81
N ASP B 19 21.98 12.81 -10.90
CA ASP B 19 22.88 13.30 -11.96
C ASP B 19 24.27 12.65 -11.85
N ALA B 20 24.69 12.32 -10.62
CA ALA B 20 25.98 11.64 -10.44
C ALA B 20 25.91 10.17 -10.85
N VAL B 21 24.78 9.48 -10.59
CA VAL B 21 24.64 8.11 -11.05
C VAL B 21 24.73 8.05 -12.57
N LYS B 22 24.16 9.05 -13.25
CA LYS B 22 24.17 9.06 -14.71
C LYS B 22 25.57 9.20 -15.27
N LYS B 23 26.38 10.09 -14.69
CA LYS B 23 27.76 10.26 -15.14
C LYS B 23 28.59 9.01 -14.89
N ASN B 24 28.32 8.29 -13.80
CA ASN B 24 29.05 7.05 -13.53
C ASN B 24 28.80 6.01 -14.61
N LEU B 25 27.56 5.94 -15.11
CA LEU B 25 27.22 4.96 -16.15
C LEU B 25 27.89 5.29 -17.48
N ARG B 26 27.99 6.58 -17.83
CA ARG B 26 28.64 6.99 -19.07
C ARG B 26 30.13 6.63 -19.07
N ALA B 27 30.82 6.93 -17.97
CA ALA B 27 32.26 6.65 -17.91
C ALA B 27 32.54 5.17 -18.10
N ILE B 28 31.66 4.30 -17.58
CA ILE B 28 31.88 2.86 -17.72
C ILE B 28 31.56 2.40 -19.15
N ARG B 29 30.50 2.96 -19.75
CA ARG B 29 30.15 2.61 -21.13
C ARG B 29 31.32 2.85 -22.10
N ARG B 30 31.99 4.00 -21.99
CA ARG B 30 33.03 4.30 -22.98
C ARG B 30 34.29 3.44 -22.80
N HIS B 31 34.48 2.83 -21.63
CA HIS B 31 35.70 2.09 -21.35
C HIS B 31 35.63 0.61 -21.72
N ILE B 32 34.43 0.03 -21.88
CA ILE B 32 34.28 -1.40 -22.20
C ILE B 32 33.86 -1.61 -23.66
N PRO B 33 34.05 -2.81 -24.24
CA PRO B 33 33.66 -3.04 -25.65
C PRO B 33 32.16 -2.87 -25.91
N HIS B 34 31.84 -2.41 -27.13
CA HIS B 34 30.46 -2.04 -27.50
C HIS B 34 29.50 -3.22 -27.54
N LYS B 35 30.00 -4.44 -27.73
CA LYS B 35 29.12 -5.60 -27.80
C LYS B 35 28.54 -5.97 -26.43
N SER B 36 29.13 -5.47 -25.33
CA SER B 36 28.82 -5.94 -23.98
C SER B 36 27.74 -5.09 -23.31
N LYS B 37 26.76 -5.74 -22.70
CA LYS B 37 25.66 -5.08 -22.00
C LYS B 37 26.02 -4.85 -20.52
N ILE B 38 25.17 -4.10 -19.83
CA ILE B 38 25.40 -3.71 -18.42
C ILE B 38 24.21 -4.14 -17.56
N MET B 39 24.50 -4.94 -16.52
CA MET B 39 23.50 -5.33 -15.52
C MET B 39 23.78 -4.57 -14.22
N ALA B 40 22.79 -3.80 -13.76
CA ALA B 40 22.93 -2.94 -12.59
C ALA B 40 22.49 -3.66 -11.31
N VAL B 41 23.35 -3.63 -10.30
CA VAL B 41 23.13 -4.39 -9.07
C VAL B 41 22.54 -3.45 -8.02
N VAL B 42 21.30 -3.72 -7.59
CA VAL B 42 20.62 -2.88 -6.60
C VAL B 42 20.17 -3.68 -5.38
N LYS B 43 20.79 -4.82 -5.08
CA LYS B 43 20.41 -5.59 -3.91
C LYS B 43 20.64 -4.76 -2.64
N ALA B 44 20.11 -5.26 -1.52
CA ALA B 44 20.23 -4.63 -0.20
C ALA B 44 19.80 -3.16 -0.21
N ASN B 45 18.57 -2.93 -0.65
CA ASN B 45 17.96 -1.59 -0.75
C ASN B 45 18.84 -0.63 -1.57
N GLY B 46 19.41 -1.13 -2.66
CA GLY B 46 20.32 -0.33 -3.48
C GLY B 46 21.56 0.12 -2.72
N TYR B 47 22.30 -0.83 -2.14
CA TYR B 47 23.44 -0.56 -1.25
C TYR B 47 23.13 0.60 -0.30
N GLY B 48 21.91 0.64 0.24
CA GLY B 48 21.50 1.67 1.17
C GLY B 48 20.95 2.95 0.56
N HIS B 49 21.09 3.14 -0.76
CA HIS B 49 20.63 4.38 -1.40
C HIS B 49 19.14 4.41 -1.70
N GLY B 50 18.43 3.26 -1.59
CA GLY B 50 17.05 3.13 -2.03
C GLY B 50 16.97 2.42 -3.39
N SER B 51 16.30 1.26 -3.48
CA SER B 51 16.36 0.44 -4.69
C SER B 51 15.48 0.95 -5.83
N ILE B 52 14.32 1.53 -5.52
CA ILE B 52 13.34 1.82 -6.55
C ILE B 52 13.83 2.93 -7.48
N GLU B 53 14.07 4.13 -6.95
CA GLU B 53 14.42 5.25 -7.82
C GLU B 53 15.77 5.05 -8.54
N VAL B 54 16.71 4.32 -7.92
CA VAL B 54 18.00 4.12 -8.58
C VAL B 54 17.89 3.13 -9.75
N ALA B 55 17.11 2.06 -9.59
CA ALA B 55 16.85 1.14 -10.71
C ALA B 55 16.17 1.85 -11.88
N ARG B 56 15.21 2.74 -11.60
CA ARG B 56 14.50 3.45 -12.66
C ARG B 56 15.47 4.27 -13.50
N HIS B 57 16.26 5.12 -12.83
CA HIS B 57 17.24 5.96 -13.49
C HIS B 57 18.24 5.13 -14.30
N ALA B 58 18.78 4.06 -13.69
CA ALA B 58 19.80 3.26 -14.37
C ALA B 58 19.29 2.66 -15.68
N LEU B 59 18.04 2.16 -15.70
CA LEU B 59 17.50 1.57 -16.92
C LEU B 59 17.21 2.63 -17.98
N GLU B 60 17.05 3.89 -17.59
CA GLU B 60 16.91 4.97 -18.55
C GLU B 60 18.25 5.42 -19.13
N HIS B 61 19.39 4.95 -18.62
CA HIS B 61 20.65 5.56 -19.05
C HIS B 61 21.76 4.56 -19.35
N GLY B 62 21.45 3.29 -19.61
CA GLY B 62 22.50 2.38 -20.04
C GLY B 62 22.38 0.93 -19.63
N ALA B 63 21.75 0.66 -18.50
CA ALA B 63 21.62 -0.71 -18.05
C ALA B 63 20.51 -1.43 -18.81
N SER B 64 20.67 -2.74 -18.97
CA SER B 64 19.64 -3.58 -19.58
C SER B 64 18.96 -4.53 -18.60
N GLU B 65 19.66 -4.98 -17.56
CA GLU B 65 19.09 -5.90 -16.59
C GLU B 65 19.54 -5.50 -15.19
N LEU B 66 18.89 -6.13 -14.18
CA LEU B 66 19.07 -5.81 -12.77
C LEU B 66 19.41 -7.07 -11.98
N ALA B 67 20.12 -6.90 -10.85
CA ALA B 67 20.44 -8.02 -9.96
C ALA B 67 20.07 -7.68 -8.52
N VAL B 68 19.51 -8.66 -7.80
CA VAL B 68 19.11 -8.50 -6.40
C VAL B 68 19.54 -9.74 -5.62
N ALA B 69 19.22 -9.75 -4.31
CA ALA B 69 19.67 -10.78 -3.38
C ALA B 69 18.65 -11.88 -3.11
N SER B 70 17.37 -11.66 -3.44
CA SER B 70 16.28 -12.56 -3.04
C SER B 70 15.01 -12.24 -3.82
N VAL B 71 14.10 -13.23 -3.84
CA VAL B 71 12.84 -13.07 -4.58
C VAL B 71 12.06 -11.87 -4.05
N GLU B 72 12.03 -11.70 -2.71
CA GLU B 72 11.28 -10.61 -2.09
C GLU B 72 11.78 -9.23 -2.55
N GLU B 73 13.10 -9.05 -2.70
CA GLU B 73 13.63 -7.77 -3.17
C GLU B 73 13.23 -7.50 -4.61
N GLY B 74 13.19 -8.53 -5.48
CA GLY B 74 12.68 -8.35 -6.83
C GLY B 74 11.21 -7.96 -6.90
N ILE B 75 10.39 -8.51 -5.99
CA ILE B 75 8.96 -8.20 -5.96
C ILE B 75 8.68 -6.73 -5.67
N VAL B 76 9.48 -6.09 -4.80
CA VAL B 76 9.33 -4.64 -4.58
C VAL B 76 9.55 -3.87 -5.89
N LEU B 77 10.45 -4.35 -6.76
CA LEU B 77 10.71 -3.66 -8.02
C LEU B 77 9.56 -3.85 -9.01
N ARG B 78 9.01 -5.06 -9.09
CA ARG B 78 7.87 -5.31 -9.98
C ARG B 78 6.62 -4.55 -9.52
N LYS B 79 6.41 -4.40 -8.21
CA LYS B 79 5.25 -3.66 -7.73
C LYS B 79 5.29 -2.19 -8.10
N ALA B 80 6.48 -1.62 -8.37
CA ALA B 80 6.59 -0.22 -8.75
C ALA B 80 6.57 -0.03 -10.27
N GLY B 81 6.39 -1.09 -11.04
CA GLY B 81 6.18 -1.00 -12.47
C GLY B 81 7.34 -1.40 -13.36
N ILE B 82 8.38 -2.05 -12.84
CA ILE B 82 9.58 -2.36 -13.61
C ILE B 82 9.44 -3.70 -14.30
N THR B 83 9.68 -3.72 -15.62
CA THR B 83 9.49 -4.92 -16.42
C THR B 83 10.80 -5.55 -16.91
N ALA B 84 11.96 -4.99 -16.59
CA ALA B 84 13.22 -5.54 -17.09
C ALA B 84 13.55 -6.88 -16.42
N PRO B 85 14.48 -7.65 -17.00
CA PRO B 85 14.87 -8.93 -16.38
C PRO B 85 15.60 -8.73 -15.06
N ILE B 86 15.33 -9.63 -14.12
CA ILE B 86 15.84 -9.52 -12.75
C ILE B 86 16.38 -10.89 -12.34
N LEU B 87 17.66 -10.93 -11.95
CA LEU B 87 18.36 -12.15 -11.58
C LEU B 87 18.64 -12.17 -10.08
N VAL B 88 18.32 -13.28 -9.43
CA VAL B 88 18.56 -13.48 -8.02
C VAL B 88 19.95 -14.10 -7.89
N LEU B 89 20.82 -13.46 -7.11
CA LEU B 89 22.19 -13.94 -6.99
C LEU B 89 22.35 -15.05 -5.93
N GLY B 90 21.54 -15.08 -4.87
CA GLY B 90 21.63 -16.10 -3.85
C GLY B 90 20.85 -17.37 -4.17
N PHE B 91 20.72 -18.22 -3.15
CA PHE B 91 19.96 -19.46 -3.26
C PHE B 91 18.47 -19.25 -2.96
N THR B 92 17.62 -19.86 -3.78
CA THR B 92 16.17 -19.76 -3.61
C THR B 92 15.60 -21.15 -3.34
N SER B 93 14.82 -21.27 -2.27
CA SER B 93 14.19 -22.53 -1.91
C SER B 93 13.05 -22.90 -2.88
N LEU B 94 12.84 -24.21 -3.04
CA LEU B 94 11.79 -24.73 -3.91
C LEU B 94 10.38 -24.26 -3.51
N SER B 95 10.20 -23.82 -2.26
CA SER B 95 8.96 -23.20 -1.82
C SER B 95 8.48 -22.10 -2.75
N CYS B 96 9.40 -21.36 -3.36
CA CYS B 96 9.05 -20.17 -4.13
C CYS B 96 9.17 -20.38 -5.65
N VAL B 97 9.20 -21.64 -6.13
CA VAL B 97 9.32 -21.86 -7.58
C VAL B 97 8.08 -21.33 -8.29
N LYS B 98 6.88 -21.70 -7.82
CA LYS B 98 5.65 -21.22 -8.46
C LYS B 98 5.54 -19.69 -8.42
N LYS B 99 5.94 -19.06 -7.31
CA LYS B 99 5.84 -17.60 -7.20
C LYS B 99 6.79 -16.91 -8.16
N SER B 100 8.01 -17.42 -8.31
CA SER B 100 9.00 -16.81 -9.20
C SER B 100 8.54 -16.88 -10.66
N ALA B 101 7.91 -17.98 -11.05
CA ALA B 101 7.43 -18.08 -12.42
C ALA B 101 6.28 -17.12 -12.70
N ALA B 102 5.52 -16.75 -11.66
CA ALA B 102 4.36 -15.87 -11.83
C ALA B 102 4.74 -14.39 -11.94
N TRP B 103 5.71 -13.94 -11.13
CA TRP B 103 6.22 -12.58 -11.23
C TRP B 103 7.39 -12.47 -12.22
N ASN B 104 7.71 -13.55 -12.96
CA ASN B 104 8.73 -13.56 -14.01
C ASN B 104 10.10 -13.09 -13.46
N ILE B 105 10.60 -13.83 -12.49
CA ILE B 105 11.89 -13.56 -11.87
C ILE B 105 12.85 -14.69 -12.23
N THR B 106 14.09 -14.33 -12.59
CA THR B 106 15.12 -15.28 -13.00
C THR B 106 15.95 -15.72 -11.80
N LEU B 107 16.24 -17.03 -11.72
CA LEU B 107 16.91 -17.61 -10.57
C LEU B 107 18.20 -18.32 -10.99
N SER B 108 19.17 -18.38 -10.09
CA SER B 108 20.40 -19.12 -10.37
C SER B 108 20.29 -20.51 -9.76
N ALA B 109 20.85 -21.49 -10.47
CA ALA B 109 20.83 -22.88 -10.02
C ALA B 109 22.06 -23.61 -10.55
N PHE B 110 22.37 -24.74 -9.91
CA PHE B 110 23.61 -25.46 -10.23
C PHE B 110 23.57 -26.91 -9.74
N GLN B 111 22.40 -27.49 -9.52
CA GLN B 111 22.24 -28.84 -8.99
C GLN B 111 21.30 -29.62 -9.88
N VAL B 112 21.65 -30.88 -10.15
CA VAL B 112 20.79 -31.71 -11.00
C VAL B 112 19.45 -31.99 -10.31
N ASP B 113 19.45 -32.20 -8.99
CA ASP B 113 18.19 -32.62 -8.34
C ASP B 113 17.24 -31.44 -8.12
N TRP B 114 17.78 -30.25 -7.86
CA TRP B 114 16.98 -29.02 -7.82
C TRP B 114 16.31 -28.78 -9.18
N MET B 115 17.10 -28.83 -10.25
CA MET B 115 16.60 -28.76 -11.62
C MET B 115 15.42 -29.72 -11.85
N LYS B 116 15.61 -31.01 -11.48
CA LYS B 116 14.57 -32.01 -11.70
C LYS B 116 13.26 -31.63 -11.00
N GLU B 117 13.32 -31.32 -9.69
CA GLU B 117 12.10 -31.03 -8.93
C GLU B 117 11.48 -29.69 -9.28
N ALA B 118 12.26 -28.67 -9.65
CA ALA B 118 11.67 -27.43 -10.13
C ALA B 118 10.81 -27.67 -11.37
N ASN B 119 11.30 -28.51 -12.30
CA ASN B 119 10.55 -28.87 -13.51
C ASN B 119 9.24 -29.58 -13.16
N GLU B 120 9.27 -30.47 -12.17
CA GLU B 120 8.07 -31.20 -11.77
C GLU B 120 7.00 -30.25 -11.22
N ILE B 121 7.39 -29.31 -10.36
CA ILE B 121 6.40 -28.44 -9.72
C ILE B 121 5.56 -27.74 -10.77
N LEU B 122 6.21 -27.13 -11.77
CA LEU B 122 5.50 -26.40 -12.82
C LEU B 122 4.79 -27.33 -13.80
N GLU B 123 5.26 -28.58 -13.95
CA GLU B 123 4.55 -29.57 -14.75
C GLU B 123 3.17 -29.84 -14.18
N LYS B 124 3.11 -30.32 -12.94
CA LYS B 124 1.85 -30.72 -12.31
C LYS B 124 0.86 -29.56 -12.14
N GLU B 125 1.26 -28.31 -12.36
CA GLU B 125 0.32 -27.19 -12.36
C GLU B 125 0.06 -26.66 -13.76
N ALA B 126 0.47 -27.40 -14.80
CA ALA B 126 0.39 -27.02 -16.22
C ALA B 126 1.35 -25.88 -16.52
N SER B 127 1.06 -24.67 -16.03
CA SER B 127 1.93 -23.50 -16.17
C SER B 127 2.23 -23.10 -17.61
N ALA B 128 1.75 -21.91 -18.01
CA ALA B 128 2.13 -21.29 -19.27
C ALA B 128 3.47 -20.58 -19.23
N ASN B 129 3.94 -20.19 -18.04
CA ASN B 129 5.22 -19.49 -17.90
C ASN B 129 6.36 -20.49 -17.81
N ARG B 130 7.53 -20.10 -18.34
CA ARG B 130 8.73 -20.90 -18.26
C ARG B 130 9.76 -20.18 -17.39
N LEU B 131 10.25 -20.88 -16.36
CA LEU B 131 11.19 -20.30 -15.41
C LEU B 131 12.58 -20.14 -16.04
N ALA B 132 13.07 -18.91 -16.09
CA ALA B 132 14.41 -18.64 -16.59
C ALA B 132 15.46 -18.97 -15.52
N ILE B 133 16.59 -19.55 -15.97
CA ILE B 133 17.67 -20.02 -15.09
C ILE B 133 19.03 -19.53 -15.60
N HIS B 134 19.94 -19.17 -14.68
CA HIS B 134 21.35 -18.90 -14.95
C HIS B 134 22.19 -19.90 -14.14
N ILE B 135 23.21 -20.49 -14.77
CA ILE B 135 24.08 -21.48 -14.10
C ILE B 135 25.32 -20.80 -13.54
N ASN B 136 25.56 -21.00 -12.24
CA ASN B 136 26.73 -20.43 -11.55
C ASN B 136 27.86 -21.46 -11.50
N VAL B 137 29.03 -21.09 -12.00
CA VAL B 137 30.22 -21.95 -11.98
C VAL B 137 31.24 -21.37 -11.00
N ASP B 138 31.69 -22.21 -10.05
CA ASP B 138 32.62 -21.83 -8.98
C ASP B 138 34.05 -22.15 -9.39
N THR B 139 34.83 -21.12 -9.74
CA THR B 139 36.20 -21.30 -10.17
C THR B 139 37.23 -20.85 -9.14
N GLY B 140 36.80 -20.41 -7.94
CA GLY B 140 37.73 -19.98 -6.91
C GLY B 140 37.15 -19.18 -5.75
N MET B 141 35.86 -18.81 -5.85
CA MET B 141 35.16 -18.07 -4.77
C MET B 141 34.80 -18.97 -3.60
N GLY B 142 34.47 -20.24 -3.87
CA GLY B 142 34.10 -21.17 -2.82
C GLY B 142 32.78 -20.91 -2.14
N ARG B 143 31.92 -20.03 -2.67
CA ARG B 143 30.64 -19.72 -2.04
C ARG B 143 29.50 -20.65 -2.55
N LEU B 144 29.00 -20.43 -3.77
CA LEU B 144 28.06 -21.34 -4.41
C LEU B 144 28.54 -21.65 -5.84
N GLY B 145 28.03 -22.73 -6.41
CA GLY B 145 28.29 -23.07 -7.79
C GLY B 145 28.87 -24.46 -7.98
N VAL B 146 28.88 -24.89 -9.28
CA VAL B 146 29.40 -26.18 -9.75
C VAL B 146 30.91 -26.07 -9.97
N ARG B 147 31.64 -27.18 -9.70
CA ARG B 147 33.10 -27.11 -9.58
C ARG B 147 33.92 -27.92 -10.60
N THR B 148 33.38 -28.97 -11.21
CA THR B 148 34.13 -29.76 -12.18
C THR B 148 33.45 -29.75 -13.55
N LYS B 149 34.25 -29.93 -14.61
CA LYS B 149 33.71 -29.86 -15.97
C LYS B 149 32.80 -31.05 -16.28
N GLU B 150 33.01 -32.19 -15.63
CA GLU B 150 32.13 -33.33 -15.87
C GLU B 150 30.75 -33.12 -15.26
N GLU B 151 30.68 -32.59 -14.02
CA GLU B 151 29.38 -32.42 -13.39
C GLU B 151 28.64 -31.17 -13.88
N LEU B 152 29.33 -30.18 -14.45
CA LEU B 152 28.63 -29.12 -15.17
C LEU B 152 27.84 -29.66 -16.37
N LEU B 153 28.34 -30.72 -17.01
CA LEU B 153 27.69 -31.27 -18.21
C LEU B 153 26.44 -32.08 -17.87
N GLU B 154 26.45 -32.78 -16.72
CA GLU B 154 25.22 -33.39 -16.22
C GLU B 154 24.13 -32.33 -16.02
N VAL B 155 24.51 -31.21 -15.40
CA VAL B 155 23.55 -30.13 -15.14
C VAL B 155 23.04 -29.54 -16.44
N VAL B 156 23.94 -29.27 -17.40
CA VAL B 156 23.49 -28.81 -18.71
C VAL B 156 22.58 -29.84 -19.36
N LYS B 157 22.90 -31.12 -19.23
CA LYS B 157 22.04 -32.17 -19.79
C LYS B 157 20.65 -32.13 -19.17
N ALA B 158 20.58 -32.04 -17.83
CA ALA B 158 19.29 -32.08 -17.13
C ALA B 158 18.47 -30.84 -17.45
N LEU B 159 19.08 -29.66 -17.40
CA LEU B 159 18.35 -28.44 -17.73
C LEU B 159 17.77 -28.52 -19.15
N LYS B 160 18.51 -29.12 -20.07
CA LYS B 160 18.04 -29.26 -21.46
C LYS B 160 16.84 -30.20 -21.55
N ALA B 161 16.88 -31.35 -20.85
CA ALA B 161 15.68 -32.20 -20.86
C ALA B 161 14.49 -31.61 -20.04
N SER B 162 14.44 -30.34 -19.64
CA SER B 162 13.36 -29.80 -18.81
C SER B 162 12.56 -28.80 -19.63
N LYS B 163 11.32 -29.17 -19.99
CA LYS B 163 10.53 -28.40 -20.94
C LYS B 163 9.98 -27.11 -20.32
N PHE B 164 9.92 -27.05 -18.99
CA PHE B 164 9.35 -25.90 -18.31
C PHE B 164 10.41 -24.94 -17.78
N LEU B 165 11.69 -25.19 -18.09
CA LEU B 165 12.78 -24.29 -17.78
C LEU B 165 13.37 -23.72 -19.06
N ARG B 166 14.11 -22.62 -18.90
CA ARG B 166 14.73 -21.87 -20.00
C ARG B 166 16.13 -21.46 -19.56
N TRP B 167 17.15 -21.82 -20.34
CA TRP B 167 18.54 -21.44 -20.06
C TRP B 167 18.85 -20.10 -20.72
N THR B 168 19.16 -19.09 -19.90
CA THR B 168 19.47 -17.75 -20.42
C THR B 168 20.80 -17.16 -19.95
N GLY B 169 21.67 -17.91 -19.26
CA GLY B 169 22.98 -17.35 -18.86
C GLY B 169 23.89 -18.39 -18.21
N ILE B 170 25.19 -18.03 -18.17
CA ILE B 170 26.20 -18.79 -17.41
C ILE B 170 27.27 -17.82 -16.92
N PHE B 171 27.67 -17.95 -15.65
CA PHE B 171 28.52 -16.93 -15.04
C PHE B 171 29.43 -17.51 -13.95
N THR B 172 30.35 -16.66 -13.50
CA THR B 172 31.30 -16.94 -12.42
C THR B 172 31.70 -15.62 -11.78
N HIS B 173 32.43 -15.71 -10.65
CA HIS B 173 32.79 -14.56 -9.82
C HIS B 173 34.27 -14.56 -9.45
N PHE B 174 34.90 -13.38 -9.56
CA PHE B 174 36.32 -13.16 -9.23
C PHE B 174 36.50 -12.81 -7.75
N SER B 175 37.40 -13.54 -7.08
CA SER B 175 37.57 -13.39 -5.64
C SER B 175 38.66 -12.39 -5.22
N THR B 176 39.58 -11.97 -6.12
CA THR B 176 40.62 -11.03 -5.69
C THR B 176 40.96 -9.97 -6.74
N ALA B 177 40.02 -9.61 -7.61
CA ALA B 177 40.31 -8.74 -8.75
C ALA B 177 40.53 -7.28 -8.37
N ASP B 178 40.56 -6.92 -7.09
CA ASP B 178 40.83 -5.53 -6.70
C ASP B 178 42.22 -5.37 -6.08
N GLU B 179 43.11 -6.36 -6.25
CA GLU B 179 44.40 -6.41 -5.59
C GLU B 179 45.53 -6.34 -6.62
N PRO B 180 46.71 -5.82 -6.23
CA PRO B 180 47.86 -5.79 -7.15
C PRO B 180 48.28 -7.15 -7.70
N ASP B 181 48.24 -8.21 -6.88
CA ASP B 181 48.64 -9.55 -7.33
C ASP B 181 47.56 -10.13 -8.23
N THR B 182 47.79 -10.21 -9.54
CA THR B 182 46.79 -10.69 -10.49
C THR B 182 46.93 -12.19 -10.80
N THR B 183 47.70 -12.94 -10.02
CA THR B 183 47.86 -14.37 -10.26
C THR B 183 46.50 -15.09 -10.31
N LEU B 184 45.72 -15.03 -9.21
CA LEU B 184 44.50 -15.84 -9.11
C LEU B 184 43.44 -15.42 -10.12
N THR B 185 43.35 -14.12 -10.41
CA THR B 185 42.39 -13.67 -11.44
C THR B 185 42.72 -14.29 -12.81
N LYS B 186 44.00 -14.36 -13.17
CA LYS B 186 44.37 -14.99 -14.44
C LYS B 186 44.01 -16.48 -14.44
N LEU B 187 44.19 -17.16 -13.30
CA LEU B 187 43.91 -18.58 -13.21
C LEU B 187 42.41 -18.89 -13.32
N GLN B 188 41.54 -18.14 -12.63
CA GLN B 188 40.10 -18.42 -12.71
C GLN B 188 39.57 -18.23 -14.12
N HIS B 189 39.98 -17.15 -14.78
CA HIS B 189 39.64 -16.91 -16.18
C HIS B 189 40.03 -18.10 -17.06
N GLU B 190 41.24 -18.61 -16.86
CA GLU B 190 41.72 -19.75 -17.63
C GLU B 190 40.80 -20.95 -17.45
N LYS B 191 40.46 -21.27 -16.20
CA LYS B 191 39.59 -22.42 -15.94
C LYS B 191 38.21 -22.22 -16.57
N PHE B 192 37.60 -21.04 -16.34
CA PHE B 192 36.26 -20.75 -16.86
C PHE B 192 36.21 -20.89 -18.38
N ILE B 193 37.28 -20.49 -19.07
CA ILE B 193 37.29 -20.54 -20.53
C ILE B 193 37.37 -21.98 -21.02
N SER B 194 38.16 -22.83 -20.37
CA SER B 194 38.29 -24.20 -20.82
C SER B 194 37.04 -25.03 -20.53
N PHE B 195 36.20 -24.59 -19.60
CA PHE B 195 34.94 -25.28 -19.34
C PHE B 195 33.93 -25.03 -20.46
N LEU B 196 33.90 -23.82 -21.01
CA LEU B 196 33.01 -23.52 -22.14
C LEU B 196 33.57 -24.06 -23.45
N SER B 197 34.90 -24.16 -23.56
CA SER B 197 35.52 -24.86 -24.68
C SER B 197 35.17 -26.35 -24.63
N PHE B 198 35.21 -26.94 -23.44
CA PHE B 198 34.74 -28.31 -23.26
C PHE B 198 33.31 -28.45 -23.77
N LEU B 199 32.40 -27.62 -23.24
CA LEU B 199 30.99 -27.69 -23.64
C LEU B 199 30.81 -27.47 -25.14
N LYS B 200 31.62 -26.61 -25.76
CA LYS B 200 31.42 -26.30 -27.18
C LYS B 200 31.85 -27.44 -28.10
N LYS B 201 32.75 -28.33 -27.66
CA LYS B 201 33.14 -29.51 -28.43
C LYS B 201 32.14 -30.66 -28.33
N GLN B 202 30.89 -30.37 -27.95
CA GLN B 202 29.83 -31.38 -27.94
C GLN B 202 28.60 -30.90 -28.70
N GLY B 203 28.72 -29.84 -29.49
CA GLY B 203 27.58 -29.28 -30.19
C GLY B 203 26.70 -28.37 -29.36
N ILE B 204 27.08 -28.06 -28.13
CA ILE B 204 26.25 -27.24 -27.24
C ILE B 204 26.46 -25.76 -27.58
N GLU B 205 25.36 -25.04 -27.81
CA GLU B 205 25.40 -23.59 -27.92
C GLU B 205 25.27 -22.95 -26.53
N LEU B 206 26.02 -21.87 -26.31
CA LEU B 206 26.12 -21.11 -25.07
C LEU B 206 25.21 -19.89 -25.09
N PRO B 207 24.52 -19.59 -23.96
CA PRO B 207 23.80 -18.30 -23.85
C PRO B 207 24.70 -17.18 -23.37
N THR B 208 24.10 -16.06 -22.93
CA THR B 208 24.84 -14.93 -22.37
C THR B 208 25.88 -15.35 -21.32
N VAL B 209 27.11 -14.86 -21.48
CA VAL B 209 28.22 -15.19 -20.56
C VAL B 209 28.65 -13.91 -19.84
N HIS B 210 28.81 -13.99 -18.51
CA HIS B 210 29.29 -12.82 -17.76
C HIS B 210 30.17 -13.22 -16.58
N MET B 211 31.24 -12.42 -16.33
CA MET B 211 32.15 -12.67 -15.21
C MET B 211 32.57 -11.43 -14.43
N CYS B 212 32.51 -10.22 -14.98
CA CYS B 212 33.17 -9.06 -14.36
C CYS B 212 32.30 -8.36 -13.31
N ASN B 213 32.92 -7.98 -12.17
CA ASN B 213 32.39 -6.98 -11.26
C ASN B 213 33.03 -5.61 -11.57
N THR B 214 32.69 -4.61 -10.75
CA THR B 214 33.23 -3.25 -10.93
C THR B 214 34.74 -3.26 -11.13
N ALA B 215 35.48 -3.93 -10.24
CA ALA B 215 36.94 -3.87 -10.28
C ALA B 215 37.51 -4.52 -11.54
N ALA B 216 36.93 -5.65 -11.97
CA ALA B 216 37.46 -6.42 -13.10
C ALA B 216 36.99 -5.89 -14.45
N ALA B 217 35.96 -5.06 -14.48
CA ALA B 217 35.62 -4.31 -15.68
C ALA B 217 36.57 -3.14 -15.92
N ILE B 218 37.20 -2.63 -14.87
CA ILE B 218 38.11 -1.49 -15.02
C ILE B 218 39.52 -1.95 -15.33
N ALA B 219 40.00 -3.00 -14.66
CA ALA B 219 41.36 -3.48 -14.86
C ALA B 219 41.51 -4.46 -16.01
N PHE B 220 40.42 -5.10 -16.47
CA PHE B 220 40.47 -6.09 -17.56
C PHE B 220 39.21 -6.02 -18.41
N PRO B 221 39.06 -4.96 -19.22
CA PRO B 221 37.89 -4.89 -20.10
C PRO B 221 37.83 -6.00 -21.15
N GLU B 222 38.95 -6.66 -21.46
CA GLU B 222 38.97 -7.78 -22.41
C GLU B 222 38.26 -9.01 -21.87
N PHE B 223 37.84 -8.98 -20.61
CA PHE B 223 37.06 -10.04 -19.99
C PHE B 223 35.56 -9.77 -20.09
N SER B 224 35.15 -8.66 -20.71
CA SER B 224 33.75 -8.23 -20.69
C SER B 224 32.80 -9.26 -21.29
N ALA B 225 33.30 -10.11 -22.21
CA ALA B 225 32.47 -11.09 -22.89
C ALA B 225 31.13 -10.48 -23.34
N ASP B 226 30.01 -11.11 -22.97
CA ASP B 226 28.68 -10.63 -23.35
C ASP B 226 28.10 -9.56 -22.41
N MET B 227 28.57 -9.45 -21.14
CA MET B 227 27.89 -8.66 -20.11
C MET B 227 28.76 -8.48 -18.88
N ILE B 228 28.61 -7.33 -18.19
CA ILE B 228 29.23 -7.06 -16.89
C ILE B 228 28.14 -6.76 -15.85
N ARG B 229 28.54 -6.84 -14.57
CA ARG B 229 27.67 -6.58 -13.41
C ARG B 229 28.24 -5.42 -12.60
N LEU B 230 27.69 -4.22 -12.78
CA LEU B 230 28.23 -3.02 -12.16
C LEU B 230 27.56 -2.78 -10.81
N GLY B 231 28.32 -2.89 -9.72
CA GLY B 231 27.78 -2.72 -8.37
C GLY B 231 28.15 -1.42 -7.67
N ILE B 232 29.28 -1.42 -6.96
CA ILE B 232 29.68 -0.23 -6.20
C ILE B 232 30.12 0.93 -7.10
N GLY B 233 30.58 0.67 -8.32
CA GLY B 233 30.92 1.76 -9.23
C GLY B 233 29.75 2.65 -9.59
N LEU B 234 28.54 2.08 -9.61
CA LEU B 234 27.33 2.83 -9.96
C LEU B 234 27.06 3.97 -8.98
N TYR B 235 27.28 3.73 -7.67
CA TYR B 235 27.10 4.71 -6.60
C TYR B 235 28.27 5.67 -6.44
N GLY B 236 29.32 5.51 -7.27
CA GLY B 236 30.44 6.43 -7.29
C GLY B 236 31.55 6.13 -6.31
N LEU B 237 31.67 4.88 -5.85
CA LEU B 237 32.69 4.46 -4.90
C LEU B 237 33.57 3.40 -5.54
N TYR B 238 34.86 3.43 -5.22
CA TYR B 238 35.93 2.59 -5.76
C TYR B 238 36.08 1.31 -4.96
N PRO B 239 36.28 0.17 -5.64
CA PRO B 239 36.35 -1.11 -4.89
C PRO B 239 37.55 -1.20 -3.97
N SER B 240 38.67 -0.55 -4.30
CA SER B 240 39.86 -0.53 -3.47
C SER B 240 40.64 0.73 -3.79
N ALA B 241 41.61 1.05 -2.93
CA ALA B 241 42.52 2.17 -3.21
C ALA B 241 43.44 1.88 -4.40
N TYR B 242 43.79 0.61 -4.62
CA TYR B 242 44.65 0.26 -5.74
C TYR B 242 43.94 0.50 -7.08
N ILE B 243 42.66 0.14 -7.18
CA ILE B 243 41.90 0.37 -8.41
C ILE B 243 41.69 1.87 -8.64
N LYS B 244 41.46 2.63 -7.56
CA LYS B 244 41.36 4.08 -7.66
C LYS B 244 42.66 4.70 -8.19
N GLN B 245 43.80 4.09 -7.90
CA GLN B 245 45.09 4.69 -8.24
C GLN B 245 45.44 4.56 -9.73
N LEU B 246 44.94 3.52 -10.41
CA LEU B 246 45.28 3.34 -11.81
C LEU B 246 44.75 4.45 -12.70
N ASN B 247 43.90 5.33 -12.19
CA ASN B 247 43.46 6.53 -12.90
C ASN B 247 42.98 6.22 -14.32
N LEU B 248 42.09 5.25 -14.41
CA LEU B 248 41.53 4.88 -15.71
C LEU B 248 40.11 5.39 -15.93
N VAL B 249 39.33 5.57 -14.86
CA VAL B 249 37.91 5.95 -14.94
C VAL B 249 37.59 6.91 -13.80
N LYS B 250 36.70 7.88 -14.07
CA LYS B 250 36.40 8.98 -13.15
C LYS B 250 34.98 8.85 -12.59
N LEU B 251 34.88 8.60 -11.27
CA LEU B 251 33.60 8.41 -10.58
C LEU B 251 33.30 9.56 -9.63
N GLU B 252 32.00 9.77 -9.38
CA GLU B 252 31.52 10.84 -8.52
C GLU B 252 30.55 10.29 -7.48
N PRO B 253 30.73 10.62 -6.21
CA PRO B 253 29.88 10.04 -5.16
C PRO B 253 28.48 10.64 -5.12
N ALA B 254 27.49 9.78 -4.84
CA ALA B 254 26.07 10.13 -4.94
C ALA B 254 25.38 10.52 -3.63
N LEU B 255 25.92 10.13 -2.47
CA LEU B 255 25.17 10.17 -1.20
C LEU B 255 25.74 11.16 -0.19
N SER B 256 24.85 11.91 0.48
CA SER B 256 25.16 12.75 1.63
C SER B 256 24.13 12.57 2.74
N LEU B 257 24.53 12.87 3.99
CA LEU B 257 23.67 12.70 5.16
C LEU B 257 23.73 13.95 6.05
N LYS B 258 22.58 14.59 6.27
CA LYS B 258 22.51 15.88 6.96
C LYS B 258 21.54 15.84 8.13
N ALA B 259 21.60 16.90 8.95
CA ALA B 259 20.61 17.15 10.00
C ALA B 259 20.64 18.62 10.40
N ARG B 260 19.74 19.00 11.32
CA ARG B 260 19.62 20.34 11.91
C ARG B 260 19.77 20.29 13.44
N ILE B 261 20.27 21.38 14.02
CA ILE B 261 20.61 21.43 15.44
C ILE B 261 19.36 21.58 16.31
N ALA B 262 19.27 20.76 17.36
CA ALA B 262 18.05 20.72 18.17
C ALA B 262 18.06 21.71 19.33
N TYR B 263 19.22 21.95 19.95
CA TYR B 263 19.29 22.80 21.13
C TYR B 263 20.74 23.28 21.30
N VAL B 264 20.88 24.48 21.89
CA VAL B 264 22.18 25.09 22.17
C VAL B 264 22.16 25.67 23.59
N LYS B 265 23.27 25.51 24.32
CA LYS B 265 23.37 26.06 25.66
C LYS B 265 24.83 26.22 26.07
N THR B 266 25.07 27.16 27.00
CA THR B 266 26.38 27.38 27.62
C THR B 266 26.41 26.71 28.99
N MET B 267 27.47 25.93 29.24
CA MET B 267 27.59 25.08 30.43
C MET B 267 27.97 25.93 31.65
N ARG B 268 27.05 26.81 32.05
CA ARG B 268 27.37 27.74 33.13
C ARG B 268 27.15 27.15 34.53
N THR B 269 26.04 26.46 34.77
CA THR B 269 25.84 25.82 36.06
C THR B 269 26.43 24.42 36.05
N GLU B 270 26.60 23.85 37.28
CA GLU B 270 27.15 22.57 37.68
C GLU B 270 26.03 21.55 37.95
N PRO B 271 26.28 20.24 37.75
CA PRO B 271 27.49 19.67 37.15
C PRO B 271 27.60 19.94 35.63
N ARG B 272 28.81 19.86 35.07
CA ARG B 272 29.02 20.08 33.65
C ARG B 272 29.35 18.79 32.90
N THR B 273 28.89 17.65 33.42
CA THR B 273 29.06 16.35 32.76
C THR B 273 28.18 16.25 31.50
N VAL B 274 28.62 15.44 30.53
CA VAL B 274 27.97 15.34 29.22
C VAL B 274 27.82 13.86 28.83
N SER B 275 26.58 13.36 28.81
CA SER B 275 26.18 12.06 28.27
C SER B 275 26.46 10.88 29.21
N TYR B 276 26.09 9.66 28.80
CA TYR B 276 26.19 8.49 29.68
C TYR B 276 27.64 8.20 30.02
N GLY B 277 27.82 7.72 31.26
CA GLY B 277 29.12 7.42 31.78
C GLY B 277 29.92 8.63 32.22
N ALA B 278 29.41 9.84 31.99
CA ALA B 278 30.12 11.07 32.35
C ALA B 278 31.57 11.03 31.87
N THR B 279 31.77 10.68 30.58
CA THR B 279 33.11 10.55 30.00
C THR B 279 33.68 11.86 29.47
N TYR B 280 32.94 12.97 29.57
CA TYR B 280 33.42 14.27 29.10
C TYR B 280 32.83 15.34 30.00
N ILE B 281 33.68 16.25 30.47
CA ILE B 281 33.28 17.34 31.35
C ILE B 281 33.63 18.66 30.67
N ALA B 282 32.61 19.53 30.52
CA ALA B 282 32.77 20.82 29.87
C ALA B 282 33.33 21.87 30.84
N GLU B 283 33.77 23.02 30.26
CA GLU B 283 34.28 24.30 30.75
C GLU B 283 33.16 25.32 30.81
N PRO B 284 33.16 26.23 31.80
CA PRO B 284 31.98 27.09 32.02
C PRO B 284 31.65 28.07 30.89
N ASN B 285 32.56 28.28 29.93
CA ASN B 285 32.22 29.09 28.76
C ASN B 285 32.09 28.25 27.49
N GLU B 286 31.91 26.93 27.64
CA GLU B 286 31.84 26.01 26.51
C GLU B 286 30.40 25.92 26.01
N VAL B 287 30.26 25.83 24.69
CA VAL B 287 28.95 25.78 24.04
C VAL B 287 28.74 24.35 23.53
N ILE B 288 27.59 23.77 23.88
CA ILE B 288 27.28 22.37 23.61
C ILE B 288 25.99 22.30 22.79
N ALA B 289 26.02 21.56 21.66
CA ALA B 289 24.91 21.44 20.72
C ALA B 289 24.47 19.99 20.58
N THR B 290 23.16 19.79 20.42
CA THR B 290 22.54 18.47 20.40
C THR B 290 21.91 18.19 19.04
N LEU B 291 22.29 17.04 18.43
CA LEU B 291 21.84 16.59 17.10
C LEU B 291 20.96 15.35 17.18
N PRO B 292 19.96 15.22 16.29
CA PRO B 292 19.04 14.03 16.31
C PRO B 292 19.46 12.88 15.41
N ILE B 293 20.60 12.22 15.71
CA ILE B 293 21.01 10.98 15.07
C ILE B 293 21.80 10.15 16.10
N GLY B 294 21.71 8.81 15.97
CA GLY B 294 22.24 7.88 16.96
C GLY B 294 22.66 6.54 16.37
N TYR B 295 23.10 5.62 17.24
CA TYR B 295 23.57 4.33 16.73
C TYR B 295 22.43 3.45 16.19
N ALA B 296 21.17 3.72 16.55
CA ALA B 296 20.13 2.90 15.94
C ALA B 296 19.85 3.33 14.50
N ASP B 297 20.32 4.51 14.08
CA ASP B 297 20.25 4.89 12.68
C ASP B 297 21.38 4.28 11.86
N GLY B 298 22.44 3.80 12.52
CA GLY B 298 23.62 3.32 11.85
C GLY B 298 24.88 4.18 12.04
N TYR B 299 24.83 5.19 12.90
CA TYR B 299 26.03 5.97 13.26
C TYR B 299 26.72 5.24 14.42
N SER B 300 27.77 4.49 14.09
CA SER B 300 28.39 3.54 15.00
C SER B 300 28.75 4.16 16.36
N ARG B 301 28.44 3.43 17.43
CA ARG B 301 28.80 3.86 18.77
C ARG B 301 30.32 3.96 18.96
N ALA B 302 31.11 3.25 18.12
CA ALA B 302 32.56 3.31 18.20
C ALA B 302 33.11 4.68 17.82
N LEU B 303 32.29 5.58 17.32
CA LEU B 303 32.73 6.95 17.08
C LEU B 303 32.57 7.82 18.34
N SER B 304 32.23 7.22 19.49
CA SER B 304 32.17 7.99 20.73
C SER B 304 33.50 8.64 21.04
N ASN B 305 33.47 9.96 21.31
CA ASN B 305 34.66 10.77 21.61
C ASN B 305 35.70 10.73 20.48
N ARG B 306 35.29 10.53 19.23
CA ARG B 306 36.26 10.23 18.18
C ARG B 306 35.95 10.84 16.81
N GLY B 307 34.68 10.92 16.40
CA GLY B 307 34.34 11.39 15.08
C GLY B 307 34.06 12.88 15.01
N PHE B 308 33.65 13.33 13.82
CA PHE B 308 33.45 14.75 13.53
C PHE B 308 32.18 14.94 12.72
N VAL B 309 31.71 16.20 12.69
CA VAL B 309 30.65 16.66 11.79
C VAL B 309 31.08 18.04 11.28
N LEU B 310 30.38 18.55 10.27
CA LEU B 310 30.68 19.87 9.70
C LEU B 310 29.59 20.87 10.04
N HIS B 311 29.98 21.97 10.69
CA HIS B 311 29.10 23.10 11.02
C HIS B 311 29.77 24.37 10.52
N ARG B 312 29.12 25.05 9.59
CA ARG B 312 29.65 26.29 9.01
C ARG B 312 31.03 26.06 8.41
N GLY B 313 31.19 24.94 7.70
CA GLY B 313 32.47 24.63 7.08
C GLY B 313 33.60 24.23 8.01
N LYS B 314 33.34 23.99 9.31
CA LYS B 314 34.38 23.56 10.23
C LYS B 314 34.14 22.11 10.66
N ARG B 315 35.23 21.38 10.88
CA ARG B 315 35.12 20.10 11.57
C ARG B 315 34.93 20.34 13.06
N VAL B 316 33.93 19.69 13.66
CA VAL B 316 33.69 19.80 15.11
C VAL B 316 33.55 18.40 15.73
N PRO B 317 33.98 18.19 16.98
CA PRO B 317 34.05 16.84 17.55
C PRO B 317 32.84 16.40 18.36
N VAL B 318 32.56 15.10 18.27
CA VAL B 318 31.57 14.46 19.14
C VAL B 318 32.04 14.51 20.58
N ALA B 319 31.17 14.95 21.50
CA ALA B 319 31.49 15.08 22.93
C ALA B 319 30.78 13.99 23.72
N GLY B 320 31.55 13.05 24.29
CA GLY B 320 30.96 12.00 25.11
C GLY B 320 30.51 10.82 24.28
N ARG B 321 29.66 9.99 24.88
CA ARG B 321 29.19 8.77 24.24
C ARG B 321 28.04 9.05 23.27
N VAL B 322 28.04 8.32 22.16
CA VAL B 322 26.88 8.26 21.25
C VAL B 322 25.74 7.52 21.95
N THR B 323 24.49 8.01 21.77
CA THR B 323 23.30 7.33 22.32
C THR B 323 22.39 6.85 21.19
N MET B 324 21.26 6.23 21.57
CA MET B 324 20.45 5.51 20.58
C MET B 324 19.89 6.46 19.51
N ASP B 325 19.46 7.66 19.91
CA ASP B 325 18.75 8.60 19.04
C ASP B 325 19.44 9.95 18.87
N MET B 326 20.49 10.27 19.65
CA MET B 326 21.08 11.61 19.64
C MET B 326 22.59 11.55 19.89
N ILE B 327 23.31 12.55 19.38
CA ILE B 327 24.71 12.82 19.74
C ILE B 327 24.83 14.28 20.19
N MET B 328 25.97 14.59 20.83
CA MET B 328 26.32 15.90 21.36
C MET B 328 27.68 16.31 20.81
N VAL B 329 27.84 17.58 20.40
CA VAL B 329 29.10 18.07 19.87
C VAL B 329 29.47 19.37 20.57
N SER B 330 30.76 19.71 20.50
CA SER B 330 31.31 20.88 21.18
C SER B 330 31.60 22.00 20.18
N LEU B 331 31.13 23.21 20.50
CA LEU B 331 31.41 24.42 19.72
C LEU B 331 32.57 25.24 20.27
N GLY B 332 33.15 24.86 21.40
CA GLY B 332 34.21 25.64 21.99
C GLY B 332 33.73 26.73 22.96
N GLU B 333 34.70 27.47 23.47
CA GLU B 333 34.43 28.59 24.36
C GLU B 333 33.75 29.72 23.60
N ASN B 334 32.60 30.19 24.11
CA ASN B 334 31.84 31.25 23.46
C ASN B 334 31.59 30.93 21.98
N GLY B 335 31.38 29.66 21.66
CA GLY B 335 31.13 29.26 20.29
C GLY B 335 29.91 29.92 19.70
N GLU B 336 29.75 29.72 18.40
CA GLU B 336 28.76 30.43 17.61
C GLU B 336 27.81 29.44 16.96
N GLY B 337 26.52 29.54 17.28
CA GLY B 337 25.54 28.68 16.64
C GLY B 337 24.14 28.92 17.17
N LYS B 338 23.15 28.49 16.37
CA LYS B 338 21.75 28.71 16.65
C LYS B 338 20.96 27.42 16.48
N GLN B 339 19.93 27.25 17.33
CA GLN B 339 18.91 26.22 17.16
C GLN B 339 18.37 26.30 15.74
N GLY B 340 18.68 25.33 14.90
CA GLY B 340 18.16 25.26 13.55
C GLY B 340 19.20 25.26 12.45
N ASP B 341 20.47 25.47 12.78
CA ASP B 341 21.55 25.46 11.78
C ASP B 341 21.67 24.08 11.14
N GLU B 342 22.20 24.09 9.90
CA GLU B 342 22.38 22.87 9.12
C GLU B 342 23.75 22.25 9.37
N VAL B 343 23.78 20.92 9.54
CA VAL B 343 24.99 20.16 9.82
C VAL B 343 25.13 19.03 8.80
N VAL B 344 26.37 18.75 8.37
CA VAL B 344 26.66 17.68 7.41
C VAL B 344 27.46 16.58 8.09
N ILE B 345 26.98 15.34 7.99
CA ILE B 345 27.58 14.20 8.70
C ILE B 345 28.47 13.36 7.78
N TYR B 346 27.95 12.95 6.63
CA TYR B 346 28.76 12.42 5.54
C TYR B 346 28.56 13.34 4.35
N GLY B 347 29.66 13.85 3.78
CA GLY B 347 29.56 14.70 2.61
C GLY B 347 30.43 15.94 2.59
N LYS B 348 29.97 16.98 1.87
CA LYS B 348 30.73 18.19 1.58
C LYS B 348 29.96 19.43 2.02
N GLN B 349 30.65 20.37 2.65
CA GLN B 349 30.02 21.61 3.10
C GLN B 349 31.02 22.76 3.02
N LYS B 350 30.59 23.86 2.39
CA LYS B 350 31.48 24.95 1.99
C LYS B 350 32.73 24.36 1.36
N GLY B 351 33.89 24.57 1.97
CA GLY B 351 35.12 24.01 1.44
C GLY B 351 35.58 22.69 2.04
N ALA B 352 34.78 22.04 2.88
CA ALA B 352 35.21 20.87 3.64
C ALA B 352 34.55 19.59 3.13
N GLU B 353 35.10 18.44 3.57
CA GLU B 353 34.51 17.15 3.24
C GLU B 353 34.86 16.09 4.27
N ILE B 354 33.85 15.33 4.70
CA ILE B 354 34.03 14.07 5.39
C ILE B 354 33.49 12.97 4.47
N SER B 355 34.40 12.19 3.90
CA SER B 355 34.03 11.16 2.94
C SER B 355 33.69 9.83 3.62
N VAL B 356 32.86 9.03 2.94
CA VAL B 356 32.53 7.68 3.41
C VAL B 356 33.79 6.85 3.57
N ASP B 357 34.78 7.03 2.68
CA ASP B 357 35.99 6.23 2.77
C ASP B 357 36.82 6.58 4.00
N GLU B 358 36.70 7.81 4.52
CA GLU B 358 37.41 8.20 5.74
C GLU B 358 36.79 7.52 6.94
N VAL B 359 35.46 7.53 7.02
CA VAL B 359 34.78 6.91 8.15
C VAL B 359 35.05 5.41 8.18
N ALA B 360 35.09 4.79 7.00
CA ALA B 360 35.38 3.36 6.92
C ALA B 360 36.79 3.05 7.47
N GLU B 361 37.79 3.84 7.06
CA GLU B 361 39.15 3.66 7.57
C GLU B 361 39.17 3.76 9.09
N MET B 362 38.52 4.81 9.63
CA MET B 362 38.47 5.06 11.07
C MET B 362 37.90 3.88 11.85
N LEU B 363 37.04 3.08 11.21
CA LEU B 363 36.40 1.93 11.85
C LEU B 363 36.93 0.60 11.34
N ASN B 364 37.93 0.60 10.46
CA ASN B 364 38.59 -0.66 10.06
C ASN B 364 37.65 -1.58 9.28
N THR B 365 36.94 -1.00 8.31
CA THR B 365 36.07 -1.78 7.42
C THR B 365 36.15 -1.14 6.03
N ILE B 366 35.18 -1.44 5.17
CA ILE B 366 35.16 -1.00 3.79
C ILE B 366 33.91 -0.16 3.53
N ASN B 367 33.94 0.61 2.44
CA ASN B 367 32.84 1.57 2.22
C ASN B 367 31.50 0.86 2.01
N TYR B 368 31.50 -0.36 1.45
CA TYR B 368 30.28 -1.16 1.32
C TYR B 368 29.48 -1.21 2.62
N GLU B 369 30.15 -1.50 3.75
CA GLU B 369 29.42 -1.67 5.00
C GLU B 369 28.81 -0.34 5.48
N VAL B 370 29.55 0.76 5.34
CA VAL B 370 29.08 2.04 5.86
C VAL B 370 27.74 2.43 5.24
N VAL B 371 27.62 2.33 3.90
CA VAL B 371 26.41 2.88 3.27
C VAL B 371 25.24 1.90 3.42
N SER B 372 25.49 0.60 3.25
CA SER B 372 24.41 -0.37 3.24
C SER B 372 23.82 -0.68 4.64
N THR B 373 24.34 -0.09 5.73
CA THR B 373 23.75 -0.24 7.08
C THR B 373 23.02 1.02 7.56
N LEU B 374 22.73 1.98 6.69
CA LEU B 374 21.96 3.16 7.08
C LEU B 374 20.47 2.80 7.13
N SER B 375 19.85 3.07 8.28
CA SER B 375 18.54 2.54 8.63
C SER B 375 17.44 3.14 7.75
N ARG B 376 16.30 2.44 7.72
CA ARG B 376 15.16 2.80 6.91
C ARG B 376 14.22 3.80 7.58
N ARG B 377 14.43 4.10 8.88
CA ARG B 377 13.67 5.19 9.52
C ARG B 377 14.17 6.58 9.12
N ILE B 378 15.23 6.67 8.32
CA ILE B 378 15.75 7.95 7.82
C ILE B 378 15.18 8.17 6.42
N PRO B 379 14.52 9.30 6.16
CA PRO B 379 13.97 9.55 4.81
C PRO B 379 15.05 9.89 3.80
N ARG B 380 14.83 9.43 2.57
CA ARG B 380 15.72 9.66 1.45
C ARG B 380 15.08 10.64 0.48
N PHE B 381 15.79 11.71 0.13
CA PHE B 381 15.36 12.68 -0.87
C PHE B 381 16.24 12.59 -2.11
N TYR B 382 15.64 12.74 -3.29
CA TYR B 382 16.33 12.54 -4.56
C TYR B 382 16.47 13.86 -5.31
N ILE B 383 17.64 14.05 -5.91
CA ILE B 383 18.01 15.28 -6.62
C ILE B 383 18.33 14.91 -8.07
N ARG B 384 17.61 15.50 -9.01
CA ARG B 384 17.80 15.21 -10.43
C ARG B 384 17.64 16.51 -11.21
N ASP B 385 18.65 16.84 -12.01
CA ASP B 385 18.75 18.16 -12.64
C ASP B 385 18.64 19.27 -11.56
N GLY B 386 19.36 19.07 -10.45
CA GLY B 386 19.45 20.02 -9.35
C GLY B 386 18.17 20.42 -8.65
N GLU B 387 17.34 19.47 -8.24
CA GLU B 387 16.10 19.80 -7.53
C GLU B 387 15.49 18.52 -6.94
N ILE B 388 14.51 18.74 -6.03
CA ILE B 388 14.10 17.80 -4.98
C ILE B 388 12.83 17.04 -5.35
N PHE B 389 12.71 15.79 -4.88
CA PHE B 389 11.42 15.09 -4.83
C PHE B 389 11.53 13.82 -3.95
N LYS B 390 10.37 13.22 -3.67
CA LYS B 390 10.19 12.20 -2.63
C LYS B 390 10.65 12.70 -1.26
N MET C 5 1.71 11.86 -24.35
CA MET C 5 0.69 12.58 -23.60
C MET C 5 0.06 11.70 -22.48
N ILE C 6 -0.76 10.71 -22.87
CA ILE C 6 -1.42 9.80 -21.93
C ILE C 6 -1.45 8.42 -22.56
N LYS C 7 -0.75 7.45 -21.95
CA LYS C 7 -0.60 6.11 -22.51
C LYS C 7 -1.31 5.08 -21.64
N LEU C 8 -1.98 4.12 -22.30
CA LEU C 8 -2.87 3.18 -21.65
C LEU C 8 -2.96 1.90 -22.45
N CYS C 9 -3.19 0.77 -21.76
CA CYS C 9 -3.45 -0.48 -22.46
C CYS C 9 -4.88 -0.52 -23.01
N ARG C 10 -5.86 -0.12 -22.19
CA ARG C 10 -7.25 0.06 -22.60
C ARG C 10 -7.60 1.54 -22.52
N GLU C 11 -8.01 2.12 -23.65
CA GLU C 11 -7.90 3.58 -23.85
C GLU C 11 -9.21 4.31 -23.50
N VAL C 12 -9.47 4.43 -22.19
CA VAL C 12 -10.60 5.19 -21.67
C VAL C 12 -10.16 5.81 -20.34
N TRP C 13 -10.61 7.04 -20.05
CA TRP C 13 -10.15 7.71 -18.83
C TRP C 13 -11.03 8.91 -18.48
N ILE C 14 -10.74 9.50 -17.30
CA ILE C 14 -11.45 10.66 -16.73
C ILE C 14 -10.46 11.79 -16.48
N GLU C 15 -10.95 13.03 -16.64
CA GLU C 15 -10.19 14.26 -16.40
C GLU C 15 -10.96 15.13 -15.40
N VAL C 16 -10.27 15.60 -14.36
CA VAL C 16 -10.90 16.46 -13.34
C VAL C 16 -10.04 17.72 -13.22
N ASN C 17 -10.66 18.89 -13.42
CA ASN C 17 -9.96 20.17 -13.49
C ASN C 17 -10.01 20.85 -12.13
N LEU C 18 -8.84 20.95 -11.46
CA LEU C 18 -8.78 21.53 -10.12
C LEU C 18 -8.90 23.07 -10.15
N ASP C 19 -8.51 23.72 -11.24
CA ASP C 19 -8.79 25.15 -11.35
C ASP C 19 -10.29 25.43 -11.22
N ALA C 20 -11.13 24.59 -11.83
CA ALA C 20 -12.57 24.81 -11.77
C ALA C 20 -13.15 24.57 -10.36
N VAL C 21 -12.55 23.68 -9.56
CA VAL C 21 -13.01 23.52 -8.17
C VAL C 21 -12.70 24.78 -7.35
N LYS C 22 -11.51 25.36 -7.53
CA LYS C 22 -11.14 26.55 -6.78
C LYS C 22 -12.04 27.73 -7.11
N LYS C 23 -12.38 27.92 -8.39
CA LYS C 23 -13.29 29.00 -8.76
C LYS C 23 -14.63 28.85 -8.04
N ASN C 24 -15.11 27.61 -7.91
CA ASN C 24 -16.42 27.40 -7.29
C ASN C 24 -16.39 27.78 -5.82
N LEU C 25 -15.28 27.46 -5.14
CA LEU C 25 -15.07 27.88 -3.76
C LEU C 25 -15.09 29.40 -3.63
N ARG C 26 -14.32 30.08 -4.49
CA ARG C 26 -14.29 31.55 -4.46
C ARG C 26 -15.68 32.15 -4.67
N ALA C 27 -16.49 31.54 -5.53
CA ALA C 27 -17.82 32.09 -5.78
C ALA C 27 -18.70 32.02 -4.54
N ILE C 28 -18.62 30.93 -3.78
CA ILE C 28 -19.55 30.69 -2.67
C ILE C 28 -19.14 31.47 -1.41
N ARG C 29 -17.84 31.68 -1.18
CA ARG C 29 -17.38 32.41 -0.01
C ARG C 29 -17.94 33.83 0.04
N ARG C 30 -18.10 34.48 -1.13
CA ARG C 30 -18.60 35.85 -1.15
C ARG C 30 -20.11 35.91 -0.95
N HIS C 31 -20.84 34.87 -1.35
CA HIS C 31 -22.30 34.90 -1.21
C HIS C 31 -22.75 34.83 0.24
N ILE C 32 -21.90 34.42 1.18
CA ILE C 32 -22.31 34.14 2.55
C ILE C 32 -21.61 35.10 3.49
N PRO C 33 -22.20 35.35 4.67
CA PRO C 33 -21.52 36.17 5.69
C PRO C 33 -20.13 35.64 6.04
N HIS C 34 -19.18 36.58 6.16
CA HIS C 34 -17.78 36.22 6.40
C HIS C 34 -17.51 35.71 7.82
N LYS C 35 -18.52 35.63 8.69
CA LYS C 35 -18.37 34.94 9.95
C LYS C 35 -18.55 33.41 9.82
N SER C 36 -19.21 32.93 8.77
CA SER C 36 -19.59 31.52 8.67
C SER C 36 -18.51 30.69 7.95
N LYS C 37 -18.38 29.43 8.35
CA LYS C 37 -17.33 28.53 7.89
C LYS C 37 -17.85 27.55 6.84
N ILE C 38 -16.92 26.96 6.07
CA ILE C 38 -17.26 26.03 5.00
C ILE C 38 -16.77 24.61 5.34
N MET C 39 -17.72 23.65 5.36
CA MET C 39 -17.43 22.22 5.40
C MET C 39 -17.68 21.62 4.01
N ALA C 40 -16.65 20.97 3.45
CA ALA C 40 -16.74 20.33 2.13
C ALA C 40 -17.09 18.83 2.22
N VAL C 41 -18.00 18.39 1.34
CA VAL C 41 -18.53 17.01 1.37
C VAL C 41 -17.85 16.19 0.26
N VAL C 42 -17.17 15.11 0.65
CA VAL C 42 -16.37 14.31 -0.28
C VAL C 42 -16.69 12.81 -0.21
N LYS C 43 -17.86 12.47 0.35
CA LYS C 43 -18.31 11.08 0.49
C LYS C 43 -18.56 10.42 -0.89
N ALA C 44 -18.64 9.08 -0.87
CA ALA C 44 -18.81 8.28 -2.09
C ALA C 44 -17.77 8.64 -3.14
N ASN C 45 -16.48 8.56 -2.73
CA ASN C 45 -15.34 8.77 -3.63
C ASN C 45 -15.38 10.17 -4.27
N GLY C 46 -15.78 11.16 -3.49
CA GLY C 46 -15.85 12.52 -4.01
C GLY C 46 -16.87 12.67 -5.13
N TYR C 47 -18.09 12.16 -4.92
CA TYR C 47 -19.15 12.14 -5.95
C TYR C 47 -18.62 11.63 -7.28
N GLY C 48 -17.77 10.59 -7.23
CA GLY C 48 -17.14 10.04 -8.40
C GLY C 48 -15.85 10.71 -8.86
N HIS C 49 -15.46 11.86 -8.29
CA HIS C 49 -14.30 12.60 -8.81
C HIS C 49 -12.97 12.19 -8.16
N GLY C 50 -13.02 11.34 -7.12
CA GLY C 50 -11.82 10.91 -6.40
C GLY C 50 -11.66 11.76 -5.15
N SER C 51 -11.69 11.13 -3.97
CA SER C 51 -11.82 11.92 -2.73
C SER C 51 -10.50 12.57 -2.28
N ILE C 52 -9.35 11.95 -2.55
CA ILE C 52 -8.10 12.45 -1.93
C ILE C 52 -7.66 13.78 -2.58
N GLU C 53 -7.48 13.80 -3.90
CA GLU C 53 -7.02 15.03 -4.54
C GLU C 53 -8.02 16.17 -4.38
N VAL C 54 -9.32 15.86 -4.36
CA VAL C 54 -10.30 16.94 -4.24
C VAL C 54 -10.34 17.50 -2.81
N ALA C 55 -10.22 16.64 -1.79
CA ALA C 55 -10.13 17.13 -0.42
C ALA C 55 -8.90 18.00 -0.23
N ARG C 56 -7.75 17.57 -0.75
CA ARG C 56 -6.54 18.37 -0.60
C ARG C 56 -6.72 19.78 -1.18
N HIS C 57 -7.35 19.88 -2.35
CA HIS C 57 -7.45 21.18 -2.99
C HIS C 57 -8.40 22.10 -2.23
N ALA C 58 -9.41 21.55 -1.59
CA ALA C 58 -10.42 22.39 -0.97
C ALA C 58 -9.89 23.07 0.28
N LEU C 59 -9.11 22.34 1.10
CA LEU C 59 -8.62 22.91 2.35
C LEU C 59 -7.59 24.01 2.13
N GLU C 60 -6.89 23.98 1.00
CA GLU C 60 -5.96 25.05 0.63
C GLU C 60 -6.68 26.32 0.21
N HIS C 61 -7.93 26.23 -0.26
CA HIS C 61 -8.60 27.37 -0.89
C HIS C 61 -9.95 27.66 -0.25
N GLY C 62 -10.09 27.45 1.06
CA GLY C 62 -11.27 27.95 1.75
C GLY C 62 -11.98 27.04 2.74
N ALA C 63 -11.96 25.74 2.48
CA ALA C 63 -12.62 24.82 3.39
C ALA C 63 -11.81 24.68 4.66
N SER C 64 -12.49 24.32 5.74
CA SER C 64 -11.79 23.96 6.97
C SER C 64 -12.24 22.65 7.61
N GLU C 65 -13.34 22.03 7.14
CA GLU C 65 -13.76 20.73 7.66
C GLU C 65 -14.28 19.86 6.50
N LEU C 66 -14.47 18.56 6.77
CA LEU C 66 -14.89 17.62 5.74
C LEU C 66 -15.99 16.70 6.26
N ALA C 67 -16.77 16.16 5.32
CA ALA C 67 -17.85 15.23 5.63
C ALA C 67 -17.70 13.98 4.77
N VAL C 68 -18.05 12.82 5.33
CA VAL C 68 -18.02 11.54 4.62
C VAL C 68 -19.22 10.70 5.05
N ALA C 69 -19.31 9.49 4.48
CA ALA C 69 -20.43 8.60 4.71
C ALA C 69 -20.16 7.53 5.77
N SER C 70 -18.90 7.22 6.06
CA SER C 70 -18.56 6.10 6.94
C SER C 70 -17.17 6.33 7.54
N VAL C 71 -16.91 5.60 8.64
CA VAL C 71 -15.55 5.54 9.19
C VAL C 71 -14.55 5.15 8.11
N GLU C 72 -14.90 4.13 7.29
CA GLU C 72 -13.94 3.61 6.31
C GLU C 72 -13.51 4.69 5.32
N GLU C 73 -14.43 5.58 4.92
CA GLU C 73 -14.07 6.61 3.96
C GLU C 73 -13.15 7.64 4.62
N GLY C 74 -13.33 7.89 5.93
CA GLY C 74 -12.43 8.82 6.62
C GLY C 74 -11.01 8.29 6.75
N ILE C 75 -10.87 6.98 6.98
CA ILE C 75 -9.54 6.40 7.18
C ILE C 75 -8.69 6.52 5.92
N VAL C 76 -9.32 6.37 4.74
CA VAL C 76 -8.61 6.62 3.47
C VAL C 76 -7.93 7.99 3.50
N LEU C 77 -8.64 9.01 3.96
CA LEU C 77 -8.10 10.37 3.93
C LEU C 77 -6.99 10.58 4.95
N ARG C 78 -7.09 9.94 6.14
CA ARG C 78 -6.00 10.01 7.10
C ARG C 78 -4.73 9.31 6.57
N LYS C 79 -4.89 8.14 5.94
CA LYS C 79 -3.73 7.45 5.34
C LYS C 79 -3.01 8.34 4.32
N ALA C 80 -3.75 9.25 3.67
CA ALA C 80 -3.15 10.17 2.71
C ALA C 80 -2.45 11.34 3.38
N GLY C 81 -2.65 11.58 4.67
CA GLY C 81 -1.97 12.64 5.39
C GLY C 81 -2.79 13.89 5.75
N ILE C 82 -4.13 13.82 5.72
CA ILE C 82 -5.01 14.94 6.03
C ILE C 82 -5.27 14.94 7.53
N THR C 83 -5.19 16.13 8.16
CA THR C 83 -5.36 16.25 9.59
C THR C 83 -6.52 17.13 10.04
N ALA C 84 -7.26 17.74 9.13
CA ALA C 84 -8.40 18.58 9.49
C ALA C 84 -9.55 17.71 10.01
N PRO C 85 -10.56 18.31 10.66
CA PRO C 85 -11.68 17.50 11.18
C PRO C 85 -12.49 16.84 10.07
N ILE C 86 -12.98 15.64 10.37
CA ILE C 86 -13.73 14.80 9.45
C ILE C 86 -14.98 14.32 10.15
N LEU C 87 -16.15 14.63 9.60
CA LEU C 87 -17.42 14.26 10.23
C LEU C 87 -18.09 13.15 9.42
N VAL C 88 -18.60 12.14 10.14
CA VAL C 88 -19.34 11.02 9.57
C VAL C 88 -20.82 11.34 9.65
N LEU C 89 -21.52 11.25 8.51
CA LEU C 89 -22.90 11.72 8.40
C LEU C 89 -23.94 10.61 8.64
N GLY C 90 -23.63 9.34 8.38
CA GLY C 90 -24.55 8.25 8.67
C GLY C 90 -24.48 7.76 10.10
N PHE C 91 -24.97 6.53 10.32
CA PHE C 91 -24.97 5.85 11.60
C PHE C 91 -23.72 4.99 11.75
N THR C 92 -23.14 4.95 12.95
CA THR C 92 -21.93 4.18 13.18
C THR C 92 -22.19 3.15 14.28
N SER C 93 -21.95 1.88 13.95
CA SER C 93 -22.00 0.78 14.89
C SER C 93 -21.06 1.00 16.07
N LEU C 94 -21.43 0.45 17.23
CA LEU C 94 -20.65 0.63 18.45
C LEU C 94 -19.37 -0.18 18.41
N SER C 95 -19.28 -1.21 17.59
CA SER C 95 -18.00 -1.90 17.45
C SER C 95 -16.91 -1.04 16.80
N CYS C 96 -17.21 0.16 16.29
CA CYS C 96 -16.16 1.04 15.78
C CYS C 96 -15.85 2.22 16.68
N VAL C 97 -16.35 2.23 17.93
CA VAL C 97 -16.10 3.34 18.83
C VAL C 97 -14.60 3.53 19.06
N LYS C 98 -13.89 2.45 19.41
CA LYS C 98 -12.47 2.57 19.72
C LYS C 98 -11.67 2.96 18.49
N LYS C 99 -11.94 2.33 17.34
CA LYS C 99 -11.25 2.69 16.11
C LYS C 99 -11.43 4.18 15.78
N SER C 100 -12.66 4.72 15.95
CA SER C 100 -12.91 6.12 15.62
C SER C 100 -12.15 7.04 16.56
N ALA C 101 -12.06 6.68 17.84
CA ALA C 101 -11.27 7.48 18.77
C ALA C 101 -9.80 7.48 18.37
N ALA C 102 -9.29 6.35 17.89
CA ALA C 102 -7.87 6.25 17.58
C ALA C 102 -7.47 7.11 16.38
N TRP C 103 -8.31 7.16 15.33
CA TRP C 103 -8.02 7.99 14.16
C TRP C 103 -8.65 9.39 14.26
N ASN C 104 -9.22 9.77 15.41
CA ASN C 104 -9.81 11.10 15.65
C ASN C 104 -10.81 11.49 14.56
N ILE C 105 -11.87 10.69 14.43
CA ILE C 105 -12.96 10.92 13.49
C ILE C 105 -14.21 11.25 14.29
N THR C 106 -14.85 12.37 13.95
CA THR C 106 -16.07 12.82 14.62
C THR C 106 -17.29 12.07 14.09
N LEU C 107 -18.17 11.64 15.02
CA LEU C 107 -19.36 10.83 14.69
C LEU C 107 -20.67 11.56 15.03
N SER C 108 -21.73 11.22 14.31
CA SER C 108 -23.08 11.71 14.57
C SER C 108 -23.84 10.73 15.47
N ALA C 109 -24.66 11.28 16.36
CA ALA C 109 -25.41 10.43 17.27
C ALA C 109 -26.58 11.22 17.84
N PHE C 110 -27.59 10.49 18.32
CA PHE C 110 -28.86 11.10 18.70
C PHE C 110 -29.71 10.19 19.60
N GLN C 111 -29.09 9.36 20.43
CA GLN C 111 -29.84 8.52 21.36
C GLN C 111 -29.12 8.49 22.70
N VAL C 112 -29.91 8.35 23.77
CA VAL C 112 -29.33 8.30 25.11
C VAL C 112 -28.55 7.00 25.31
N ASP C 113 -29.15 5.87 24.93
CA ASP C 113 -28.49 4.59 25.11
C ASP C 113 -27.14 4.53 24.39
N TRP C 114 -27.11 4.99 23.13
CA TRP C 114 -25.87 5.00 22.36
C TRP C 114 -24.78 5.80 23.08
N MET C 115 -25.15 6.99 23.58
CA MET C 115 -24.20 7.87 24.29
C MET C 115 -23.52 7.14 25.43
N LYS C 116 -24.31 6.43 26.24
CA LYS C 116 -23.79 5.86 27.48
C LYS C 116 -22.85 4.70 27.19
N GLU C 117 -23.27 3.78 26.31
CA GLU C 117 -22.41 2.65 25.95
C GLU C 117 -21.10 3.11 25.35
N ALA C 118 -21.14 4.09 24.44
CA ALA C 118 -19.90 4.59 23.86
C ALA C 118 -18.97 5.12 24.94
N ASN C 119 -19.50 5.88 25.91
CA ASN C 119 -18.71 6.37 27.04
C ASN C 119 -18.12 5.23 27.87
N GLU C 120 -18.92 4.19 28.14
CA GLU C 120 -18.46 3.04 28.91
C GLU C 120 -17.38 2.25 28.20
N ILE C 121 -17.48 2.12 26.86
CA ILE C 121 -16.43 1.42 26.11
C ILE C 121 -15.09 2.13 26.28
N LEU C 122 -15.08 3.46 26.09
CA LEU C 122 -13.85 4.24 26.21
C LEU C 122 -13.31 4.24 27.64
N GLU C 123 -14.17 4.07 28.63
CA GLU C 123 -13.72 4.12 30.01
C GLU C 123 -13.01 2.83 30.43
N LYS C 124 -13.44 1.68 29.88
CA LYS C 124 -12.74 0.41 30.13
C LYS C 124 -11.33 0.43 29.56
N GLU C 125 -11.14 1.06 28.41
CA GLU C 125 -9.84 1.10 27.77
C GLU C 125 -8.93 2.17 28.36
N ALA C 126 -9.41 2.94 29.34
CA ALA C 126 -8.67 4.07 29.90
C ALA C 126 -8.12 4.97 28.80
N SER C 127 -9.03 5.42 27.92
CA SER C 127 -8.65 6.11 26.70
C SER C 127 -8.10 7.50 27.00
N ALA C 128 -7.03 7.89 26.30
CA ALA C 128 -6.53 9.25 26.41
C ALA C 128 -7.28 10.23 25.52
N ASN C 129 -7.69 9.84 24.32
CA ASN C 129 -8.39 10.77 23.44
C ASN C 129 -9.91 10.67 23.57
N ARG C 130 -10.57 11.82 23.50
CA ARG C 130 -12.02 11.91 23.64
C ARG C 130 -12.66 11.94 22.26
N LEU C 131 -13.79 11.24 22.12
CA LEU C 131 -14.52 11.13 20.86
C LEU C 131 -15.44 12.33 20.68
N ALA C 132 -15.28 13.06 19.57
CA ALA C 132 -16.12 14.21 19.27
C ALA C 132 -17.45 13.78 18.65
N ILE C 133 -18.50 14.54 18.96
CA ILE C 133 -19.88 14.17 18.66
C ILE C 133 -20.65 15.42 18.22
N HIS C 134 -21.39 15.29 17.12
CA HIS C 134 -22.43 16.22 16.70
C HIS C 134 -23.81 15.55 16.88
N ILE C 135 -24.82 16.33 17.29
CA ILE C 135 -26.19 15.83 17.47
C ILE C 135 -27.03 16.13 16.24
N ASN C 136 -27.82 15.15 15.79
CA ASN C 136 -28.70 15.30 14.64
C ASN C 136 -30.14 15.52 15.10
N VAL C 137 -30.75 16.60 14.64
CA VAL C 137 -32.14 16.94 14.96
C VAL C 137 -32.98 16.83 13.68
N ASP C 138 -33.99 15.95 13.72
CA ASP C 138 -34.85 15.68 12.57
C ASP C 138 -36.04 16.64 12.56
N THR C 139 -36.02 17.60 11.63
CA THR C 139 -37.12 18.55 11.49
C THR C 139 -37.97 18.31 10.24
N GLY C 140 -38.00 17.09 9.70
CA GLY C 140 -38.88 16.80 8.57
C GLY C 140 -38.31 15.92 7.46
N MET C 141 -36.98 15.75 7.45
CA MET C 141 -36.33 14.81 6.55
C MET C 141 -36.78 13.38 6.83
N GLY C 142 -36.95 13.02 8.10
CA GLY C 142 -37.41 11.68 8.45
C GLY C 142 -36.38 10.57 8.31
N ARG C 143 -35.09 10.90 8.19
CA ARG C 143 -34.07 9.89 8.01
C ARG C 143 -33.50 9.47 9.37
N LEU C 144 -32.64 10.31 9.95
CA LEU C 144 -32.09 10.08 11.27
C LEU C 144 -32.26 11.35 12.11
N GLY C 145 -32.22 11.21 13.42
CA GLY C 145 -32.23 12.34 14.32
C GLY C 145 -33.33 12.27 15.36
N VAL C 146 -33.20 13.16 16.37
CA VAL C 146 -34.16 13.33 17.46
C VAL C 146 -35.26 14.31 17.02
N ARG C 147 -36.51 14.01 17.38
CA ARG C 147 -37.66 14.68 16.78
C ARG C 147 -38.41 15.65 17.69
N THR C 148 -38.25 15.54 19.01
CA THR C 148 -38.94 16.41 19.98
C THR C 148 -37.91 17.20 20.79
N LYS C 149 -38.41 18.14 21.59
CA LYS C 149 -37.54 18.92 22.47
C LYS C 149 -37.41 18.34 23.86
N GLU C 150 -38.38 17.51 24.30
CA GLU C 150 -38.28 16.87 25.61
C GLU C 150 -37.13 15.86 25.62
N GLU C 151 -37.03 15.03 24.59
CA GLU C 151 -36.00 14.02 24.55
C GLU C 151 -34.69 14.55 23.96
N LEU C 152 -34.72 15.68 23.24
CA LEU C 152 -33.47 16.32 22.88
C LEU C 152 -32.74 16.84 24.12
N LEU C 153 -33.48 17.25 25.15
CA LEU C 153 -32.84 17.69 26.40
C LEU C 153 -32.27 16.52 27.19
N GLU C 154 -32.88 15.34 27.10
CA GLU C 154 -32.27 14.15 27.70
C GLU C 154 -30.96 13.77 26.98
N VAL C 155 -30.97 13.77 25.64
CA VAL C 155 -29.75 13.45 24.88
C VAL C 155 -28.63 14.41 25.26
N VAL C 156 -28.93 15.72 25.34
CA VAL C 156 -27.90 16.69 25.70
C VAL C 156 -27.41 16.48 27.14
N LYS C 157 -28.30 16.07 28.06
CA LYS C 157 -27.88 15.84 29.45
C LYS C 157 -26.98 14.62 29.57
N ALA C 158 -27.31 13.55 28.84
CA ALA C 158 -26.48 12.34 28.84
C ALA C 158 -25.07 12.64 28.34
N LEU C 159 -24.95 13.47 27.29
CA LEU C 159 -23.65 13.76 26.71
C LEU C 159 -22.82 14.74 27.54
N LYS C 160 -23.48 15.63 28.28
CA LYS C 160 -22.73 16.55 29.14
C LYS C 160 -22.16 15.86 30.38
N ALA C 161 -22.64 14.65 30.71
CA ALA C 161 -22.13 13.92 31.85
C ALA C 161 -21.05 12.89 31.49
N SER C 162 -20.98 12.46 30.22
CA SER C 162 -19.99 11.48 29.78
C SER C 162 -18.65 12.17 29.59
N LYS C 163 -17.71 11.91 30.49
CA LYS C 163 -16.42 12.61 30.48
C LYS C 163 -15.45 12.10 29.42
N PHE C 164 -15.80 11.06 28.66
CA PHE C 164 -14.96 10.60 27.56
C PHE C 164 -15.51 11.02 26.20
N LEU C 165 -16.58 11.81 26.15
CA LEU C 165 -17.19 12.33 24.94
C LEU C 165 -16.99 13.85 24.89
N ARG C 166 -17.42 14.46 23.78
CA ARG C 166 -17.16 15.88 23.57
C ARG C 166 -18.12 16.45 22.53
N TRP C 167 -18.95 17.43 22.94
CA TRP C 167 -19.95 18.05 22.09
C TRP C 167 -19.35 19.21 21.27
N THR C 168 -19.34 19.07 19.94
CA THR C 168 -18.80 20.12 19.08
C THR C 168 -19.73 20.59 17.95
N GLY C 169 -20.94 20.07 17.83
CA GLY C 169 -21.82 20.58 16.80
C GLY C 169 -23.25 20.09 16.94
N ILE C 170 -24.17 20.84 16.35
CA ILE C 170 -25.57 20.46 16.25
C ILE C 170 -26.14 20.95 14.92
N PHE C 171 -26.88 20.08 14.22
CA PHE C 171 -27.26 20.38 12.85
C PHE C 171 -28.59 19.73 12.52
N THR C 172 -29.11 20.10 11.35
CA THR C 172 -30.30 19.49 10.77
C THR C 172 -30.18 19.66 9.25
N HIS C 173 -31.09 19.01 8.50
CA HIS C 173 -30.99 18.93 7.04
C HIS C 173 -32.32 19.32 6.37
N PHE C 174 -32.26 20.26 5.41
CA PHE C 174 -33.44 20.68 4.64
C PHE C 174 -33.75 19.70 3.53
N SER C 175 -35.04 19.44 3.30
CA SER C 175 -35.46 18.42 2.33
C SER C 175 -36.14 18.96 1.08
N THR C 176 -36.61 20.21 1.07
CA THR C 176 -37.13 20.81 -0.14
C THR C 176 -36.58 22.20 -0.36
N ALA C 177 -35.34 22.46 0.07
CA ALA C 177 -34.78 23.78 -0.14
C ALA C 177 -34.41 24.08 -1.59
N ASP C 178 -34.61 23.14 -2.52
CA ASP C 178 -34.27 23.36 -3.93
C ASP C 178 -35.50 23.57 -4.81
N GLU C 179 -36.68 23.67 -4.21
CA GLU C 179 -37.94 23.75 -4.92
C GLU C 179 -38.53 25.16 -4.83
N PRO C 180 -39.39 25.55 -5.78
CA PRO C 180 -39.96 26.91 -5.75
C PRO C 180 -40.81 27.20 -4.52
N ASP C 181 -41.59 26.24 -4.05
CA ASP C 181 -42.38 26.43 -2.84
C ASP C 181 -41.48 26.37 -1.60
N THR C 182 -41.39 27.48 -0.87
CA THR C 182 -40.52 27.61 0.30
C THR C 182 -41.26 27.38 1.62
N THR C 183 -42.46 26.78 1.55
CA THR C 183 -43.28 26.62 2.76
C THR C 183 -42.65 25.66 3.76
N LEU C 184 -42.16 24.50 3.30
CA LEU C 184 -41.63 23.52 4.24
C LEU C 184 -40.28 23.91 4.78
N THR C 185 -39.46 24.57 3.98
CA THR C 185 -38.18 25.06 4.48
C THR C 185 -38.35 26.07 5.61
N LYS C 186 -39.42 26.87 5.57
CA LYS C 186 -39.62 27.90 6.60
C LYS C 186 -40.18 27.29 7.88
N LEU C 187 -41.02 26.27 7.78
CA LEU C 187 -41.45 25.59 9.00
C LEU C 187 -40.27 24.87 9.65
N GLN C 188 -39.37 24.32 8.84
CA GLN C 188 -38.23 23.60 9.40
C GLN C 188 -37.27 24.53 10.12
N HIS C 189 -37.00 25.71 9.55
CA HIS C 189 -36.14 26.68 10.22
C HIS C 189 -36.74 27.10 11.56
N GLU C 190 -38.02 27.48 11.55
CA GLU C 190 -38.70 27.93 12.76
C GLU C 190 -38.68 26.85 13.83
N LYS C 191 -39.01 25.61 13.45
CA LYS C 191 -38.98 24.50 14.39
C LYS C 191 -37.59 24.34 15.03
N PHE C 192 -36.55 24.49 14.23
CA PHE C 192 -35.19 24.30 14.73
C PHE C 192 -34.75 25.43 15.66
N ILE C 193 -35.21 26.66 15.41
CA ILE C 193 -34.79 27.81 16.21
C ILE C 193 -35.48 27.82 17.57
N SER C 194 -36.74 27.39 17.62
CA SER C 194 -37.42 27.27 18.89
C SER C 194 -36.82 26.15 19.74
N PHE C 195 -36.12 25.21 19.13
CA PHE C 195 -35.46 24.15 19.89
C PHE C 195 -34.20 24.68 20.55
N LEU C 196 -33.36 25.38 19.77
CA LEU C 196 -32.11 25.94 20.28
C LEU C 196 -32.36 27.00 21.35
N SER C 197 -33.54 27.63 21.32
CA SER C 197 -33.91 28.64 22.31
C SER C 197 -34.39 28.00 23.61
N PHE C 198 -35.20 26.94 23.50
CA PHE C 198 -35.58 26.17 24.69
C PHE C 198 -34.35 25.71 25.47
N LEU C 199 -33.30 25.26 24.76
CA LEU C 199 -32.07 24.86 25.43
C LEU C 199 -31.37 26.07 26.05
N LYS C 200 -31.38 27.21 25.37
CA LYS C 200 -30.74 28.40 25.90
C LYS C 200 -31.43 28.90 27.17
N LYS C 201 -32.77 28.86 27.21
CA LYS C 201 -33.49 29.33 28.41
C LYS C 201 -33.27 28.44 29.59
N GLN C 202 -32.33 27.50 29.51
CA GLN C 202 -31.97 26.65 30.64
C GLN C 202 -30.46 26.71 30.88
N GLY C 203 -29.83 27.84 30.55
CA GLY C 203 -28.42 28.06 30.84
C GLY C 203 -27.47 27.16 30.09
N ILE C 204 -27.91 26.56 28.99
CA ILE C 204 -27.08 25.69 28.18
C ILE C 204 -26.44 26.51 27.07
N GLU C 205 -25.12 26.48 26.98
CA GLU C 205 -24.41 27.17 25.92
C GLU C 205 -24.18 26.22 24.75
N LEU C 206 -24.15 26.78 23.53
CA LEU C 206 -24.25 25.97 22.33
C LEU C 206 -22.94 25.97 21.55
N PRO C 207 -22.59 24.86 20.90
CA PRO C 207 -21.43 24.85 19.99
C PRO C 207 -21.84 25.13 18.54
N THR C 208 -21.01 24.72 17.59
CA THR C 208 -21.21 25.01 16.16
C THR C 208 -22.57 24.53 15.63
N VAL C 209 -23.39 25.48 15.15
CA VAL C 209 -24.68 25.22 14.52
C VAL C 209 -24.51 25.31 13.01
N HIS C 210 -24.98 24.29 12.27
CA HIS C 210 -24.95 24.32 10.80
C HIS C 210 -26.19 23.65 10.22
N MET C 211 -26.77 24.25 9.17
CA MET C 211 -27.98 23.65 8.61
C MET C 211 -28.13 23.71 7.10
N CYS C 212 -27.27 24.41 6.36
CA CYS C 212 -27.46 24.63 4.92
C CYS C 212 -26.80 23.54 4.09
N ASN C 213 -27.44 23.18 2.96
CA ASN C 213 -26.79 22.49 1.86
C ASN C 213 -26.49 23.46 0.70
N THR C 214 -26.18 22.93 -0.48
CA THR C 214 -25.85 23.78 -1.64
C THR C 214 -27.02 24.71 -2.00
N ALA C 215 -28.22 24.16 -2.13
CA ALA C 215 -29.38 24.97 -2.48
C ALA C 215 -29.63 26.05 -1.44
N ALA C 216 -29.73 25.65 -0.16
CA ALA C 216 -30.12 26.60 0.88
C ALA C 216 -29.05 27.66 1.16
N ALA C 217 -27.79 27.41 0.83
CA ALA C 217 -26.79 28.47 1.00
C ALA C 217 -26.89 29.53 -0.09
N ILE C 218 -27.48 29.18 -1.22
CA ILE C 218 -27.65 30.10 -2.35
C ILE C 218 -28.91 30.94 -2.17
N ALA C 219 -30.02 30.31 -1.79
CA ALA C 219 -31.33 30.95 -1.77
C ALA C 219 -31.80 31.36 -0.37
N PHE C 220 -30.96 31.20 0.67
CA PHE C 220 -31.24 31.64 2.04
C PHE C 220 -29.94 31.90 2.79
N PRO C 221 -29.07 32.81 2.33
CA PRO C 221 -27.77 33.00 3.01
C PRO C 221 -27.87 33.55 4.43
N GLU C 222 -29.08 33.87 4.90
CA GLU C 222 -29.29 34.32 6.27
C GLU C 222 -29.55 33.15 7.23
N PHE C 223 -29.41 31.91 6.73
CA PHE C 223 -29.50 30.72 7.56
C PHE C 223 -28.13 30.09 7.79
N SER C 224 -27.05 30.83 7.50
CA SER C 224 -25.70 30.27 7.50
C SER C 224 -25.25 29.82 8.89
N ALA C 225 -25.75 30.46 9.95
CA ALA C 225 -25.34 30.17 11.34
C ALA C 225 -23.80 30.19 11.38
N ASP C 226 -23.14 29.16 11.92
CA ASP C 226 -21.68 29.14 12.03
C ASP C 226 -20.97 28.46 10.85
N MET C 227 -21.64 27.55 10.13
CA MET C 227 -20.97 26.69 9.14
C MET C 227 -21.99 26.22 8.10
N ILE C 228 -21.54 26.08 6.86
CA ILE C 228 -22.36 25.51 5.79
C ILE C 228 -21.69 24.26 5.25
N ARG C 229 -22.50 23.37 4.67
CA ARG C 229 -22.03 22.09 4.11
C ARG C 229 -22.17 22.13 2.59
N LEU C 230 -21.05 22.23 1.89
CA LEU C 230 -21.03 22.45 0.44
C LEU C 230 -20.73 21.13 -0.27
N GLY C 231 -21.75 20.58 -0.94
CA GLY C 231 -21.60 19.32 -1.66
C GLY C 231 -21.61 19.42 -3.18
N ILE C 232 -22.79 19.38 -3.81
CA ILE C 232 -22.84 19.33 -5.28
C ILE C 232 -22.24 20.57 -5.92
N GLY C 233 -22.40 21.75 -5.30
CA GLY C 233 -21.84 22.96 -5.86
C GLY C 233 -20.33 22.93 -5.98
N LEU C 234 -19.67 22.22 -5.06
CA LEU C 234 -18.22 22.09 -5.11
C LEU C 234 -17.71 21.56 -6.45
N TYR C 235 -18.46 20.64 -7.08
CA TYR C 235 -18.04 20.02 -8.34
C TYR C 235 -18.60 20.75 -9.57
N GLY C 236 -19.21 21.92 -9.39
CA GLY C 236 -19.64 22.75 -10.50
C GLY C 236 -21.02 22.43 -11.02
N LEU C 237 -21.80 21.65 -10.28
CA LEU C 237 -23.12 21.21 -10.71
C LEU C 237 -24.15 21.84 -9.79
N TYR C 238 -25.32 22.17 -10.37
CA TYR C 238 -26.44 22.84 -9.72
C TYR C 238 -27.43 21.82 -9.15
N PRO C 239 -28.03 22.12 -8.00
CA PRO C 239 -28.91 21.13 -7.34
C PRO C 239 -30.27 20.95 -8.02
N SER C 240 -30.73 21.90 -8.82
CA SER C 240 -31.98 21.80 -9.57
C SER C 240 -32.04 22.93 -10.59
N ALA C 241 -33.03 22.86 -11.47
CA ALA C 241 -33.18 23.86 -12.54
C ALA C 241 -33.53 25.24 -11.95
N TYR C 242 -34.43 25.27 -10.97
CA TYR C 242 -34.87 26.51 -10.35
C TYR C 242 -33.71 27.27 -9.73
N ILE C 243 -32.86 26.57 -8.96
CA ILE C 243 -31.73 27.18 -8.29
C ILE C 243 -30.79 27.84 -9.30
N LYS C 244 -30.66 27.24 -10.48
CA LYS C 244 -29.88 27.85 -11.56
C LYS C 244 -30.50 29.14 -12.07
N GLN C 245 -31.83 29.26 -12.04
CA GLN C 245 -32.51 30.40 -12.66
C GLN C 245 -32.35 31.70 -11.87
N LEU C 246 -32.11 31.61 -10.56
CA LEU C 246 -32.01 32.82 -9.74
C LEU C 246 -30.80 33.69 -10.11
N ASN C 247 -29.87 33.16 -10.89
CA ASN C 247 -28.70 33.89 -11.40
C ASN C 247 -27.98 34.65 -10.28
N LEU C 248 -27.57 33.90 -9.26
CA LEU C 248 -26.87 34.48 -8.12
C LEU C 248 -25.40 34.12 -8.05
N VAL C 249 -25.04 32.86 -8.30
CA VAL C 249 -23.66 32.39 -8.22
C VAL C 249 -23.33 31.68 -9.53
N LYS C 250 -22.06 31.75 -9.93
CA LYS C 250 -21.61 31.23 -11.21
C LYS C 250 -20.72 30.01 -10.99
N LEU C 251 -21.18 28.85 -11.46
CA LEU C 251 -20.52 27.56 -11.26
C LEU C 251 -19.97 27.03 -12.59
N GLU C 252 -18.91 26.20 -12.49
CA GLU C 252 -18.23 25.65 -13.67
C GLU C 252 -17.94 24.16 -13.49
N PRO C 253 -18.48 23.29 -14.36
CA PRO C 253 -18.31 21.83 -14.17
C PRO C 253 -16.85 21.41 -14.24
N ALA C 254 -16.50 20.38 -13.46
CA ALA C 254 -15.10 20.02 -13.25
C ALA C 254 -14.63 18.72 -13.93
N LEU C 255 -15.54 17.79 -14.23
CA LEU C 255 -15.21 16.47 -14.77
C LEU C 255 -15.58 16.32 -16.25
N SER C 256 -14.76 15.55 -16.98
CA SER C 256 -15.14 15.05 -18.29
C SER C 256 -14.56 13.64 -18.50
N LEU C 257 -15.11 12.94 -19.50
CA LEU C 257 -14.87 11.52 -19.78
C LEU C 257 -14.55 11.29 -21.26
N LYS C 258 -13.45 10.59 -21.56
CA LYS C 258 -12.96 10.46 -22.95
C LYS C 258 -12.48 9.05 -23.26
N ALA C 259 -12.26 8.76 -24.55
CA ALA C 259 -11.67 7.50 -24.99
C ALA C 259 -11.06 7.65 -26.39
N ARG C 260 -10.39 6.58 -26.85
CA ARG C 260 -9.83 6.48 -28.20
C ARG C 260 -10.45 5.31 -28.96
N ILE C 261 -10.64 5.49 -30.27
CA ILE C 261 -11.27 4.49 -31.14
C ILE C 261 -10.41 3.23 -31.26
N ALA C 262 -11.06 2.05 -31.17
CA ALA C 262 -10.34 0.77 -31.25
C ALA C 262 -10.26 0.15 -32.65
N TYR C 263 -11.27 0.32 -33.52
CA TYR C 263 -11.27 -0.30 -34.84
C TYR C 263 -12.30 0.41 -35.73
N VAL C 264 -11.98 0.52 -37.02
CA VAL C 264 -12.87 1.11 -38.02
C VAL C 264 -13.01 0.16 -39.21
N LYS C 265 -14.24 -0.01 -39.70
CA LYS C 265 -14.47 -0.89 -40.84
C LYS C 265 -15.64 -0.36 -41.68
N THR C 266 -15.57 -0.62 -42.99
CA THR C 266 -16.73 -0.47 -43.87
C THR C 266 -17.49 -1.79 -43.90
N MET C 267 -18.82 -1.70 -43.86
CA MET C 267 -19.68 -2.86 -43.66
C MET C 267 -20.02 -3.50 -45.01
N ARG C 268 -19.03 -4.14 -45.64
CA ARG C 268 -19.12 -4.44 -47.07
C ARG C 268 -19.47 -5.88 -47.41
N THR C 269 -19.39 -6.83 -46.48
CA THR C 269 -19.81 -8.20 -46.72
C THR C 269 -20.95 -8.56 -45.77
N GLU C 270 -21.48 -9.77 -45.93
CA GLU C 270 -22.67 -10.16 -45.20
C GLU C 270 -22.37 -11.23 -44.16
N PRO C 271 -23.12 -11.29 -43.04
CA PRO C 271 -24.19 -10.35 -42.66
C PRO C 271 -23.67 -9.04 -42.08
N ARG C 272 -24.56 -8.04 -42.03
CA ARG C 272 -24.25 -6.69 -41.58
C ARG C 272 -24.93 -6.35 -40.25
N THR C 273 -25.20 -7.40 -39.46
CA THR C 273 -25.79 -7.26 -38.12
C THR C 273 -24.78 -6.65 -37.14
N VAL C 274 -25.26 -5.82 -36.21
CA VAL C 274 -24.39 -5.12 -35.25
C VAL C 274 -24.86 -5.39 -33.82
N SER C 275 -24.00 -6.04 -33.04
CA SER C 275 -24.13 -6.28 -31.59
C SER C 275 -25.19 -7.31 -31.23
N TYR C 276 -25.41 -7.50 -29.92
CA TYR C 276 -26.30 -8.54 -29.42
C TYR C 276 -27.75 -8.30 -29.83
N GLY C 277 -28.48 -9.39 -30.01
CA GLY C 277 -29.85 -9.32 -30.50
C GLY C 277 -29.98 -8.95 -31.96
N ALA C 278 -28.91 -8.52 -32.63
CA ALA C 278 -28.97 -8.12 -34.04
C ALA C 278 -30.03 -7.05 -34.26
N THR C 279 -30.12 -6.11 -33.32
CA THR C 279 -31.12 -5.04 -33.37
C THR C 279 -30.77 -3.93 -34.37
N TYR C 280 -29.56 -3.94 -34.94
CA TYR C 280 -29.12 -2.93 -35.90
C TYR C 280 -28.51 -3.63 -37.10
N ILE C 281 -28.90 -3.19 -38.30
CA ILE C 281 -28.41 -3.73 -39.57
C ILE C 281 -27.81 -2.57 -40.36
N ALA C 282 -26.55 -2.70 -40.74
CA ALA C 282 -25.81 -1.62 -41.35
C ALA C 282 -26.02 -1.59 -42.86
N GLU C 283 -25.85 -0.39 -43.44
CA GLU C 283 -25.85 -0.21 -44.88
C GLU C 283 -24.58 -0.80 -45.49
N PRO C 284 -24.57 -1.05 -46.81
CA PRO C 284 -23.36 -1.64 -47.44
C PRO C 284 -22.15 -0.71 -47.48
N ASN C 285 -22.35 0.60 -47.35
CA ASN C 285 -21.24 1.57 -47.37
C ASN C 285 -21.04 2.25 -46.01
N GLU C 286 -21.67 1.72 -44.97
CA GLU C 286 -21.60 2.34 -43.64
C GLU C 286 -20.26 2.04 -42.98
N VAL C 287 -19.82 2.99 -42.16
CA VAL C 287 -18.56 2.86 -41.42
C VAL C 287 -18.93 2.77 -39.93
N ILE C 288 -18.56 1.65 -39.30
CA ILE C 288 -18.85 1.38 -37.89
C ILE C 288 -17.54 1.41 -37.11
N ALA C 289 -17.57 2.03 -35.92
CA ALA C 289 -16.37 2.17 -35.12
C ALA C 289 -16.62 1.65 -33.71
N THR C 290 -15.57 1.10 -33.11
CA THR C 290 -15.67 0.42 -31.81
C THR C 290 -14.92 1.18 -30.73
N LEU C 291 -15.60 1.48 -29.63
CA LEU C 291 -15.04 2.23 -28.50
C LEU C 291 -15.02 1.40 -27.21
N PRO C 292 -13.95 1.53 -26.40
CA PRO C 292 -13.78 0.70 -25.18
C PRO C 292 -14.43 1.29 -23.92
N ILE C 293 -15.76 1.37 -23.92
CA ILE C 293 -16.53 1.68 -22.72
C ILE C 293 -17.84 0.88 -22.76
N GLY C 294 -18.34 0.50 -21.56
CA GLY C 294 -19.53 -0.35 -21.44
C GLY C 294 -20.38 -0.11 -20.20
N TYR C 295 -21.40 -0.95 -19.96
CA TYR C 295 -22.26 -0.73 -18.78
C TYR C 295 -21.56 -1.10 -17.48
N ALA C 296 -20.57 -1.99 -17.51
CA ALA C 296 -19.85 -2.26 -16.26
C ALA C 296 -18.98 -1.09 -15.83
N ASP C 297 -18.73 -0.10 -16.71
CA ASP C 297 -18.08 1.15 -16.36
C ASP C 297 -19.05 2.17 -15.76
N GLY C 298 -20.36 1.94 -15.86
CA GLY C 298 -21.37 2.92 -15.52
C GLY C 298 -22.07 3.60 -16.70
N TYR C 299 -21.73 3.25 -17.96
CA TYR C 299 -22.45 3.78 -19.13
C TYR C 299 -23.71 2.94 -19.38
N SER C 300 -24.86 3.46 -18.92
CA SER C 300 -26.09 2.70 -18.78
C SER C 300 -26.51 1.98 -20.07
N ARG C 301 -26.99 0.75 -19.93
CA ARG C 301 -27.45 -0.06 -21.06
C ARG C 301 -28.72 0.51 -21.68
N ALA C 302 -29.48 1.34 -20.93
CA ALA C 302 -30.67 1.98 -21.46
C ALA C 302 -30.34 2.97 -22.57
N LEU C 303 -29.08 3.39 -22.69
CA LEU C 303 -28.66 4.25 -23.79
C LEU C 303 -28.52 3.50 -25.13
N SER C 304 -28.90 2.21 -25.18
CA SER C 304 -28.83 1.43 -26.42
C SER C 304 -29.72 2.02 -27.52
N ASN C 305 -29.11 2.25 -28.69
CA ASN C 305 -29.78 2.89 -29.84
C ASN C 305 -30.36 4.26 -29.46
N ARG C 306 -29.74 4.94 -28.50
CA ARG C 306 -30.31 6.21 -28.06
C ARG C 306 -29.26 7.28 -27.81
N GLY C 307 -28.10 6.89 -27.28
CA GLY C 307 -27.10 7.84 -26.84
C GLY C 307 -26.25 8.42 -27.96
N PHE C 308 -25.32 9.27 -27.56
CA PHE C 308 -24.52 10.07 -28.47
C PHE C 308 -23.16 10.33 -27.84
N VAL C 309 -22.13 10.46 -28.70
CA VAL C 309 -20.82 10.96 -28.30
C VAL C 309 -20.39 12.09 -29.26
N LEU C 310 -19.19 12.62 -29.04
CA LEU C 310 -18.62 13.68 -29.86
C LEU C 310 -17.37 13.18 -30.58
N HIS C 311 -17.38 13.22 -31.91
CA HIS C 311 -16.22 12.88 -32.75
C HIS C 311 -15.96 14.04 -33.71
N ARG C 312 -14.75 14.59 -33.66
CA ARG C 312 -14.33 15.72 -34.50
C ARG C 312 -15.39 16.83 -34.48
N GLY C 313 -15.94 17.11 -33.31
CA GLY C 313 -16.90 18.18 -33.15
C GLY C 313 -18.34 17.83 -33.44
N LYS C 314 -18.62 16.62 -33.92
CA LYS C 314 -19.97 16.26 -34.32
C LYS C 314 -20.53 15.17 -33.41
N ARG C 315 -21.87 15.13 -33.33
CA ARG C 315 -22.61 14.16 -32.52
C ARG C 315 -22.96 12.94 -33.36
N VAL C 316 -22.36 11.79 -33.04
CA VAL C 316 -22.60 10.54 -33.75
C VAL C 316 -23.35 9.55 -32.85
N PRO C 317 -24.30 8.80 -33.39
CA PRO C 317 -25.16 7.97 -32.56
C PRO C 317 -24.58 6.60 -32.22
N VAL C 318 -25.15 6.04 -31.15
CA VAL C 318 -24.85 4.69 -30.71
C VAL C 318 -25.64 3.70 -31.55
N ALA C 319 -24.94 2.72 -32.14
CA ALA C 319 -25.53 1.73 -33.04
C ALA C 319 -25.60 0.38 -32.33
N GLY C 320 -26.82 -0.07 -32.02
CA GLY C 320 -27.01 -1.37 -31.42
C GLY C 320 -27.07 -1.30 -29.92
N ARG C 321 -26.90 -2.46 -29.29
CA ARG C 321 -26.96 -2.62 -27.84
C ARG C 321 -25.60 -2.32 -27.20
N VAL C 322 -25.63 -1.60 -26.07
CA VAL C 322 -24.45 -1.51 -25.20
C VAL C 322 -24.08 -2.90 -24.68
N THR C 323 -22.76 -3.22 -24.70
CA THR C 323 -22.27 -4.46 -24.08
C THR C 323 -21.44 -4.14 -22.83
N MET C 324 -20.94 -5.20 -22.15
CA MET C 324 -20.30 -5.04 -20.84
C MET C 324 -19.09 -4.12 -20.91
N ASP C 325 -18.26 -4.26 -21.95
CA ASP C 325 -17.01 -3.53 -22.04
C ASP C 325 -16.84 -2.62 -23.27
N MET C 326 -17.80 -2.59 -24.21
CA MET C 326 -17.56 -1.98 -25.53
C MET C 326 -18.86 -1.45 -26.12
N ILE C 327 -18.76 -0.38 -26.95
CA ILE C 327 -19.89 0.14 -27.72
C ILE C 327 -19.47 0.38 -29.16
N MET C 328 -20.44 0.28 -30.09
CA MET C 328 -20.28 0.61 -31.50
C MET C 328 -21.04 1.88 -31.86
N VAL C 329 -20.46 2.71 -32.74
CA VAL C 329 -21.12 3.92 -33.20
C VAL C 329 -21.05 3.98 -34.71
N SER C 330 -22.01 4.69 -35.32
CA SER C 330 -22.07 4.86 -36.76
C SER C 330 -21.48 6.21 -37.15
N LEU C 331 -20.49 6.17 -38.04
CA LEU C 331 -19.86 7.34 -38.67
C LEU C 331 -20.49 7.70 -40.03
N GLY C 332 -21.42 6.90 -40.53
CA GLY C 332 -22.23 7.23 -41.68
C GLY C 332 -21.75 6.58 -42.97
N GLU C 333 -22.45 6.93 -44.06
CA GLU C 333 -22.07 6.54 -45.40
C GLU C 333 -20.71 7.14 -45.76
N ASN C 334 -19.70 6.29 -45.90
CA ASN C 334 -18.33 6.73 -46.09
C ASN C 334 -17.99 7.90 -45.15
N GLY C 335 -17.87 7.61 -43.85
CA GLY C 335 -17.48 8.63 -42.90
C GLY C 335 -15.98 8.67 -42.67
N GLU C 336 -15.49 9.86 -42.30
CA GLU C 336 -14.09 10.03 -41.94
C GLU C 336 -13.85 9.60 -40.51
N GLY C 337 -12.79 8.83 -40.29
CA GLY C 337 -12.47 8.32 -38.97
C GLY C 337 -11.34 7.31 -39.04
N LYS C 338 -10.48 7.29 -38.02
CA LYS C 338 -9.26 6.51 -38.01
C LYS C 338 -9.06 5.85 -36.65
N GLN C 339 -8.40 4.69 -36.66
CA GLN C 339 -7.97 4.05 -35.42
C GLN C 339 -7.03 4.98 -34.66
N GLY C 340 -7.38 5.31 -33.40
CA GLY C 340 -6.63 6.23 -32.58
C GLY C 340 -7.29 7.58 -32.29
N ASP C 341 -8.31 7.99 -33.06
CA ASP C 341 -8.90 9.31 -32.83
C ASP C 341 -9.50 9.40 -31.43
N GLU C 342 -9.60 10.62 -30.92
CA GLU C 342 -10.15 10.86 -29.58
C GLU C 342 -11.65 11.15 -29.68
N VAL C 343 -12.44 10.61 -28.74
CA VAL C 343 -13.84 10.98 -28.59
C VAL C 343 -14.14 11.37 -27.15
N VAL C 344 -15.23 12.14 -26.98
CA VAL C 344 -15.69 12.63 -25.69
C VAL C 344 -17.10 12.10 -25.45
N ILE C 345 -17.31 11.48 -24.29
CA ILE C 345 -18.60 10.89 -23.92
C ILE C 345 -19.40 11.81 -22.99
N TYR C 346 -18.73 12.46 -22.05
CA TYR C 346 -19.29 13.54 -21.23
C TYR C 346 -18.31 14.69 -21.28
N GLY C 347 -18.77 15.88 -21.65
CA GLY C 347 -17.85 17.00 -21.72
C GLY C 347 -17.99 17.90 -22.94
N LYS C 348 -16.85 18.42 -23.40
CA LYS C 348 -16.78 19.48 -24.41
C LYS C 348 -15.77 19.11 -25.48
N GLN C 349 -16.18 19.20 -26.75
CA GLN C 349 -15.25 19.07 -27.88
C GLN C 349 -15.59 20.12 -28.93
N LYS C 350 -14.58 20.91 -29.31
CA LYS C 350 -14.72 22.05 -30.23
C LYS C 350 -15.83 22.94 -29.66
N GLY C 351 -16.83 23.33 -30.44
CA GLY C 351 -17.92 24.07 -29.85
C GLY C 351 -19.08 23.23 -29.37
N ALA C 352 -18.92 21.91 -29.30
CA ALA C 352 -20.00 20.99 -28.93
C ALA C 352 -19.88 20.58 -27.46
N GLU C 353 -21.01 20.14 -26.90
CA GLU C 353 -21.08 19.79 -25.50
C GLU C 353 -22.19 18.78 -25.22
N ILE C 354 -21.89 17.77 -24.39
CA ILE C 354 -22.90 16.85 -23.85
C ILE C 354 -22.78 16.93 -22.33
N SER C 355 -23.66 17.70 -21.69
CA SER C 355 -23.50 17.95 -20.26
C SER C 355 -24.05 16.78 -19.43
N VAL C 356 -23.61 16.73 -18.15
CA VAL C 356 -24.07 15.69 -17.23
C VAL C 356 -25.57 15.81 -16.96
N ASP C 357 -26.12 17.05 -17.00
CA ASP C 357 -27.56 17.21 -16.77
C ASP C 357 -28.40 16.66 -17.92
N GLU C 358 -27.90 16.77 -19.16
CA GLU C 358 -28.62 16.22 -20.30
C GLU C 358 -28.78 14.71 -20.18
N VAL C 359 -27.67 14.00 -19.98
CA VAL C 359 -27.73 12.53 -19.89
C VAL C 359 -28.71 12.11 -18.81
N ALA C 360 -28.67 12.79 -17.67
CA ALA C 360 -29.54 12.46 -16.54
C ALA C 360 -31.01 12.66 -16.88
N GLU C 361 -31.34 13.71 -17.64
CA GLU C 361 -32.74 13.90 -18.02
C GLU C 361 -33.21 12.79 -18.97
N MET C 362 -32.38 12.45 -19.95
CA MET C 362 -32.55 11.24 -20.75
C MET C 362 -32.95 9.99 -19.94
N LEU C 363 -32.27 9.74 -18.82
CA LEU C 363 -32.48 8.51 -18.06
C LEU C 363 -33.56 8.64 -17.01
N ASN C 364 -34.14 9.84 -16.82
CA ASN C 364 -35.18 10.12 -15.79
C ASN C 364 -34.62 9.98 -14.36
N THR C 365 -33.48 10.63 -14.12
CA THR C 365 -32.86 10.71 -12.81
C THR C 365 -32.11 12.04 -12.73
N ILE C 366 -31.26 12.20 -11.71
CA ILE C 366 -30.63 13.47 -11.40
C ILE C 366 -29.12 13.39 -11.67
N ASN C 367 -28.46 14.55 -11.62
CA ASN C 367 -27.04 14.58 -11.95
C ASN C 367 -26.19 13.87 -10.89
N TYR C 368 -26.53 14.04 -9.60
CA TYR C 368 -25.93 13.26 -8.51
C TYR C 368 -25.62 11.81 -8.89
N GLU C 369 -26.60 11.07 -9.43
CA GLU C 369 -26.43 9.63 -9.66
C GLU C 369 -25.53 9.34 -10.86
N VAL C 370 -25.55 10.19 -11.89
CA VAL C 370 -24.75 9.90 -13.08
C VAL C 370 -23.26 9.93 -12.76
N VAL C 371 -22.81 10.93 -11.98
CA VAL C 371 -21.37 11.09 -11.76
C VAL C 371 -20.86 10.14 -10.67
N SER C 372 -21.67 9.86 -9.66
CA SER C 372 -21.21 9.06 -8.53
C SER C 372 -21.30 7.55 -8.78
N THR C 373 -21.78 7.11 -9.95
CA THR C 373 -21.80 5.69 -10.31
C THR C 373 -20.71 5.31 -11.32
N LEU C 374 -19.72 6.18 -11.52
CA LEU C 374 -18.63 5.87 -12.45
C LEU C 374 -17.64 4.90 -11.82
N SER C 375 -17.39 3.78 -12.50
CA SER C 375 -16.63 2.67 -11.94
C SER C 375 -15.17 3.05 -11.65
N ARG C 376 -14.62 2.43 -10.60
CA ARG C 376 -13.24 2.65 -10.19
C ARG C 376 -12.22 1.93 -11.07
N ARG C 377 -12.63 1.17 -12.09
CA ARG C 377 -11.61 0.68 -13.01
C ARG C 377 -11.28 1.68 -14.11
N ILE C 378 -11.92 2.85 -14.13
CA ILE C 378 -11.53 3.95 -15.02
C ILE C 378 -10.53 4.83 -14.29
N PRO C 379 -9.31 5.02 -14.80
CA PRO C 379 -8.33 5.88 -14.12
C PRO C 379 -8.68 7.36 -14.27
N ARG C 380 -8.32 8.12 -13.24
CA ARG C 380 -8.57 9.56 -13.15
C ARG C 380 -7.26 10.34 -13.22
N PHE C 381 -7.29 11.45 -13.97
CA PHE C 381 -6.18 12.39 -14.13
C PHE C 381 -6.62 13.77 -13.66
N TYR C 382 -5.66 14.56 -13.13
CA TYR C 382 -5.94 15.85 -12.52
C TYR C 382 -5.22 17.00 -13.26
N ILE C 383 -5.88 18.16 -13.31
CA ILE C 383 -5.38 19.34 -14.03
C ILE C 383 -5.28 20.51 -13.05
N ARG C 384 -4.06 21.02 -12.88
CA ARG C 384 -3.80 22.17 -12.00
C ARG C 384 -2.76 23.07 -12.67
N ASP C 385 -3.14 24.32 -12.93
CA ASP C 385 -2.29 25.28 -13.63
C ASP C 385 -1.87 24.76 -15.01
N GLY C 386 -2.82 24.17 -15.73
CA GLY C 386 -2.62 23.80 -17.13
C GLY C 386 -1.96 22.46 -17.37
N GLU C 387 -1.37 21.84 -16.35
CA GLU C 387 -0.64 20.60 -16.51
C GLU C 387 -1.35 19.46 -15.78
N ILE C 388 -0.94 18.23 -16.11
CA ILE C 388 -1.67 17.02 -15.77
C ILE C 388 -0.80 16.14 -14.87
N PHE C 389 -1.43 15.43 -13.91
CA PHE C 389 -0.70 14.49 -13.05
C PHE C 389 -1.62 13.36 -12.57
N LYS C 390 -1.01 12.37 -11.91
CA LYS C 390 -1.64 11.13 -11.44
C LYS C 390 -2.61 10.51 -12.44
N MET D 5 -19.39 -12.13 14.86
CA MET D 5 -19.40 -12.83 13.58
C MET D 5 -18.91 -11.92 12.45
N ILE D 6 -19.80 -11.04 11.99
CA ILE D 6 -19.53 -10.04 10.94
C ILE D 6 -19.55 -8.68 11.63
N LYS D 7 -18.46 -7.93 11.50
CA LYS D 7 -18.30 -6.67 12.22
C LYS D 7 -17.86 -5.57 11.27
N LEU D 8 -18.67 -4.50 11.21
CA LEU D 8 -18.51 -3.43 10.25
C LEU D 8 -18.86 -2.11 10.92
N CYS D 9 -18.32 -1.03 10.38
CA CYS D 9 -18.72 0.31 10.83
C CYS D 9 -20.04 0.73 10.17
N ARG D 10 -20.11 0.64 8.84
CA ARG D 10 -21.35 0.78 8.07
C ARG D 10 -21.77 -0.63 7.64
N GLU D 11 -23.00 -1.02 7.99
CA GLU D 11 -23.38 -2.45 8.00
C GLU D 11 -24.15 -2.85 6.73
N VAL D 12 -23.39 -3.00 5.63
CA VAL D 12 -23.89 -3.56 4.37
C VAL D 12 -22.77 -4.43 3.79
N TRP D 13 -23.11 -5.62 3.24
CA TRP D 13 -22.07 -6.53 2.73
C TRP D 13 -22.60 -7.45 1.62
N ILE D 14 -21.69 -8.23 1.01
CA ILE D 14 -21.97 -9.19 -0.06
C ILE D 14 -21.41 -10.56 0.32
N GLU D 15 -22.21 -11.63 0.15
CA GLU D 15 -21.76 -13.00 0.35
C GLU D 15 -21.77 -13.76 -0.98
N VAL D 16 -20.62 -14.34 -1.35
CA VAL D 16 -20.45 -15.19 -2.53
C VAL D 16 -20.23 -16.64 -2.09
N ASN D 17 -21.03 -17.58 -2.65
CA ASN D 17 -20.99 -18.98 -2.22
C ASN D 17 -20.16 -19.79 -3.21
N LEU D 18 -18.97 -20.25 -2.78
CA LEU D 18 -18.08 -20.97 -3.70
C LEU D 18 -18.47 -22.44 -3.87
N ASP D 19 -19.26 -22.99 -2.94
CA ASP D 19 -19.87 -24.30 -3.18
C ASP D 19 -20.75 -24.29 -4.43
N ALA D 20 -21.61 -23.27 -4.56
CA ALA D 20 -22.46 -23.16 -5.75
C ALA D 20 -21.64 -23.15 -7.04
N VAL D 21 -20.60 -22.31 -7.08
CA VAL D 21 -19.74 -22.17 -8.27
C VAL D 21 -19.15 -23.52 -8.69
N LYS D 22 -18.69 -24.33 -7.73
CA LYS D 22 -18.14 -25.65 -8.07
C LYS D 22 -19.23 -26.57 -8.63
N LYS D 23 -20.44 -26.52 -8.05
CA LYS D 23 -21.55 -27.28 -8.63
C LYS D 23 -21.80 -26.87 -10.08
N ASN D 24 -21.78 -25.57 -10.36
CA ASN D 24 -22.03 -25.10 -11.71
C ASN D 24 -20.97 -25.59 -12.70
N LEU D 25 -19.70 -25.65 -12.26
CA LEU D 25 -18.65 -26.16 -13.14
C LEU D 25 -18.92 -27.61 -13.52
N ARG D 26 -19.13 -28.48 -12.52
CA ARG D 26 -19.36 -29.90 -12.78
C ARG D 26 -20.55 -30.12 -13.70
N ALA D 27 -21.64 -29.35 -13.52
CA ALA D 27 -22.81 -29.53 -14.35
C ALA D 27 -22.51 -29.25 -15.83
N ILE D 28 -21.57 -28.34 -16.12
CA ILE D 28 -21.26 -28.07 -17.53
C ILE D 28 -20.33 -29.13 -18.11
N ARG D 29 -19.38 -29.63 -17.30
CA ARG D 29 -18.38 -30.58 -17.78
C ARG D 29 -19.03 -31.88 -18.23
N ARG D 30 -19.89 -32.42 -17.38
CA ARG D 30 -21.07 -33.20 -17.71
C ARG D 30 -21.61 -33.12 -19.13
N HIS D 31 -22.01 -31.91 -19.53
CA HIS D 31 -22.85 -31.70 -20.70
C HIS D 31 -22.05 -31.74 -21.99
N ILE D 32 -20.79 -31.35 -21.96
CA ILE D 32 -20.05 -31.18 -23.21
C ILE D 32 -19.15 -32.40 -23.42
N PRO D 33 -18.69 -32.67 -24.65
CA PRO D 33 -17.87 -33.86 -24.89
C PRO D 33 -16.53 -33.82 -24.15
N HIS D 34 -15.97 -35.03 -23.98
CA HIS D 34 -14.91 -35.27 -22.99
C HIS D 34 -13.55 -34.68 -23.37
N LYS D 35 -13.35 -34.23 -24.61
CA LYS D 35 -12.05 -33.73 -25.02
C LYS D 35 -12.02 -32.21 -25.17
N SER D 36 -13.08 -31.52 -24.80
CA SER D 36 -13.09 -30.05 -24.83
C SER D 36 -12.69 -29.49 -23.47
N LYS D 37 -11.88 -28.42 -23.50
CA LYS D 37 -11.46 -27.75 -22.28
C LYS D 37 -12.41 -26.60 -21.95
N ILE D 38 -12.29 -26.07 -20.73
CA ILE D 38 -13.13 -24.97 -20.25
C ILE D 38 -12.27 -23.75 -19.96
N MET D 39 -12.66 -22.61 -20.52
CA MET D 39 -12.06 -21.31 -20.22
C MET D 39 -13.06 -20.51 -19.41
N ALA D 40 -12.66 -20.11 -18.20
CA ALA D 40 -13.49 -19.34 -17.28
C ALA D 40 -13.34 -17.85 -17.52
N VAL D 41 -14.47 -17.16 -17.68
CA VAL D 41 -14.50 -15.73 -18.02
C VAL D 41 -14.68 -14.91 -16.74
N VAL D 42 -13.71 -14.05 -16.44
CA VAL D 42 -13.54 -13.50 -15.10
C VAL D 42 -13.38 -11.98 -15.13
N LYS D 43 -13.72 -11.36 -16.26
CA LYS D 43 -13.57 -9.92 -16.50
C LYS D 43 -14.56 -9.10 -15.67
N ALA D 44 -14.34 -7.79 -15.64
CA ALA D 44 -15.17 -6.85 -14.84
C ALA D 44 -15.30 -7.29 -13.38
N ASN D 45 -14.16 -7.48 -12.72
CA ASN D 45 -14.12 -7.89 -11.31
C ASN D 45 -14.98 -9.13 -11.05
N GLY D 46 -14.76 -10.18 -11.85
CA GLY D 46 -15.58 -11.38 -11.74
C GLY D 46 -17.09 -11.15 -11.81
N TYR D 47 -17.54 -10.36 -12.80
CA TYR D 47 -18.95 -9.94 -12.92
C TYR D 47 -19.50 -9.41 -11.59
N GLY D 48 -18.66 -8.66 -10.86
CA GLY D 48 -19.01 -8.09 -9.57
C GLY D 48 -18.83 -9.02 -8.38
N HIS D 49 -18.41 -10.27 -8.59
CA HIS D 49 -18.20 -11.23 -7.50
C HIS D 49 -16.79 -11.19 -6.91
N GLY D 50 -15.84 -10.50 -7.55
CA GLY D 50 -14.43 -10.59 -7.19
C GLY D 50 -13.69 -11.55 -8.09
N SER D 51 -12.71 -11.04 -8.83
CA SER D 51 -12.03 -11.87 -9.83
C SER D 51 -11.05 -12.86 -9.18
N ILE D 52 -10.40 -12.46 -8.09
CA ILE D 52 -9.25 -13.22 -7.62
C ILE D 52 -9.69 -14.58 -7.06
N GLU D 53 -10.66 -14.56 -6.12
CA GLU D 53 -11.03 -15.83 -5.48
C GLU D 53 -11.78 -16.75 -6.44
N VAL D 54 -12.64 -16.20 -7.32
CA VAL D 54 -13.41 -17.05 -8.24
C VAL D 54 -12.49 -17.77 -9.23
N ALA D 55 -11.50 -17.05 -9.78
CA ALA D 55 -10.56 -17.69 -10.69
C ALA D 55 -9.74 -18.77 -10.00
N ARG D 56 -9.34 -18.50 -8.74
CA ARG D 56 -8.55 -19.47 -7.98
C ARG D 56 -9.31 -20.77 -7.80
N HIS D 57 -10.58 -20.66 -7.37
CA HIS D 57 -11.39 -21.85 -7.12
C HIS D 57 -11.74 -22.57 -8.42
N ALA D 58 -11.94 -21.84 -9.52
CA ALA D 58 -12.39 -22.49 -10.77
C ALA D 58 -11.29 -23.35 -11.38
N LEU D 59 -10.03 -22.91 -11.30
CA LEU D 59 -8.92 -23.65 -11.87
C LEU D 59 -8.64 -24.94 -11.11
N GLU D 60 -9.12 -25.05 -9.88
CA GLU D 60 -8.99 -26.27 -9.09
C GLU D 60 -10.07 -27.28 -9.40
N HIS D 61 -11.22 -26.87 -9.94
CA HIS D 61 -12.33 -27.79 -10.12
C HIS D 61 -12.79 -27.86 -11.58
N GLY D 62 -11.86 -27.72 -12.54
CA GLY D 62 -12.19 -28.04 -13.91
C GLY D 62 -11.75 -27.13 -15.05
N ALA D 63 -11.38 -25.89 -14.78
CA ALA D 63 -11.05 -24.98 -15.88
C ALA D 63 -9.55 -25.00 -16.17
N SER D 64 -9.20 -24.72 -17.44
CA SER D 64 -7.83 -24.74 -17.94
C SER D 64 -7.23 -23.35 -18.18
N GLU D 65 -8.05 -22.37 -18.57
CA GLU D 65 -7.58 -21.04 -18.91
C GLU D 65 -8.60 -20.02 -18.41
N LEU D 66 -8.22 -18.73 -18.47
CA LEU D 66 -9.05 -17.61 -18.02
C LEU D 66 -9.17 -16.57 -19.13
N ALA D 67 -10.12 -15.63 -18.96
CA ALA D 67 -10.27 -14.51 -19.90
C ALA D 67 -10.65 -13.24 -19.14
N VAL D 68 -10.03 -12.11 -19.51
CA VAL D 68 -10.30 -10.80 -18.92
C VAL D 68 -10.58 -9.78 -20.03
N ALA D 69 -10.83 -8.53 -19.62
CA ALA D 69 -11.12 -7.45 -20.56
C ALA D 69 -9.91 -6.60 -20.98
N SER D 70 -8.77 -6.67 -20.25
CA SER D 70 -7.65 -5.75 -20.48
C SER D 70 -6.40 -6.29 -19.80
N VAL D 71 -5.25 -5.70 -20.18
CA VAL D 71 -3.98 -6.18 -19.65
C VAL D 71 -3.91 -5.94 -18.15
N GLU D 72 -4.51 -4.83 -17.65
CA GLU D 72 -4.44 -4.50 -16.23
C GLU D 72 -5.22 -5.50 -15.37
N GLU D 73 -6.48 -5.80 -15.73
CA GLU D 73 -7.23 -6.86 -15.06
C GLU D 73 -6.43 -8.16 -14.95
N GLY D 74 -5.76 -8.57 -16.04
CA GLY D 74 -4.97 -9.79 -16.02
C GLY D 74 -3.76 -9.72 -15.10
N ILE D 75 -3.12 -8.55 -14.98
CA ILE D 75 -1.94 -8.44 -14.15
C ILE D 75 -2.31 -8.57 -12.68
N VAL D 76 -3.49 -8.10 -12.29
CA VAL D 76 -3.99 -8.33 -10.94
C VAL D 76 -3.95 -9.83 -10.59
N LEU D 77 -4.26 -10.69 -11.56
CA LEU D 77 -4.26 -12.13 -11.29
C LEU D 77 -2.85 -12.73 -11.24
N ARG D 78 -1.88 -12.17 -11.99
CA ARG D 78 -0.50 -12.67 -11.90
C ARG D 78 0.08 -12.39 -10.51
N LYS D 79 -0.16 -11.18 -9.97
CA LYS D 79 0.37 -10.79 -8.67
C LYS D 79 -0.21 -11.62 -7.54
N ALA D 80 -1.33 -12.28 -7.76
CA ALA D 80 -1.92 -13.19 -6.80
C ALA D 80 -1.38 -14.60 -6.91
N GLY D 81 -0.46 -14.85 -7.85
CA GLY D 81 0.23 -16.12 -7.96
C GLY D 81 -0.20 -17.05 -9.06
N ILE D 82 -1.12 -16.63 -9.94
CA ILE D 82 -1.74 -17.55 -10.89
C ILE D 82 -0.84 -17.72 -12.12
N THR D 83 -0.62 -18.97 -12.54
CA THR D 83 0.31 -19.28 -13.62
C THR D 83 -0.36 -19.90 -14.86
N ALA D 84 -1.70 -19.84 -14.97
CA ALA D 84 -2.42 -20.39 -16.13
C ALA D 84 -2.47 -19.39 -17.29
N PRO D 85 -2.77 -19.85 -18.51
CA PRO D 85 -2.92 -18.92 -19.65
C PRO D 85 -4.07 -17.93 -19.47
N ILE D 86 -3.83 -16.64 -19.77
CA ILE D 86 -4.83 -15.58 -19.70
C ILE D 86 -4.95 -14.86 -21.05
N LEU D 87 -6.18 -14.78 -21.58
CA LEU D 87 -6.44 -14.17 -22.88
C LEU D 87 -7.20 -12.87 -22.71
N VAL D 88 -6.74 -11.82 -23.42
CA VAL D 88 -7.38 -10.50 -23.39
C VAL D 88 -8.36 -10.42 -24.56
N LEU D 89 -9.65 -10.19 -24.25
CA LEU D 89 -10.71 -10.25 -25.25
C LEU D 89 -10.89 -8.95 -26.03
N GLY D 90 -10.55 -7.80 -25.47
CA GLY D 90 -10.64 -6.53 -26.17
C GLY D 90 -9.40 -6.23 -27.00
N PHE D 91 -9.27 -4.95 -27.36
CA PHE D 91 -8.17 -4.44 -28.17
C PHE D 91 -7.07 -3.86 -27.27
N THR D 92 -5.82 -4.20 -27.55
CA THR D 92 -4.69 -3.76 -26.73
C THR D 92 -3.80 -2.83 -27.56
N SER D 93 -3.57 -1.63 -27.05
CA SER D 93 -2.72 -0.65 -27.73
C SER D 93 -1.28 -1.16 -27.84
N LEU D 94 -0.59 -0.72 -28.91
CA LEU D 94 0.78 -1.16 -29.13
C LEU D 94 1.75 -0.57 -28.10
N SER D 95 1.29 0.41 -27.31
CA SER D 95 2.03 0.91 -26.16
C SER D 95 2.31 -0.15 -25.11
N CYS D 96 1.54 -1.25 -25.09
CA CYS D 96 1.65 -2.25 -24.04
C CYS D 96 2.24 -3.58 -24.52
N VAL D 97 2.79 -3.63 -25.73
CA VAL D 97 3.41 -4.87 -26.22
C VAL D 97 4.49 -5.36 -25.26
N LYS D 98 5.37 -4.45 -24.83
CA LYS D 98 6.45 -4.82 -23.93
C LYS D 98 5.92 -5.39 -22.61
N LYS D 99 4.94 -4.71 -22.02
CA LYS D 99 4.35 -5.15 -20.75
C LYS D 99 3.72 -6.54 -20.87
N SER D 100 3.01 -6.80 -21.96
CA SER D 100 2.26 -8.06 -22.08
C SER D 100 3.19 -9.25 -22.25
N ALA D 101 4.31 -9.06 -22.95
CA ALA D 101 5.27 -10.16 -23.05
C ALA D 101 5.99 -10.41 -21.73
N ALA D 102 6.19 -9.35 -20.94
CA ALA D 102 6.92 -9.52 -19.69
C ALA D 102 6.09 -10.25 -18.64
N TRP D 103 4.76 -10.10 -18.68
CA TRP D 103 3.85 -10.79 -17.76
C TRP D 103 3.20 -12.04 -18.41
N ASN D 104 3.59 -12.38 -19.65
CA ASN D 104 3.05 -13.54 -20.36
C ASN D 104 1.52 -13.54 -20.46
N ILE D 105 0.96 -12.40 -20.91
CA ILE D 105 -0.47 -12.26 -21.16
C ILE D 105 -0.70 -12.50 -22.65
N THR D 106 -1.74 -13.29 -22.96
CA THR D 106 -2.12 -13.59 -24.34
C THR D 106 -3.02 -12.49 -24.88
N LEU D 107 -2.73 -12.02 -26.09
CA LEU D 107 -3.45 -10.89 -26.69
C LEU D 107 -4.30 -11.31 -27.89
N SER D 108 -5.43 -10.61 -28.08
CA SER D 108 -6.25 -10.72 -29.29
C SER D 108 -5.69 -9.79 -30.38
N ALA D 109 -5.57 -10.29 -31.60
CA ALA D 109 -5.13 -9.46 -32.71
C ALA D 109 -5.67 -9.98 -34.04
N PHE D 110 -5.75 -9.08 -35.03
CA PHE D 110 -6.46 -9.36 -36.29
C PHE D 110 -6.10 -8.41 -37.44
N GLN D 111 -4.85 -7.94 -37.51
CA GLN D 111 -4.43 -6.97 -38.52
C GLN D 111 -2.98 -7.25 -38.91
N VAL D 112 -2.68 -7.12 -40.21
CA VAL D 112 -1.34 -7.42 -40.72
C VAL D 112 -0.29 -6.47 -40.12
N ASP D 113 -0.57 -5.16 -40.11
CA ASP D 113 0.47 -4.23 -39.68
C ASP D 113 0.65 -4.21 -38.16
N TRP D 114 -0.43 -4.50 -37.41
CA TRP D 114 -0.29 -4.66 -35.96
C TRP D 114 0.71 -5.77 -35.63
N MET D 115 0.67 -6.89 -36.37
CA MET D 115 1.59 -8.01 -36.15
C MET D 115 3.04 -7.64 -36.45
N LYS D 116 3.29 -6.93 -37.57
CA LYS D 116 4.67 -6.61 -37.92
C LYS D 116 5.24 -5.55 -36.99
N GLU D 117 4.43 -4.54 -36.64
CA GLU D 117 4.85 -3.54 -35.67
C GLU D 117 5.18 -4.19 -34.32
N ALA D 118 4.32 -5.10 -33.86
CA ALA D 118 4.53 -5.74 -32.57
C ALA D 118 5.81 -6.56 -32.57
N ASN D 119 6.08 -7.28 -33.66
CA ASN D 119 7.29 -8.09 -33.77
C ASN D 119 8.53 -7.21 -33.80
N GLU D 120 8.46 -6.06 -34.49
CA GLU D 120 9.59 -5.16 -34.54
C GLU D 120 9.96 -4.67 -33.14
N ILE D 121 8.95 -4.44 -32.28
CA ILE D 121 9.22 -3.96 -30.92
C ILE D 121 10.01 -5.00 -30.14
N LEU D 122 9.59 -6.26 -30.23
CA LEU D 122 10.24 -7.32 -29.45
C LEU D 122 11.63 -7.65 -30.00
N GLU D 123 11.87 -7.42 -31.30
CA GLU D 123 13.21 -7.61 -31.85
C GLU D 123 14.20 -6.63 -31.23
N LYS D 124 13.83 -5.36 -31.16
CA LYS D 124 14.71 -4.29 -30.66
C LYS D 124 14.78 -4.25 -29.14
N GLU D 125 14.64 -5.40 -28.48
CA GLU D 125 14.76 -5.45 -27.03
C GLU D 125 15.47 -6.70 -26.56
N ALA D 126 15.95 -7.55 -27.48
CA ALA D 126 16.50 -8.84 -27.14
C ALA D 126 15.60 -9.51 -26.10
N SER D 127 14.30 -9.44 -26.40
CA SER D 127 13.28 -9.87 -25.46
C SER D 127 13.42 -11.36 -25.22
N ALA D 128 13.40 -11.74 -23.95
CA ALA D 128 13.52 -13.16 -23.62
C ALA D 128 12.24 -13.91 -23.91
N ASN D 129 11.09 -13.24 -23.91
CA ASN D 129 9.81 -13.92 -24.03
C ASN D 129 9.12 -13.60 -25.34
N ARG D 130 8.54 -14.63 -25.94
CA ARG D 130 7.72 -14.45 -27.13
C ARG D 130 6.29 -14.11 -26.72
N LEU D 131 5.61 -13.35 -27.56
CA LEU D 131 4.22 -12.98 -27.33
C LEU D 131 3.28 -14.02 -27.95
N ALA D 132 2.35 -14.53 -27.15
CA ALA D 132 1.31 -15.43 -27.67
C ALA D 132 0.10 -14.62 -28.17
N ILE D 133 -0.49 -15.12 -29.26
CA ILE D 133 -1.55 -14.42 -30.01
C ILE D 133 -2.72 -15.36 -30.31
N HIS D 134 -3.95 -14.84 -30.22
CA HIS D 134 -5.15 -15.49 -30.75
C HIS D 134 -5.79 -14.58 -31.81
N ILE D 135 -6.22 -15.18 -32.92
CA ILE D 135 -6.84 -14.44 -34.04
C ILE D 135 -8.37 -14.49 -33.92
N ASN D 136 -9.00 -13.30 -33.88
CA ASN D 136 -10.45 -13.15 -33.81
C ASN D 136 -11.04 -12.97 -35.21
N VAL D 137 -12.06 -13.79 -35.52
CA VAL D 137 -12.77 -13.77 -36.82
C VAL D 137 -14.21 -13.29 -36.59
N ASP D 138 -14.58 -12.20 -37.27
CA ASP D 138 -15.92 -11.62 -37.18
C ASP D 138 -16.83 -12.35 -38.18
N THR D 139 -17.74 -13.19 -37.67
CA THR D 139 -18.72 -13.87 -38.51
C THR D 139 -20.14 -13.34 -38.32
N GLY D 140 -20.30 -12.15 -37.74
CA GLY D 140 -21.62 -11.55 -37.62
C GLY D 140 -21.94 -10.69 -36.40
N MET D 141 -21.01 -10.60 -35.44
CA MET D 141 -21.20 -9.73 -34.30
C MET D 141 -20.85 -8.27 -34.60
N GLY D 142 -20.02 -8.01 -35.62
CA GLY D 142 -19.69 -6.67 -36.03
C GLY D 142 -18.92 -5.81 -35.05
N ARG D 143 -18.24 -6.42 -34.06
CA ARG D 143 -17.58 -5.66 -33.00
C ARG D 143 -16.08 -5.51 -33.28
N LEU D 144 -15.31 -6.60 -33.07
CA LEU D 144 -13.91 -6.70 -33.46
C LEU D 144 -13.70 -7.98 -34.27
N GLY D 145 -12.69 -7.97 -35.15
CA GLY D 145 -12.25 -9.16 -35.88
C GLY D 145 -12.21 -9.07 -37.40
N VAL D 146 -11.37 -9.89 -38.05
CA VAL D 146 -11.23 -9.92 -39.52
C VAL D 146 -12.43 -10.62 -40.16
N ARG D 147 -12.75 -10.23 -41.41
CA ARG D 147 -14.05 -10.60 -42.00
C ARG D 147 -14.02 -11.33 -43.35
N THR D 148 -12.87 -11.51 -44.02
CA THR D 148 -12.83 -12.25 -45.28
C THR D 148 -11.72 -13.30 -45.26
N LYS D 149 -11.83 -14.25 -46.20
CA LYS D 149 -10.87 -15.35 -46.32
C LYS D 149 -9.49 -14.85 -46.74
N GLU D 150 -9.45 -13.95 -47.73
CA GLU D 150 -8.17 -13.46 -48.25
C GLU D 150 -7.39 -12.70 -47.19
N GLU D 151 -8.07 -11.84 -46.43
CA GLU D 151 -7.38 -11.09 -45.39
C GLU D 151 -6.94 -12.01 -44.25
N LEU D 152 -7.76 -13.00 -43.90
CA LEU D 152 -7.36 -13.94 -42.88
C LEU D 152 -6.05 -14.63 -43.27
N LEU D 153 -5.91 -15.02 -44.55
CA LEU D 153 -4.66 -15.65 -44.99
C LEU D 153 -3.48 -14.72 -44.77
N GLU D 154 -3.64 -13.43 -45.07
CA GLU D 154 -2.52 -12.52 -44.97
C GLU D 154 -2.08 -12.32 -43.52
N VAL D 155 -3.03 -12.18 -42.58
CA VAL D 155 -2.54 -12.03 -41.22
C VAL D 155 -1.95 -13.35 -40.73
N VAL D 156 -2.50 -14.48 -41.18
CA VAL D 156 -1.94 -15.77 -40.75
C VAL D 156 -0.46 -15.88 -41.11
N LYS D 157 -0.08 -15.50 -42.34
CA LYS D 157 1.33 -15.71 -42.63
C LYS D 157 2.23 -14.51 -42.33
N ALA D 158 1.65 -13.32 -42.15
CA ALA D 158 2.35 -12.29 -41.38
C ALA D 158 2.74 -12.83 -40.00
N LEU D 159 1.79 -13.48 -39.31
CA LEU D 159 2.06 -14.05 -38.00
C LEU D 159 3.12 -15.15 -38.07
N LYS D 160 3.07 -15.99 -39.11
CA LYS D 160 3.97 -17.14 -39.18
C LYS D 160 5.39 -16.76 -39.54
N ALA D 161 5.59 -15.55 -40.06
CA ALA D 161 6.93 -15.09 -40.40
C ALA D 161 7.56 -14.26 -39.28
N SER D 162 6.85 -14.00 -38.17
CA SER D 162 7.37 -13.22 -37.04
C SER D 162 7.95 -14.14 -35.97
N LYS D 163 9.28 -14.09 -35.81
CA LYS D 163 10.01 -14.99 -34.91
C LYS D 163 9.70 -14.77 -33.43
N PHE D 164 9.27 -13.58 -33.04
CA PHE D 164 9.01 -13.27 -31.64
C PHE D 164 7.55 -13.39 -31.24
N LEU D 165 6.67 -13.79 -32.17
CA LEU D 165 5.27 -14.10 -31.86
C LEU D 165 5.03 -15.61 -31.89
N ARG D 166 3.94 -16.02 -31.25
CA ARG D 166 3.52 -17.41 -31.29
C ARG D 166 2.01 -17.49 -31.43
N TRP D 167 1.54 -18.32 -32.37
CA TRP D 167 0.11 -18.49 -32.67
C TRP D 167 -0.49 -19.67 -31.89
N THR D 168 -1.46 -19.39 -31.01
CA THR D 168 -1.97 -20.43 -30.12
C THR D 168 -3.50 -20.59 -30.15
N GLY D 169 -4.24 -19.80 -30.92
CA GLY D 169 -5.68 -20.03 -31.02
C GLY D 169 -6.34 -19.21 -32.11
N ILE D 170 -7.61 -19.54 -32.37
CA ILE D 170 -8.43 -18.80 -33.32
C ILE D 170 -9.90 -18.99 -32.92
N PHE D 171 -10.67 -17.89 -32.94
CA PHE D 171 -12.03 -17.95 -32.40
C PHE D 171 -12.97 -16.96 -33.10
N THR D 172 -14.27 -17.13 -32.81
CA THR D 172 -15.38 -16.24 -33.20
C THR D 172 -16.41 -16.21 -32.06
N HIS D 173 -17.44 -15.37 -32.21
CA HIS D 173 -18.45 -15.15 -31.17
C HIS D 173 -19.87 -15.11 -31.75
N PHE D 174 -20.81 -15.88 -31.16
CA PHE D 174 -22.22 -15.86 -31.58
C PHE D 174 -22.98 -14.71 -30.90
N SER D 175 -23.89 -14.10 -31.65
CA SER D 175 -24.62 -12.95 -31.12
C SER D 175 -26.11 -13.20 -30.81
N THR D 176 -26.66 -14.38 -31.11
CA THR D 176 -28.08 -14.62 -30.80
C THR D 176 -28.33 -16.07 -30.38
N ALA D 177 -27.33 -16.71 -29.79
CA ALA D 177 -27.46 -18.09 -29.37
C ALA D 177 -28.39 -18.27 -28.17
N ASP D 178 -28.95 -17.19 -27.63
CA ASP D 178 -29.82 -17.25 -26.45
C ASP D 178 -31.32 -17.20 -26.81
N GLU D 179 -31.65 -17.03 -28.08
CA GLU D 179 -32.99 -16.81 -28.60
C GLU D 179 -33.57 -18.08 -29.20
N PRO D 180 -34.90 -18.19 -29.31
CA PRO D 180 -35.50 -19.42 -29.87
C PRO D 180 -35.27 -19.61 -31.37
N ASP D 181 -35.02 -18.55 -32.12
CA ASP D 181 -34.85 -18.63 -33.56
C ASP D 181 -33.36 -18.82 -33.88
N THR D 182 -33.00 -19.99 -34.41
CA THR D 182 -31.60 -20.41 -34.54
C THR D 182 -30.98 -20.06 -35.90
N THR D 183 -31.58 -19.17 -36.69
CA THR D 183 -31.17 -19.00 -38.07
C THR D 183 -29.77 -18.37 -38.19
N LEU D 184 -29.55 -17.26 -37.49
CA LEU D 184 -28.25 -16.59 -37.60
C LEU D 184 -27.13 -17.42 -36.97
N THR D 185 -27.40 -18.15 -35.87
CA THR D 185 -26.36 -18.98 -35.27
C THR D 185 -25.82 -20.01 -36.28
N LYS D 186 -26.70 -20.61 -37.08
CA LYS D 186 -26.25 -21.60 -38.07
C LYS D 186 -25.47 -20.94 -39.21
N LEU D 187 -25.92 -19.77 -39.68
CA LEU D 187 -25.16 -19.06 -40.69
C LEU D 187 -23.74 -18.76 -40.18
N GLN D 188 -23.65 -18.24 -38.95
CA GLN D 188 -22.35 -17.96 -38.33
C GLN D 188 -21.47 -19.20 -38.29
N HIS D 189 -22.05 -20.37 -37.99
CA HIS D 189 -21.26 -21.60 -37.93
C HIS D 189 -20.71 -21.99 -39.30
N GLU D 190 -21.52 -21.89 -40.34
CA GLU D 190 -21.11 -22.32 -41.68
C GLU D 190 -19.91 -21.53 -42.18
N LYS D 191 -20.00 -20.19 -42.14
CA LYS D 191 -18.88 -19.32 -42.52
C LYS D 191 -17.59 -19.72 -41.80
N PHE D 192 -17.63 -19.83 -40.47
CA PHE D 192 -16.43 -20.12 -39.70
C PHE D 192 -15.78 -21.41 -40.17
N ILE D 193 -16.57 -22.46 -40.33
CA ILE D 193 -16.06 -23.73 -40.83
C ILE D 193 -15.50 -23.57 -42.24
N SER D 194 -16.18 -22.79 -43.08
CA SER D 194 -15.68 -22.50 -44.43
C SER D 194 -14.29 -21.87 -44.39
N PHE D 195 -14.10 -20.86 -43.53
CA PHE D 195 -12.81 -20.17 -43.43
C PHE D 195 -11.70 -21.12 -42.98
N LEU D 196 -11.97 -21.97 -41.99
CA LEU D 196 -10.94 -22.90 -41.53
C LEU D 196 -10.53 -23.87 -42.63
N SER D 197 -11.51 -24.39 -43.38
CA SER D 197 -11.23 -25.33 -44.46
C SER D 197 -10.38 -24.70 -45.56
N PHE D 198 -10.61 -23.43 -45.85
CA PHE D 198 -9.77 -22.70 -46.81
C PHE D 198 -8.30 -22.72 -46.37
N LEU D 199 -8.04 -22.44 -45.10
CA LEU D 199 -6.66 -22.49 -44.60
C LEU D 199 -6.04 -23.87 -44.77
N LYS D 200 -6.84 -24.92 -44.60
CA LYS D 200 -6.29 -26.28 -44.65
C LYS D 200 -5.86 -26.67 -46.05
N LYS D 201 -6.61 -26.23 -47.08
CA LYS D 201 -6.24 -26.56 -48.46
C LYS D 201 -4.95 -25.86 -48.88
N GLN D 202 -4.53 -24.81 -48.18
CA GLN D 202 -3.28 -24.12 -48.49
C GLN D 202 -2.09 -24.66 -47.71
N GLY D 203 -2.28 -25.72 -46.93
CA GLY D 203 -1.20 -26.37 -46.22
C GLY D 203 -1.05 -26.07 -44.74
N ILE D 204 -1.95 -25.26 -44.14
CA ILE D 204 -1.78 -24.72 -42.79
C ILE D 204 -2.36 -25.66 -41.75
N GLU D 205 -1.60 -25.91 -40.69
CA GLU D 205 -2.07 -26.63 -39.51
C GLU D 205 -2.67 -25.67 -38.49
N LEU D 206 -3.75 -26.10 -37.83
CA LEU D 206 -4.49 -25.15 -37.00
C LEU D 206 -4.14 -25.33 -35.52
N PRO D 207 -4.18 -24.25 -34.69
CA PRO D 207 -4.08 -24.43 -33.24
C PRO D 207 -5.47 -24.57 -32.61
N THR D 208 -5.63 -24.12 -31.37
CA THR D 208 -6.88 -24.34 -30.64
C THR D 208 -8.03 -23.47 -31.17
N VAL D 209 -9.18 -24.12 -31.44
CA VAL D 209 -10.39 -23.51 -32.01
C VAL D 209 -11.48 -23.43 -30.95
N HIS D 210 -11.99 -22.21 -30.66
CA HIS D 210 -13.10 -22.05 -29.70
C HIS D 210 -14.17 -21.10 -30.21
N MET D 211 -15.45 -21.43 -29.95
CA MET D 211 -16.53 -20.54 -30.42
C MET D 211 -17.71 -20.35 -29.48
N CYS D 212 -17.98 -21.25 -28.52
CA CYS D 212 -19.19 -21.20 -27.69
C CYS D 212 -19.07 -20.25 -26.50
N ASN D 213 -20.16 -19.51 -26.22
CA ASN D 213 -20.40 -18.86 -24.93
C ASN D 213 -21.32 -19.76 -24.09
N THR D 214 -21.87 -19.23 -22.97
CA THR D 214 -22.66 -20.06 -22.04
C THR D 214 -23.89 -20.65 -22.72
N ALA D 215 -24.61 -19.86 -23.52
CA ALA D 215 -25.85 -20.32 -24.13
C ALA D 215 -25.60 -21.34 -25.23
N ALA D 216 -24.53 -21.16 -26.00
CA ALA D 216 -24.26 -22.13 -27.06
C ALA D 216 -23.67 -23.44 -26.55
N ALA D 217 -23.06 -23.44 -25.35
CA ALA D 217 -22.57 -24.69 -24.79
C ALA D 217 -23.74 -25.56 -24.32
N ILE D 218 -24.80 -24.93 -23.79
CA ILE D 218 -25.99 -25.67 -23.40
C ILE D 218 -26.80 -26.05 -24.63
N ALA D 219 -27.02 -25.11 -25.54
CA ALA D 219 -27.92 -25.35 -26.66
C ALA D 219 -27.25 -26.10 -27.81
N PHE D 220 -25.93 -25.99 -27.99
CA PHE D 220 -25.25 -26.59 -29.14
C PHE D 220 -23.95 -27.28 -28.72
N PRO D 221 -24.03 -28.32 -27.87
CA PRO D 221 -22.80 -29.00 -27.42
C PRO D 221 -21.92 -29.49 -28.58
N GLU D 222 -22.52 -29.67 -29.76
CA GLU D 222 -21.73 -30.19 -30.88
C GLU D 222 -20.81 -29.15 -31.49
N PHE D 223 -20.86 -27.89 -31.05
CA PHE D 223 -19.94 -26.84 -31.49
C PHE D 223 -18.72 -26.65 -30.57
N SER D 224 -18.52 -27.56 -29.61
CA SER D 224 -17.50 -27.38 -28.57
C SER D 224 -16.09 -27.26 -29.12
N ALA D 225 -15.83 -27.84 -30.30
CA ALA D 225 -14.49 -27.94 -30.85
C ALA D 225 -13.47 -28.32 -29.78
N ASP D 226 -12.44 -27.49 -29.58
CA ASP D 226 -11.38 -27.78 -28.62
C ASP D 226 -11.57 -27.11 -27.25
N MET D 227 -12.42 -26.09 -27.13
CA MET D 227 -12.53 -25.25 -25.94
C MET D 227 -13.82 -24.44 -25.99
N ILE D 228 -14.40 -24.18 -24.80
CA ILE D 228 -15.54 -23.29 -24.63
C ILE D 228 -15.15 -22.17 -23.66
N ARG D 229 -15.91 -21.06 -23.73
CA ARG D 229 -15.74 -19.94 -22.81
C ARG D 229 -16.99 -19.80 -21.94
N LEU D 230 -16.84 -19.97 -20.62
CA LEU D 230 -17.96 -20.01 -19.67
C LEU D 230 -17.95 -18.79 -18.74
N GLY D 231 -18.92 -17.89 -18.93
CA GLY D 231 -19.10 -16.71 -18.08
C GLY D 231 -20.30 -16.73 -17.16
N ILE D 232 -21.45 -16.23 -17.63
CA ILE D 232 -22.66 -16.11 -16.78
C ILE D 232 -23.05 -17.43 -16.13
N GLY D 233 -22.81 -18.56 -16.79
CA GLY D 233 -23.19 -19.83 -16.21
C GLY D 233 -22.37 -20.17 -14.98
N LEU D 234 -21.11 -19.70 -14.94
CA LEU D 234 -20.23 -19.98 -13.80
C LEU D 234 -20.81 -19.42 -12.50
N TYR D 235 -21.45 -18.26 -12.55
CA TYR D 235 -22.03 -17.62 -11.37
C TYR D 235 -23.45 -18.08 -11.09
N GLY D 236 -23.94 -19.07 -11.84
CA GLY D 236 -25.25 -19.65 -11.55
C GLY D 236 -26.44 -18.83 -12.01
N LEU D 237 -26.33 -18.13 -13.15
CA LEU D 237 -27.41 -17.32 -13.71
C LEU D 237 -27.60 -17.69 -15.18
N TYR D 238 -28.85 -17.63 -15.63
CA TYR D 238 -29.06 -18.16 -16.98
C TYR D 238 -28.94 -17.04 -18.00
N PRO D 239 -28.40 -17.30 -19.20
CA PRO D 239 -28.21 -16.19 -20.14
C PRO D 239 -29.53 -15.56 -20.59
N SER D 240 -30.64 -16.32 -20.58
CA SER D 240 -31.95 -15.82 -20.98
C SER D 240 -33.03 -16.78 -20.49
N ALA D 241 -34.26 -16.27 -20.41
CA ALA D 241 -35.40 -17.07 -19.94
C ALA D 241 -35.70 -18.25 -20.85
N TYR D 242 -35.45 -18.11 -22.16
CA TYR D 242 -35.64 -19.24 -23.06
C TYR D 242 -34.68 -20.38 -22.73
N ILE D 243 -33.44 -20.05 -22.37
CA ILE D 243 -32.44 -21.09 -22.09
C ILE D 243 -32.69 -21.76 -20.73
N LYS D 244 -33.21 -21.02 -19.73
CA LYS D 244 -33.56 -21.65 -18.46
C LYS D 244 -34.76 -22.60 -18.59
N GLN D 245 -35.67 -22.34 -19.56
CA GLN D 245 -36.89 -23.15 -19.73
C GLN D 245 -36.65 -24.46 -20.49
N LEU D 246 -35.52 -24.60 -21.19
CA LEU D 246 -35.24 -25.87 -21.87
C LEU D 246 -35.00 -27.00 -20.87
N ASN D 247 -34.68 -26.67 -19.62
CA ASN D 247 -34.42 -27.65 -18.57
C ASN D 247 -33.44 -28.72 -19.03
N LEU D 248 -32.20 -28.28 -19.26
CA LEU D 248 -31.12 -29.16 -19.70
C LEU D 248 -29.95 -29.24 -18.73
N VAL D 249 -29.71 -28.19 -17.94
CA VAL D 249 -28.62 -28.13 -16.97
C VAL D 249 -29.15 -27.38 -15.76
N LYS D 250 -28.81 -27.84 -14.56
CA LYS D 250 -29.20 -27.16 -13.32
C LYS D 250 -28.08 -26.26 -12.84
N LEU D 251 -28.43 -25.02 -12.50
CA LEU D 251 -27.47 -24.02 -12.01
C LEU D 251 -27.91 -23.45 -10.67
N GLU D 252 -26.96 -22.91 -9.92
CA GLU D 252 -27.21 -22.41 -8.56
C GLU D 252 -26.62 -21.02 -8.39
N PRO D 253 -27.42 -20.03 -7.99
CA PRO D 253 -26.91 -18.66 -7.83
C PRO D 253 -25.95 -18.57 -6.65
N ALA D 254 -24.94 -17.68 -6.79
CA ALA D 254 -23.83 -17.63 -5.84
C ALA D 254 -23.79 -16.35 -5.00
N LEU D 255 -24.46 -15.27 -5.42
CA LEU D 255 -24.35 -13.97 -4.79
C LEU D 255 -25.61 -13.63 -4.00
N SER D 256 -25.42 -13.00 -2.85
CA SER D 256 -26.49 -12.29 -2.12
C SER D 256 -25.93 -11.05 -1.43
N LEU D 257 -26.82 -10.07 -1.18
CA LEU D 257 -26.48 -8.75 -0.67
C LEU D 257 -27.36 -8.41 0.53
N LYS D 258 -26.75 -8.05 1.67
CA LYS D 258 -27.48 -7.87 2.93
C LYS D 258 -27.10 -6.56 3.61
N ALA D 259 -27.83 -6.26 4.71
CA ALA D 259 -27.59 -5.08 5.55
C ALA D 259 -28.26 -5.29 6.91
N ARG D 260 -28.02 -4.34 7.82
CA ARG D 260 -28.60 -4.32 9.17
C ARG D 260 -29.34 -3.01 9.40
N ILE D 261 -30.53 -3.08 10.01
CA ILE D 261 -31.34 -1.87 10.22
C ILE D 261 -30.60 -0.88 11.11
N ALA D 262 -30.53 0.39 10.68
CA ALA D 262 -29.80 1.42 11.41
C ALA D 262 -30.65 2.23 12.38
N TYR D 263 -31.98 2.20 12.27
CA TYR D 263 -32.83 3.04 13.12
C TYR D 263 -34.29 2.71 12.86
N VAL D 264 -35.12 2.86 13.91
CA VAL D 264 -36.57 2.62 13.82
C VAL D 264 -37.30 3.59 14.75
N LYS D 265 -38.46 4.11 14.31
CA LYS D 265 -39.18 5.14 15.06
C LYS D 265 -40.66 5.14 14.70
N THR D 266 -41.45 5.76 15.59
CA THR D 266 -42.88 6.00 15.40
C THR D 266 -43.12 7.47 15.06
N MET D 267 -43.98 7.72 14.08
CA MET D 267 -44.13 9.06 13.52
C MET D 267 -45.32 9.81 14.12
N ARG D 268 -45.34 9.95 15.45
CA ARG D 268 -46.46 10.60 16.09
C ARG D 268 -46.42 12.13 16.03
N THR D 269 -45.45 12.73 15.36
CA THR D 269 -45.16 14.16 15.49
C THR D 269 -45.10 14.83 14.13
N GLU D 270 -45.52 16.09 14.07
CA GLU D 270 -45.64 16.81 12.80
C GLU D 270 -44.35 17.53 12.45
N PRO D 271 -43.96 17.56 11.18
CA PRO D 271 -44.67 16.88 10.08
C PRO D 271 -44.24 15.44 9.95
N ARG D 272 -44.99 14.65 9.19
CA ARG D 272 -44.65 13.26 8.95
C ARG D 272 -44.05 13.03 7.56
N THR D 273 -43.36 14.03 7.02
CA THR D 273 -42.72 13.91 5.72
C THR D 273 -41.49 12.99 5.77
N VAL D 274 -41.24 12.29 4.67
CA VAL D 274 -40.19 11.27 4.61
C VAL D 274 -39.41 11.41 3.31
N SER D 275 -38.11 11.67 3.42
CA SER D 275 -37.15 11.69 2.32
C SER D 275 -37.37 12.85 1.35
N TYR D 276 -36.44 13.06 0.43
CA TYR D 276 -36.38 14.29 -0.34
C TYR D 276 -37.65 14.49 -1.17
N GLY D 277 -38.02 15.77 -1.35
CA GLY D 277 -39.21 16.12 -2.10
C GLY D 277 -40.51 15.73 -1.46
N ALA D 278 -40.48 15.21 -0.23
CA ALA D 278 -41.68 14.89 0.56
C ALA D 278 -42.73 14.16 -0.29
N THR D 279 -42.28 13.11 -0.98
CA THR D 279 -43.13 12.30 -1.84
C THR D 279 -43.84 11.20 -1.07
N TYR D 280 -43.84 11.26 0.26
CA TYR D 280 -44.44 10.23 1.09
C TYR D 280 -44.79 10.84 2.44
N ILE D 281 -45.99 10.57 2.94
CA ILE D 281 -46.47 11.10 4.21
C ILE D 281 -46.98 9.94 5.07
N ALA D 282 -46.45 9.81 6.27
CA ALA D 282 -46.75 8.66 7.11
C ALA D 282 -47.94 8.96 7.99
N GLU D 283 -48.61 7.88 8.42
CA GLU D 283 -49.64 8.02 9.44
C GLU D 283 -49.00 8.23 10.81
N PRO D 284 -49.73 8.84 11.75
CA PRO D 284 -49.20 9.00 13.11
C PRO D 284 -48.93 7.69 13.85
N ASN D 285 -49.37 6.57 13.32
CA ASN D 285 -49.12 5.24 13.87
C ASN D 285 -48.00 4.49 13.14
N GLU D 286 -47.49 5.03 12.04
CA GLU D 286 -46.58 4.28 11.18
C GLU D 286 -45.21 4.15 11.82
N VAL D 287 -44.54 3.04 11.49
CA VAL D 287 -43.18 2.73 11.93
C VAL D 287 -42.27 2.76 10.71
N ILE D 288 -41.24 3.61 10.75
CA ILE D 288 -40.28 3.80 9.66
C ILE D 288 -38.91 3.30 10.10
N ALA D 289 -38.19 2.63 9.19
CA ALA D 289 -36.84 2.12 9.43
C ALA D 289 -35.87 2.70 8.41
N THR D 290 -34.62 2.88 8.81
CA THR D 290 -33.57 3.44 7.96
C THR D 290 -32.45 2.40 7.78
N LEU D 291 -31.97 2.28 6.53
CA LEU D 291 -31.05 1.23 6.07
C LEU D 291 -29.82 1.82 5.40
N PRO D 292 -28.64 1.22 5.59
CA PRO D 292 -27.40 1.78 5.02
C PRO D 292 -27.05 1.24 3.63
N ILE D 293 -27.94 1.43 2.65
CA ILE D 293 -27.61 1.26 1.22
C ILE D 293 -28.32 2.35 0.41
N GLY D 294 -27.67 2.83 -0.66
CA GLY D 294 -28.17 3.94 -1.47
C GLY D 294 -27.78 3.82 -2.92
N TYR D 295 -28.03 4.85 -3.76
CA TYR D 295 -27.79 4.68 -5.20
C TYR D 295 -26.31 4.73 -5.59
N ALA D 296 -25.45 5.33 -4.76
CA ALA D 296 -24.02 5.25 -5.07
C ALA D 296 -23.43 3.85 -4.80
N ASP D 297 -24.15 2.97 -4.09
CA ASP D 297 -23.69 1.60 -3.97
C ASP D 297 -24.01 0.78 -5.20
N GLY D 298 -24.93 1.25 -6.05
CA GLY D 298 -25.47 0.47 -7.15
C GLY D 298 -26.93 0.09 -6.99
N TYR D 299 -27.63 0.63 -6.00
CA TYR D 299 -29.05 0.38 -5.78
C TYR D 299 -29.84 1.51 -6.44
N SER D 300 -30.45 1.23 -7.60
CA SER D 300 -30.88 2.30 -8.52
C SER D 300 -31.93 3.24 -7.91
N ARG D 301 -31.79 4.53 -8.23
CA ARG D 301 -32.77 5.52 -7.79
C ARG D 301 -34.16 5.25 -8.35
N ALA D 302 -34.25 4.54 -9.48
CA ALA D 302 -35.53 4.25 -10.11
C ALA D 302 -36.36 3.22 -9.34
N LEU D 303 -35.90 2.75 -8.18
CA LEU D 303 -36.73 1.96 -7.28
C LEU D 303 -37.35 2.79 -6.17
N SER D 304 -37.25 4.12 -6.25
CA SER D 304 -37.94 4.99 -5.30
C SER D 304 -39.43 4.70 -5.32
N ASN D 305 -40.01 4.49 -4.13
CA ASN D 305 -41.42 4.16 -3.95
C ASN D 305 -41.87 2.94 -4.75
N ARG D 306 -40.96 2.04 -5.13
CA ARG D 306 -41.33 0.86 -5.91
C ARG D 306 -40.75 -0.44 -5.37
N GLY D 307 -39.55 -0.39 -4.77
CA GLY D 307 -38.87 -1.62 -4.40
C GLY D 307 -39.40 -2.27 -3.13
N PHE D 308 -38.94 -3.50 -2.89
CA PHE D 308 -39.22 -4.25 -1.67
C PHE D 308 -37.93 -4.85 -1.11
N VAL D 309 -37.89 -5.03 0.22
CA VAL D 309 -36.83 -5.80 0.86
C VAL D 309 -37.47 -6.82 1.79
N LEU D 310 -36.66 -7.80 2.20
CA LEU D 310 -37.09 -8.87 3.11
C LEU D 310 -36.69 -8.52 4.54
N HIS D 311 -37.68 -8.47 5.42
CA HIS D 311 -37.47 -8.32 6.86
C HIS D 311 -38.32 -9.37 7.57
N ARG D 312 -37.68 -10.22 8.36
CA ARG D 312 -38.33 -11.38 9.00
C ARG D 312 -39.16 -12.18 8.00
N GLY D 313 -38.64 -12.35 6.78
CA GLY D 313 -39.27 -13.24 5.83
C GLY D 313 -40.49 -12.69 5.15
N LYS D 314 -40.76 -11.40 5.30
CA LYS D 314 -41.89 -10.78 4.62
C LYS D 314 -41.39 -9.56 3.84
N ARG D 315 -42.04 -9.29 2.71
CA ARG D 315 -41.68 -8.12 1.93
C ARG D 315 -42.18 -6.85 2.60
N VAL D 316 -41.33 -5.83 2.67
CA VAL D 316 -41.70 -4.53 3.22
C VAL D 316 -41.27 -3.45 2.22
N PRO D 317 -42.12 -2.45 1.94
CA PRO D 317 -41.87 -1.54 0.82
C PRO D 317 -40.95 -0.37 1.12
N VAL D 318 -40.28 0.10 0.04
CA VAL D 318 -39.46 1.31 0.09
C VAL D 318 -40.36 2.53 0.09
N ALA D 319 -40.07 3.49 1.00
CA ALA D 319 -40.92 4.65 1.25
C ALA D 319 -40.15 5.94 0.95
N GLY D 320 -40.53 6.64 -0.10
CA GLY D 320 -39.87 7.89 -0.45
C GLY D 320 -38.79 7.68 -1.49
N ARG D 321 -38.02 8.74 -1.71
CA ARG D 321 -36.94 8.68 -2.67
C ARG D 321 -35.71 7.98 -2.08
N VAL D 322 -35.05 7.18 -2.92
CA VAL D 322 -33.71 6.70 -2.62
C VAL D 322 -32.75 7.88 -2.48
N THR D 323 -31.89 7.84 -1.43
CA THR D 323 -30.81 8.81 -1.29
C THR D 323 -29.45 8.16 -1.65
N MET D 324 -28.37 8.94 -1.52
CA MET D 324 -27.06 8.53 -2.02
C MET D 324 -26.50 7.33 -1.24
N ASP D 325 -26.66 7.33 0.11
CA ASP D 325 -26.11 6.32 0.99
C ASP D 325 -27.14 5.52 1.80
N MET D 326 -28.44 5.80 1.67
CA MET D 326 -29.43 5.34 2.64
C MET D 326 -30.80 5.25 1.97
N ILE D 327 -31.65 4.33 2.46
CA ILE D 327 -33.06 4.23 2.07
C ILE D 327 -33.92 4.11 3.32
N MET D 328 -35.21 4.39 3.15
CA MET D 328 -36.22 4.25 4.19
C MET D 328 -37.27 3.22 3.76
N VAL D 329 -37.77 2.46 4.72
CA VAL D 329 -38.69 1.35 4.49
C VAL D 329 -39.78 1.40 5.56
N SER D 330 -41.00 1.00 5.18
CA SER D 330 -42.15 1.03 6.10
C SER D 330 -42.42 -0.34 6.69
N LEU D 331 -42.65 -0.37 8.01
CA LEU D 331 -43.00 -1.59 8.72
C LEU D 331 -44.49 -1.68 9.06
N GLY D 332 -45.27 -0.63 8.77
CA GLY D 332 -46.70 -0.64 8.95
C GLY D 332 -47.17 0.02 10.24
N GLU D 333 -48.45 -0.18 10.51
CA GLU D 333 -49.07 0.37 11.71
C GLU D 333 -48.72 -0.51 12.90
N ASN D 334 -48.10 0.08 13.92
CA ASN D 334 -47.62 -0.64 15.10
C ASN D 334 -46.69 -1.80 14.68
N GLY D 335 -45.81 -1.54 13.72
CA GLY D 335 -44.98 -2.60 13.17
C GLY D 335 -43.77 -2.92 14.05
N GLU D 336 -43.46 -4.20 14.16
CA GLU D 336 -42.37 -4.67 15.02
C GLU D 336 -41.04 -4.71 14.27
N GLY D 337 -39.97 -4.36 14.98
CA GLY D 337 -38.64 -4.30 14.40
C GLY D 337 -37.65 -3.56 15.28
N LYS D 338 -36.35 -3.78 15.08
CA LYS D 338 -35.36 -3.30 16.03
C LYS D 338 -34.09 -2.85 15.33
N GLN D 339 -33.40 -1.90 15.94
CA GLN D 339 -32.00 -1.63 15.60
C GLN D 339 -31.19 -2.90 15.69
N GLY D 340 -30.60 -3.32 14.57
CA GLY D 340 -29.72 -4.48 14.53
C GLY D 340 -30.26 -5.65 13.77
N ASP D 341 -31.55 -5.64 13.41
CA ASP D 341 -32.16 -6.72 12.64
C ASP D 341 -31.55 -6.82 11.23
N GLU D 342 -31.48 -8.06 10.73
CA GLU D 342 -30.87 -8.38 9.45
C GLU D 342 -31.89 -8.35 8.32
N VAL D 343 -31.47 -7.81 7.18
CA VAL D 343 -32.34 -7.57 6.04
C VAL D 343 -31.65 -8.10 4.79
N VAL D 344 -32.42 -8.69 3.88
CA VAL D 344 -31.88 -9.24 2.63
C VAL D 344 -32.37 -8.39 1.45
N ILE D 345 -31.43 -7.81 0.71
CA ILE D 345 -31.73 -7.02 -0.49
C ILE D 345 -31.85 -7.89 -1.73
N TYR D 346 -30.84 -8.71 -2.03
CA TYR D 346 -30.93 -9.74 -3.06
C TYR D 346 -30.63 -11.07 -2.39
N GLY D 347 -31.47 -12.07 -2.63
CA GLY D 347 -31.27 -13.37 -2.03
C GLY D 347 -32.54 -13.89 -1.40
N LYS D 348 -32.38 -14.83 -0.48
CA LYS D 348 -33.48 -15.50 0.21
C LYS D 348 -33.44 -15.21 1.71
N GLN D 349 -34.61 -15.04 2.31
CA GLN D 349 -34.78 -15.04 3.76
C GLN D 349 -35.94 -15.95 4.11
N LYS D 350 -35.66 -17.04 4.83
CA LYS D 350 -36.65 -18.02 5.28
C LYS D 350 -37.31 -18.64 4.06
N GLY D 351 -38.61 -18.44 3.85
CA GLY D 351 -39.29 -18.98 2.69
C GLY D 351 -39.45 -18.03 1.53
N ALA D 352 -38.91 -16.82 1.62
CA ALA D 352 -39.07 -15.78 0.61
C ALA D 352 -37.81 -15.63 -0.24
N GLU D 353 -37.90 -14.79 -1.27
CA GLU D 353 -36.79 -14.59 -2.19
C GLU D 353 -37.00 -13.38 -3.09
N ILE D 354 -36.00 -12.54 -3.26
CA ILE D 354 -35.97 -11.52 -4.30
C ILE D 354 -34.78 -11.82 -5.20
N SER D 355 -35.05 -12.36 -6.39
CA SER D 355 -33.97 -12.77 -7.29
C SER D 355 -33.43 -11.59 -8.10
N VAL D 356 -32.17 -11.72 -8.49
CA VAL D 356 -31.57 -10.72 -9.38
C VAL D 356 -32.33 -10.67 -10.70
N ASP D 357 -32.95 -11.78 -11.10
CA ASP D 357 -33.72 -11.78 -12.34
C ASP D 357 -35.00 -10.94 -12.22
N GLU D 358 -35.64 -10.95 -11.04
CA GLU D 358 -36.86 -10.15 -10.88
C GLU D 358 -36.54 -8.67 -10.75
N VAL D 359 -35.43 -8.33 -10.11
CA VAL D 359 -35.06 -6.90 -9.99
C VAL D 359 -34.70 -6.32 -11.35
N ALA D 360 -34.05 -7.11 -12.22
CA ALA D 360 -33.73 -6.67 -13.57
C ALA D 360 -34.98 -6.48 -14.43
N GLU D 361 -36.02 -7.31 -14.22
CA GLU D 361 -37.30 -7.12 -14.89
C GLU D 361 -37.97 -5.82 -14.46
N MET D 362 -38.06 -5.58 -13.13
CA MET D 362 -38.57 -4.34 -12.58
C MET D 362 -37.86 -3.10 -13.14
N LEU D 363 -36.63 -3.25 -13.64
CA LEU D 363 -35.85 -2.12 -14.13
C LEU D 363 -35.72 -2.06 -15.65
N ASN D 364 -36.06 -3.13 -16.36
CA ASN D 364 -35.97 -3.20 -17.82
C ASN D 364 -34.51 -3.37 -18.26
N THR D 365 -33.84 -4.34 -17.67
CA THR D 365 -32.47 -4.66 -18.06
C THR D 365 -32.26 -6.15 -17.86
N ILE D 366 -31.01 -6.60 -17.97
CA ILE D 366 -30.68 -8.01 -17.82
C ILE D 366 -29.89 -8.21 -16.52
N ASN D 367 -29.77 -9.47 -16.11
CA ASN D 367 -29.08 -9.78 -14.85
C ASN D 367 -27.58 -9.41 -14.92
N TYR D 368 -26.97 -9.50 -16.11
CA TYR D 368 -25.55 -9.14 -16.30
C TYR D 368 -25.22 -7.78 -15.69
N GLU D 369 -26.06 -6.77 -15.93
CA GLU D 369 -25.78 -5.42 -15.45
C GLU D 369 -26.13 -5.21 -13.97
N VAL D 370 -27.10 -5.95 -13.42
CA VAL D 370 -27.44 -5.75 -11.99
C VAL D 370 -26.29 -6.17 -11.07
N VAL D 371 -25.57 -7.23 -11.42
CA VAL D 371 -24.46 -7.71 -10.58
C VAL D 371 -23.13 -7.02 -10.92
N SER D 372 -22.86 -6.75 -12.21
CA SER D 372 -21.55 -6.21 -12.57
C SER D 372 -21.40 -4.74 -12.18
N THR D 373 -22.47 -4.07 -11.77
CA THR D 373 -22.39 -2.68 -11.34
C THR D 373 -22.49 -2.51 -9.82
N LEU D 374 -22.24 -3.57 -9.04
CA LEU D 374 -22.22 -3.41 -7.58
C LEU D 374 -20.89 -2.80 -7.17
N SER D 375 -20.94 -1.74 -6.37
CA SER D 375 -19.77 -0.91 -6.16
C SER D 375 -18.70 -1.61 -5.30
N ARG D 376 -17.45 -1.24 -5.56
CA ARG D 376 -16.30 -1.79 -4.85
C ARG D 376 -16.21 -1.31 -3.41
N ARG D 377 -16.94 -0.26 -3.01
CA ARG D 377 -16.97 0.15 -1.62
C ARG D 377 -17.79 -0.79 -0.72
N ILE D 378 -18.44 -1.83 -1.26
CA ILE D 378 -19.09 -2.85 -0.43
C ILE D 378 -18.13 -4.02 -0.23
N PRO D 379 -17.91 -4.44 1.01
CA PRO D 379 -17.02 -5.58 1.25
C PRO D 379 -17.64 -6.92 0.84
N ARG D 380 -16.77 -7.85 0.43
CA ARG D 380 -17.12 -9.17 -0.09
C ARG D 380 -16.58 -10.28 0.82
N PHE D 381 -17.45 -11.22 1.19
CA PHE D 381 -17.12 -12.39 2.00
C PHE D 381 -17.39 -13.66 1.20
N TYR D 382 -16.56 -14.68 1.42
CA TYR D 382 -16.59 -15.92 0.63
C TYR D 382 -16.84 -17.12 1.52
N ILE D 383 -17.74 -18.02 1.06
CA ILE D 383 -18.13 -19.22 1.78
C ILE D 383 -17.60 -20.46 1.05
N ARG D 384 -16.89 -21.32 1.76
CA ARG D 384 -16.38 -22.55 1.15
C ARG D 384 -16.48 -23.71 2.13
N ASP D 385 -17.06 -24.82 1.69
CA ASP D 385 -17.37 -25.95 2.57
C ASP D 385 -18.20 -25.50 3.77
N GLY D 386 -19.10 -24.53 3.55
CA GLY D 386 -20.01 -24.06 4.58
C GLY D 386 -19.46 -23.02 5.56
N GLU D 387 -18.16 -22.71 5.54
CA GLU D 387 -17.60 -21.71 6.43
C GLU D 387 -17.09 -20.46 5.69
N ILE D 388 -16.92 -19.39 6.46
CA ILE D 388 -16.71 -18.04 5.93
C ILE D 388 -15.23 -17.65 6.00
N PHE D 389 -14.84 -16.68 5.16
CA PHE D 389 -13.53 -15.99 5.17
C PHE D 389 -13.50 -14.89 4.11
N LYS D 390 -12.51 -14.01 4.21
CA LYS D 390 -12.33 -12.93 3.25
C LYS D 390 -10.89 -12.94 2.73
N1 PLP E . 14.06 7.17 29.68
C2 PLP E . 14.77 7.91 28.80
C2A PLP E . 14.78 9.45 28.89
C3 PLP E . 15.53 7.28 27.81
O3 PLP E . 16.30 8.02 26.88
C4 PLP E . 15.50 5.90 27.78
C4A PLP E . 16.31 5.17 26.72
C5 PLP E . 14.73 5.18 28.71
C6 PLP E . 14.02 5.86 29.68
C5A PLP E . 14.73 3.65 28.68
O4P PLP E . 16.07 3.39 28.99
P PLP E . 16.56 1.90 29.43
O1P PLP E . 18.00 1.98 29.91
O2P PLP E . 16.47 1.04 28.20
O3P PLP E . 15.64 1.42 30.51
CL CL F . 17.69 14.03 27.86
N ALA G . 21.57 5.02 24.80
CA ALA G . 20.10 4.88 24.76
C ALA G . 19.47 6.22 24.53
O ALA G . 19.87 6.96 23.64
CB ALA G . 19.55 4.26 26.07
OXT ALA G . 18.51 6.61 25.18
N1 PLP H . 28.30 -10.27 -8.66
C2 PLP H . 28.24 -10.93 -7.49
C2A PLP H . 28.14 -12.46 -7.47
C3 PLP H . 28.26 -10.23 -6.29
O3 PLP H . 28.20 -10.95 -5.07
C4 PLP H . 28.36 -8.85 -6.31
C4A PLP H . 28.40 -8.07 -4.98
C5 PLP H . 28.44 -8.20 -7.55
C6 PLP H . 28.41 -8.95 -8.71
C5A PLP H . 28.58 -6.67 -7.63
O4P PLP H . 29.83 -6.45 -7.05
P PLP H . 30.64 -5.01 -7.04
O1P PLP H . 31.97 -5.38 -6.48
O2P PLP H . 29.96 -3.96 -6.20
O3P PLP H . 30.73 -4.49 -8.45
CL CL I . 28.87 -17.07 -5.70
N1 PLP J . -25.76 17.54 4.53
C2 PLP J . -26.22 16.28 4.55
C2A PLP J . -26.86 15.69 5.83
C3 PLP J . -26.11 15.50 3.40
O3 PLP J . -26.58 14.18 3.35
C4 PLP J . -25.53 16.08 2.29
C4A PLP J . -25.40 15.25 1.02
C5 PLP J . -25.07 17.39 2.29
C6 PLP J . -25.22 18.11 3.46
C5A PLP J . -24.45 18.01 1.03
O4P PLP J . -25.56 18.20 0.19
P PLP J . -25.53 18.83 -1.36
O1P PLP J . -24.63 18.04 -2.29
O2P PLP J . -25.00 20.23 -1.33
O3P PLP J . -26.95 18.75 -1.84
N ALA K . -19.65 -11.05 -22.76
CA ALA K . -20.92 -10.34 -23.03
C ALA K . -20.74 -8.83 -23.17
O ALA K . -21.71 -8.06 -23.01
CB ALA K . -21.94 -10.64 -21.96
OXT ALA K . -19.62 -8.38 -23.42
CL CL L . -30.51 12.85 8.12
N ALA M . -27.72 15.07 -1.10
CA ALA M . -27.49 13.70 -1.54
C ALA M . -27.96 12.68 -0.50
O ALA M . -27.88 12.85 0.72
CB ALA M . -26.01 13.49 -1.84
OXT ALA M . -28.48 11.64 -0.91
N1 PLP N . -16.89 -14.87 -25.09
C2 PLP N . -16.85 -13.57 -25.40
C2A PLP N . -16.15 -13.14 -26.72
C3 PLP N . -17.44 -12.62 -24.54
O3 PLP N . -17.44 -11.23 -24.83
C4 PLP N . -18.05 -13.08 -23.38
C4A PLP N . -18.71 -12.08 -22.44
C5 PLP N . -18.06 -14.46 -23.12
C6 PLP N . -17.47 -15.34 -24.00
C5A PLP N . -18.75 -15.02 -21.87
O4P PLP N . -20.10 -14.85 -22.21
P PLP N . -21.35 -15.48 -21.35
O1P PLP N . -21.18 -16.98 -21.25
O2P PLP N . -21.39 -14.84 -19.98
O3P PLP N . -22.66 -15.14 -22.04
CL CL O . -15.89 -9.60 -30.65
#